data_3BKN
#
_entry.id   3BKN
#
_cell.length_a   181.523
_cell.length_b   151.520
_cell.length_c   116.715
_cell.angle_alpha   90.00
_cell.angle_beta   128.08
_cell.angle_gamma   90.00
#
_symmetry.space_group_name_H-M   'C 1 2 1'
#
loop_
_entity.id
_entity.type
_entity.pdbx_description
1 polymer Bacterioferritin
2 non-polymer 'ZINC ION'
3 non-polymer 'MAGNESIUM ION'
4 non-polymer 'PROTOPORPHYRIN IX CONTAINING FE'
5 non-polymer '4-(2-HYDROXYETHYL)-1-PIPERAZINE ETHANESULFONIC ACID'
6 water water
#
_entity_poly.entity_id   1
_entity_poly.type   'polypeptide(L)'
_entity_poly.pdbx_seq_one_letter_code
;MQGDPDVLKLLNEQLTSELTAINQYFLHSKMQDNWGFTELAEHTRAESFEEMRHAETITDRILLLDGLPNYQRLFSLRVG
QTLREQFEADLAIEYEVLERLKPGIVLCREKQDATSARLLEQILADEETHIDYLETQLQLMDKLGDALYAAQCVSRPPGS
A
;
_entity_poly.pdbx_strand_id   A,B,C,D,E,F,G,H,I,J,K,L
#
# COMPACT_ATOMS: atom_id res chain seq x y z
N MET A 1 53.26 0.12 -10.37
CA MET A 1 53.42 1.15 -11.43
C MET A 1 53.86 2.44 -10.80
N GLN A 2 54.53 3.28 -11.56
CA GLN A 2 54.87 4.58 -11.02
C GLN A 2 53.94 5.61 -11.60
N GLY A 3 53.24 6.31 -10.75
CA GLY A 3 52.36 7.35 -11.24
C GLY A 3 53.15 8.58 -11.60
N ASP A 4 52.58 9.39 -12.47
CA ASP A 4 53.09 10.70 -12.69
C ASP A 4 53.11 11.55 -11.40
N PRO A 5 54.27 12.16 -11.08
CA PRO A 5 54.33 12.90 -9.80
C PRO A 5 53.30 14.06 -9.64
N ASP A 6 52.89 14.72 -10.74
CA ASP A 6 51.90 15.80 -10.68
C ASP A 6 50.49 15.28 -10.41
N VAL A 7 50.16 14.15 -10.98
CA VAL A 7 48.92 13.45 -10.69
C VAL A 7 48.85 13.02 -9.23
N LEU A 8 49.96 12.53 -8.67
CA LEU A 8 49.94 12.06 -7.28
C LEU A 8 49.85 13.24 -6.32
N LYS A 9 50.51 14.37 -6.65
CA LYS A 9 50.28 15.61 -5.92
C LYS A 9 48.81 15.95 -5.90
N LEU A 10 48.15 15.86 -7.05
CA LEU A 10 46.74 16.20 -7.15
C LEU A 10 45.86 15.24 -6.34
N LEU A 11 46.05 13.93 -6.54
CA LEU A 11 45.34 12.95 -5.75
C LEU A 11 45.50 13.16 -4.24
N ASN A 12 46.70 13.45 -3.82
CA ASN A 12 46.92 13.80 -2.44
C ASN A 12 46.24 15.06 -1.95
N GLU A 13 46.21 16.12 -2.76
CA GLU A 13 45.48 17.32 -2.34
C GLU A 13 44.01 16.94 -2.21
N GLN A 14 43.45 16.21 -3.17
CA GLN A 14 42.06 15.80 -3.09
C GLN A 14 41.79 14.94 -1.85
N LEU A 15 42.72 14.02 -1.56
CA LEU A 15 42.63 13.21 -0.35
C LEU A 15 42.50 14.08 0.88
N THR A 16 43.29 15.16 0.97
CA THR A 16 43.22 16.01 2.12
C THR A 16 41.85 16.61 2.22
N SER A 17 41.31 17.05 1.08
CA SER A 17 39.92 17.58 1.05
C SER A 17 38.87 16.57 1.54
N GLU A 18 38.94 15.32 1.08
CA GLU A 18 38.02 14.31 1.61
C GLU A 18 38.21 14.07 3.12
N LEU A 19 39.44 14.02 3.59
CA LEU A 19 39.58 13.70 4.98
C LEU A 19 39.01 14.82 5.78
N THR A 20 39.07 16.04 5.24
CA THR A 20 38.54 17.20 5.94
C THR A 20 37.05 17.19 5.86
N ALA A 21 36.50 16.88 4.68
CA ALA A 21 35.04 16.74 4.57
C ALA A 21 34.48 15.63 5.50
N ILE A 22 35.17 14.50 5.66
CA ILE A 22 34.64 13.47 6.56
C ILE A 22 34.38 14.09 7.94
N ASN A 23 35.39 14.77 8.49
CA ASN A 23 35.32 15.31 9.81
C ASN A 23 34.26 16.42 9.86
N GLN A 24 34.20 17.27 8.83
CA GLN A 24 33.28 18.39 8.89
C GLN A 24 31.85 17.92 8.91
N TYR A 25 31.50 17.07 7.93
CA TYR A 25 30.17 16.45 7.87
C TYR A 25 29.85 15.63 9.10
N PHE A 26 30.76 14.75 9.51
CA PHE A 26 30.43 13.89 10.62
C PHE A 26 30.07 14.69 11.83
N LEU A 27 30.88 15.69 12.15
CA LEU A 27 30.64 16.57 13.32
C LEU A 27 29.35 17.37 13.12
N HIS A 28 29.09 17.88 11.92
CA HIS A 28 27.83 18.57 11.69
C HIS A 28 26.64 17.65 12.00
N SER A 29 26.71 16.41 11.53
CA SER A 29 25.57 15.50 11.70
C SER A 29 25.36 15.25 13.21
N LYS A 30 26.44 15.06 13.97
CA LYS A 30 26.34 14.86 15.44
C LYS A 30 25.76 16.06 16.13
N MET A 31 26.19 17.27 15.72
CA MET A 31 25.66 18.51 16.25
C MET A 31 24.19 18.68 15.92
N GLN A 32 23.84 18.37 14.68
CA GLN A 32 22.47 18.38 14.25
C GLN A 32 21.59 17.43 15.08
N ASP A 33 22.08 16.22 15.34
CA ASP A 33 21.37 15.30 16.26
C ASP A 33 21.15 15.90 17.65
N ASN A 34 22.21 16.47 18.23
CA ASN A 34 22.12 17.10 19.55
C ASN A 34 21.20 18.29 19.66
N TRP A 35 20.92 18.94 18.54
CA TRP A 35 20.03 20.06 18.49
C TRP A 35 18.63 19.59 18.30
N GLY A 36 18.46 18.30 18.01
CA GLY A 36 17.14 17.74 17.80
C GLY A 36 16.72 17.56 16.35
N PHE A 37 17.55 18.00 15.41
CA PHE A 37 17.24 17.84 14.00
C PHE A 37 17.70 16.47 13.55
N THR A 38 17.02 15.46 14.06
CA THR A 38 17.48 14.13 13.88
C THR A 38 17.25 13.67 12.45
N GLU A 39 16.13 14.07 11.84
CA GLU A 39 15.92 13.71 10.43
C GLU A 39 17.03 14.28 9.49
N LEU A 40 17.35 15.56 9.67
CA LEU A 40 18.40 16.17 8.93
C LEU A 40 19.76 15.49 9.25
N ALA A 41 19.96 15.09 10.51
CA ALA A 41 21.24 14.50 10.88
C ALA A 41 21.56 13.22 10.14
N GLU A 42 20.53 12.41 9.85
CA GLU A 42 20.65 11.15 9.09
C GLU A 42 21.23 11.48 7.68
N HIS A 43 20.75 12.55 7.05
CA HIS A 43 21.24 12.93 5.75
C HIS A 43 22.69 13.40 5.79
N THR A 44 23.04 14.24 6.77
CA THR A 44 24.39 14.74 6.89
C THR A 44 25.38 13.58 7.17
N ARG A 45 24.95 12.63 8.00
CA ARG A 45 25.79 11.49 8.33
C ARG A 45 26.07 10.74 7.04
N ALA A 46 25.06 10.50 6.23
CA ALA A 46 25.28 9.80 4.95
C ALA A 46 26.27 10.55 4.08
N GLU A 47 26.18 11.88 4.02
CA GLU A 47 27.18 12.64 3.28
CA GLU A 47 27.19 12.69 3.30
C GLU A 47 28.61 12.37 3.78
N SER A 48 28.77 12.28 5.09
CA SER A 48 30.02 11.89 5.72
C SER A 48 30.55 10.53 5.20
N PHE A 49 29.68 9.51 5.11
CA PHE A 49 30.12 8.20 4.65
C PHE A 49 30.54 8.23 3.18
N GLU A 50 29.86 9.04 2.39
CA GLU A 50 30.23 9.21 1.01
C GLU A 50 31.62 9.80 0.91
N GLU A 51 31.98 10.71 1.82
CA GLU A 51 33.33 11.22 1.84
C GLU A 51 34.30 10.17 2.26
N MET A 52 33.95 9.36 3.26
CA MET A 52 34.80 8.24 3.65
C MET A 52 35.11 7.33 2.45
N ARG A 53 34.09 7.03 1.64
CA ARG A 53 34.31 6.24 0.44
C ARG A 53 35.25 6.94 -0.56
N HIS A 54 35.08 8.25 -0.77
CA HIS A 54 35.98 9.01 -1.61
C HIS A 54 37.46 8.90 -1.16
N ALA A 55 37.68 9.13 0.13
CA ALA A 55 39.00 8.97 0.70
C ALA A 55 39.55 7.58 0.38
N GLU A 56 38.73 6.53 0.50
CA GLU A 56 39.26 5.20 0.32
C GLU A 56 39.63 4.95 -1.16
N THR A 57 38.74 5.28 -2.08
CA THR A 57 39.03 5.20 -3.52
C THR A 57 40.34 5.93 -3.90
N ILE A 58 40.49 7.17 -3.48
CA ILE A 58 41.71 7.92 -3.74
C ILE A 58 42.95 7.22 -3.13
N THR A 59 42.85 6.76 -1.89
CA THR A 59 43.97 6.06 -1.25
C THR A 59 44.42 4.87 -2.11
N ASP A 60 43.49 4.01 -2.52
CA ASP A 60 43.78 2.87 -3.39
C ASP A 60 44.57 3.25 -4.64
N ARG A 61 44.09 4.27 -5.34
CA ARG A 61 44.74 4.77 -6.51
C ARG A 61 46.17 5.28 -6.20
N ILE A 62 46.33 6.09 -5.15
CA ILE A 62 47.64 6.56 -4.75
C ILE A 62 48.55 5.35 -4.55
N LEU A 63 48.04 4.32 -3.88
CA LEU A 63 48.86 3.15 -3.58
C LEU A 63 49.23 2.36 -4.83
N LEU A 64 48.27 2.15 -5.69
CA LEU A 64 48.50 1.49 -6.95
C LEU A 64 49.56 2.24 -7.79
N LEU A 65 49.63 3.56 -7.67
CA LEU A 65 50.61 4.34 -8.43
C LEU A 65 51.91 4.54 -7.63
N ASP A 66 52.08 3.75 -6.57
CA ASP A 66 53.25 3.74 -5.67
C ASP A 66 53.52 5.04 -5.02
N GLY A 67 52.48 5.79 -4.71
CA GLY A 67 52.59 7.07 -4.00
C GLY A 67 52.38 6.84 -2.53
N LEU A 68 52.47 7.93 -1.77
CA LEU A 68 52.26 7.89 -0.33
C LEU A 68 51.00 8.68 0.03
N PRO A 69 49.93 7.96 0.40
CA PRO A 69 48.73 8.66 0.79
C PRO A 69 49.00 9.47 2.07
N ASN A 70 48.63 10.75 2.02
CA ASN A 70 48.82 11.63 3.18
C ASN A 70 47.61 11.59 4.11
N TYR A 71 47.74 10.85 5.21
CA TYR A 71 46.69 10.76 6.22
C TYR A 71 46.94 11.70 7.38
N GLN A 72 47.96 12.55 7.28
CA GLN A 72 48.32 13.37 8.43
C GLN A 72 47.65 14.73 8.39
N ARG A 73 47.47 15.27 7.17
CA ARG A 73 47.16 16.68 6.98
C ARG A 73 45.67 16.82 6.92
N LEU A 74 45.13 17.84 7.61
CA LEU A 74 43.71 18.29 7.46
C LEU A 74 43.66 19.77 7.10
N PHE A 75 42.64 20.20 6.35
CA PHE A 75 42.44 21.64 6.14
C PHE A 75 41.69 22.18 7.33
N SER A 76 41.37 23.46 7.33
CA SER A 76 40.61 24.06 8.44
C SER A 76 39.16 23.66 8.46
N LEU A 77 38.69 23.06 9.53
CA LEU A 77 37.27 22.79 9.66
C LEU A 77 36.49 24.08 9.82
N ARG A 78 35.37 24.20 9.15
CA ARG A 78 34.41 25.27 9.43
C ARG A 78 33.26 24.62 10.14
N VAL A 79 33.15 24.93 11.42
CA VAL A 79 32.16 24.28 12.27
C VAL A 79 31.04 25.29 12.43
N GLY A 80 29.92 25.11 11.75
CA GLY A 80 28.85 26.11 11.87
C GLY A 80 28.10 26.03 13.20
N GLN A 81 27.60 27.15 13.70
CA GLN A 81 26.79 27.11 14.92
C GLN A 81 25.28 27.21 14.67
N THR A 82 24.84 27.14 13.41
CA THR A 82 23.40 27.12 13.03
C THR A 82 23.25 26.21 11.80
N LEU A 83 22.03 25.79 11.49
CA LEU A 83 21.84 24.97 10.29
C LEU A 83 22.31 25.68 9.02
N ARG A 84 21.92 26.94 8.86
CA ARG A 84 22.32 27.76 7.68
C ARG A 84 23.84 27.83 7.59
N GLU A 85 24.51 28.13 8.70
CA GLU A 85 25.97 28.18 8.72
C GLU A 85 26.62 26.84 8.34
N GLN A 86 26.05 25.73 8.81
CA GLN A 86 26.51 24.39 8.45
C GLN A 86 26.44 24.11 6.96
N PHE A 87 25.29 24.37 6.33
CA PHE A 87 25.14 24.24 4.91
C PHE A 87 26.16 25.11 4.17
N GLU A 88 26.36 26.34 4.64
CA GLU A 88 27.34 27.21 4.01
C GLU A 88 28.75 26.72 4.20
N ALA A 89 29.05 26.20 5.37
CA ALA A 89 30.36 25.65 5.65
C ALA A 89 30.70 24.44 4.74
N ASP A 90 29.73 23.52 4.58
CA ASP A 90 29.90 22.34 3.72
C ASP A 90 29.90 22.72 2.23
N LEU A 91 29.08 23.70 1.87
CA LEU A 91 29.12 24.20 0.50
C LEU A 91 30.48 24.82 0.21
N ALA A 92 31.09 25.49 1.19
CA ALA A 92 32.37 26.09 0.95
C ALA A 92 33.45 25.06 0.57
N ILE A 93 33.50 23.91 1.24
CA ILE A 93 34.47 22.90 0.81
C ILE A 93 34.12 22.14 -0.48
N GLU A 94 32.84 21.98 -0.78
CA GLU A 94 32.50 21.35 -2.04
C GLU A 94 32.94 22.22 -3.19
N TYR A 95 32.80 23.55 -3.05
CA TYR A 95 33.28 24.48 -4.08
C TYR A 95 34.77 24.44 -4.24
N GLU A 96 35.52 24.25 -3.14
CA GLU A 96 36.97 24.11 -3.28
C GLU A 96 37.32 22.86 -4.05
N VAL A 97 36.53 21.80 -3.87
CA VAL A 97 36.76 20.59 -4.63
C VAL A 97 36.57 20.83 -6.13
N LEU A 98 35.49 21.48 -6.54
CA LEU A 98 35.36 21.92 -7.93
C LEU A 98 36.56 22.72 -8.44
N GLU A 99 37.00 23.74 -7.74
CA GLU A 99 38.12 24.56 -8.20
C GLU A 99 39.35 23.68 -8.49
N ARG A 100 39.57 22.66 -7.67
CA ARG A 100 40.72 21.78 -7.80
C ARG A 100 40.52 20.73 -8.90
N LEU A 101 39.39 20.05 -8.92
CA LEU A 101 39.14 18.97 -9.89
C LEU A 101 38.85 19.36 -11.34
N LYS A 102 38.29 20.55 -11.52
CA LYS A 102 37.99 20.99 -12.85
C LYS A 102 39.26 21.07 -13.71
N PRO A 103 40.29 21.84 -13.27
CA PRO A 103 41.58 21.72 -14.00
C PRO A 103 42.32 20.39 -13.72
N GLY A 104 42.13 19.78 -12.55
CA GLY A 104 42.72 18.47 -12.23
C GLY A 104 42.48 17.39 -13.25
N ILE A 105 41.23 17.25 -13.65
CA ILE A 105 40.84 16.23 -14.61
C ILE A 105 41.55 16.47 -15.94
N VAL A 106 41.54 17.72 -16.39
CA VAL A 106 42.26 18.08 -17.61
C VAL A 106 43.73 17.77 -17.47
N LEU A 107 44.30 18.01 -16.30
CA LEU A 107 45.72 17.70 -16.09
C LEU A 107 46.04 16.21 -16.17
N CYS A 108 45.25 15.37 -15.50
CA CYS A 108 45.41 13.93 -15.63
C CYS A 108 45.38 13.43 -17.06
N ARG A 109 44.48 13.93 -17.88
CA ARG A 109 44.33 13.46 -19.23
C ARG A 109 45.47 13.93 -20.11
N GLU A 110 46.03 15.11 -19.82
CA GLU A 110 47.20 15.64 -20.54
C GLU A 110 48.39 14.74 -20.18
N LYS A 111 48.49 14.39 -18.92
CA LYS A 111 49.48 13.48 -18.41
C LYS A 111 49.28 12.07 -18.90
N GLN A 112 48.19 11.85 -19.62
CA GLN A 112 47.88 10.51 -20.17
C GLN A 112 47.55 9.46 -19.10
N ASP A 113 47.06 9.92 -17.95
CA ASP A 113 46.55 9.05 -16.92
C ASP A 113 45.00 9.10 -16.88
N ALA A 114 44.38 8.48 -17.87
CA ALA A 114 42.91 8.46 -18.00
C ALA A 114 42.21 7.77 -16.84
N THR A 115 42.82 6.74 -16.26
CA THR A 115 42.20 6.04 -15.14
C THR A 115 42.05 7.00 -13.94
N SER A 116 43.13 7.71 -13.59
CA SER A 116 43.04 8.69 -12.53
C SER A 116 42.01 9.76 -12.86
N ALA A 117 41.92 10.13 -14.14
CA ALA A 117 41.04 11.21 -14.54
C ALA A 117 39.61 10.76 -14.35
N ARG A 118 39.32 9.52 -14.73
CA ARG A 118 37.99 8.94 -14.57
C ARG A 118 37.62 8.80 -13.11
N LEU A 119 38.58 8.43 -12.28
CA LEU A 119 38.33 8.37 -10.87
C LEU A 119 37.90 9.78 -10.35
N LEU A 120 38.63 10.80 -10.76
CA LEU A 120 38.28 12.13 -10.33
C LEU A 120 36.99 12.66 -10.97
N GLU A 121 36.70 12.23 -12.17
CA GLU A 121 35.45 12.60 -12.82
C GLU A 121 34.28 12.08 -12.03
N GLN A 122 34.38 10.83 -11.53
CA GLN A 122 33.34 10.25 -10.65
C GLN A 122 33.20 11.04 -9.34
N ILE A 123 34.31 11.40 -8.71
CA ILE A 123 34.24 12.17 -7.53
C ILE A 123 33.57 13.53 -7.81
N LEU A 124 34.00 14.20 -8.87
CA LEU A 124 33.44 15.50 -9.24
C LEU A 124 31.93 15.44 -9.37
N ALA A 125 31.44 14.44 -10.08
CA ALA A 125 29.99 14.29 -10.23
C ALA A 125 29.30 14.15 -8.85
N ASP A 126 29.82 13.27 -7.98
CA ASP A 126 29.29 13.16 -6.63
C ASP A 126 29.33 14.54 -5.93
N GLU A 127 30.44 15.25 -5.98
CA GLU A 127 30.44 16.55 -5.29
C GLU A 127 29.50 17.57 -5.89
N GLU A 128 29.24 17.51 -7.19
CA GLU A 128 28.30 18.46 -7.82
C GLU A 128 26.92 18.15 -7.28
N THR A 129 26.62 16.90 -7.04
CA THR A 129 25.36 16.54 -6.44
C THR A 129 25.20 17.06 -4.98
N HIS A 130 26.28 17.01 -4.19
CA HIS A 130 26.26 17.56 -2.85
C HIS A 130 26.02 19.05 -2.96
N ILE A 131 26.69 19.72 -3.88
CA ILE A 131 26.48 21.16 -4.07
C ILE A 131 25.05 21.47 -4.40
N ASP A 132 24.45 20.71 -5.30
CA ASP A 132 23.06 20.89 -5.65
C ASP A 132 22.16 20.75 -4.42
N TYR A 133 22.37 19.70 -3.62
CA TYR A 133 21.56 19.50 -2.43
C TYR A 133 21.68 20.71 -1.49
N LEU A 134 22.92 21.14 -1.24
CA LEU A 134 23.24 22.21 -0.30
C LEU A 134 22.67 23.52 -0.73
N GLU A 135 22.80 23.84 -2.02
CA GLU A 135 22.29 25.08 -2.54
C GLU A 135 20.78 25.12 -2.50
N THR A 136 20.15 23.96 -2.72
CA THR A 136 18.70 23.84 -2.68
C THR A 136 18.23 24.05 -1.24
N GLN A 137 18.91 23.46 -0.25
CA GLN A 137 18.52 23.69 1.15
C GLN A 137 18.57 25.18 1.54
N LEU A 138 19.63 25.88 1.14
CA LEU A 138 19.77 27.30 1.44
C LEU A 138 18.66 28.11 0.85
N GLN A 139 18.28 27.76 -0.37
CA GLN A 139 17.17 28.44 -0.99
C GLN A 139 15.84 28.11 -0.31
N LEU A 140 15.67 26.83 0.07
CA LEU A 140 14.50 26.40 0.79
C LEU A 140 14.33 27.17 2.06
N MET A 141 15.40 27.32 2.85
CA MET A 141 15.34 28.17 4.05
C MET A 141 14.82 29.60 3.74
N ASP A 142 15.26 30.18 2.63
CA ASP A 142 14.79 31.49 2.25
C ASP A 142 13.30 31.47 1.89
N LYS A 143 12.81 30.43 1.22
CA LYS A 143 11.39 30.33 0.87
C LYS A 143 10.49 29.98 2.03
N LEU A 144 10.91 29.03 2.86
CA LEU A 144 10.06 28.64 3.98
C LEU A 144 10.27 29.49 5.25
N GLY A 145 11.47 30.03 5.43
CA GLY A 145 11.81 30.74 6.66
C GLY A 145 12.57 29.76 7.47
N ASP A 146 13.48 30.23 8.32
CA ASP A 146 14.32 29.38 9.16
C ASP A 146 13.58 28.41 10.08
N ALA A 147 12.65 28.91 10.88
CA ALA A 147 11.89 28.04 11.79
C ALA A 147 11.11 26.96 11.01
N LEU A 148 10.35 27.36 10.00
CA LEU A 148 9.53 26.40 9.25
C LEU A 148 10.39 25.33 8.57
N TYR A 149 11.54 25.71 8.04
CA TYR A 149 12.42 24.77 7.41
C TYR A 149 12.93 23.77 8.46
N ALA A 150 13.41 24.33 9.56
CA ALA A 150 13.90 23.59 10.69
C ALA A 150 12.87 22.54 11.17
N ALA A 151 11.58 22.93 11.27
CA ALA A 151 10.49 21.99 11.59
C ALA A 151 10.43 20.75 10.65
N GLN A 152 11.00 20.83 9.46
CA GLN A 152 10.97 19.68 8.57
C GLN A 152 12.17 18.77 8.82
N CYS A 153 12.99 19.12 9.80
CA CYS A 153 14.19 18.39 10.07
C CYS A 153 14.09 17.59 11.37
N VAL A 154 12.95 17.70 12.06
CA VAL A 154 12.74 16.98 13.31
C VAL A 154 11.72 15.89 13.04
N SER A 155 11.66 14.89 13.92
CA SER A 155 10.65 13.85 13.76
C SER A 155 9.33 14.20 14.46
N ARG A 156 8.31 13.37 14.27
CA ARG A 156 7.06 13.50 14.98
C ARG A 156 6.88 12.36 16.02
N PRO A 157 7.03 12.65 17.31
CA PRO A 157 7.38 13.89 18.01
C PRO A 157 8.91 14.12 17.98
N PRO A 158 9.39 15.36 18.18
CA PRO A 158 10.85 15.55 18.06
C PRO A 158 11.68 14.67 19.02
N GLY A 159 12.73 14.06 18.50
CA GLY A 159 13.61 13.25 19.33
C GLY A 159 14.84 14.05 19.74
N SER A 160 15.95 13.34 19.95
CA SER A 160 17.18 13.91 20.50
C SER A 160 18.33 13.01 20.05
N ALA A 161 19.58 13.25 20.47
CA ALA A 161 20.69 12.26 20.30
C ALA A 161 20.45 10.92 21.08
N MET B 1 23.36 19.53 29.82
CA MET B 1 24.10 19.40 31.10
C MET B 1 25.48 19.98 30.91
N GLN B 2 26.07 20.50 31.97
CA GLN B 2 27.40 21.05 31.83
C GLN B 2 28.36 20.04 32.39
N GLY B 3 29.30 19.59 31.58
CA GLY B 3 30.24 18.60 32.04
C GLY B 3 31.31 19.29 32.85
N ASP B 4 31.99 18.54 33.70
CA ASP B 4 33.18 19.01 34.38
C ASP B 4 34.30 19.36 33.39
N PRO B 5 34.98 20.50 33.58
CA PRO B 5 35.97 20.94 32.56
C PRO B 5 37.15 19.97 32.37
N ASP B 6 37.57 19.30 33.45
CA ASP B 6 38.70 18.35 33.41
C ASP B 6 38.32 17.02 32.74
N VAL B 7 37.09 16.58 32.96
CA VAL B 7 36.54 15.42 32.29
C VAL B 7 36.46 15.65 30.76
N LEU B 8 36.03 16.87 30.37
CA LEU B 8 35.92 17.25 28.94
C LEU B 8 37.28 17.38 28.29
N LYS B 9 38.26 17.83 29.05
CA LYS B 9 39.59 17.88 28.49
C LYS B 9 40.06 16.44 28.23
N LEU B 10 39.82 15.53 29.18
CA LEU B 10 40.22 14.17 29.05
C LEU B 10 39.49 13.46 27.89
N LEU B 11 38.17 13.62 27.78
CA LEU B 11 37.43 13.02 26.67
C LEU B 11 37.94 13.52 25.33
N ASN B 12 38.29 14.79 25.27
CA ASN B 12 38.84 15.37 24.06
C ASN B 12 40.18 14.81 23.72
N GLU B 13 41.00 14.57 24.72
CA GLU B 13 42.32 14.05 24.44
CA GLU B 13 42.33 14.04 24.48
C GLU B 13 42.17 12.59 23.95
N GLN B 14 41.27 11.86 24.56
CA GLN B 14 41.01 10.52 24.10
C GLN B 14 40.39 10.53 22.69
N LEU B 15 39.57 11.51 22.37
CA LEU B 15 39.04 11.69 21.00
C LEU B 15 40.14 11.86 19.96
N THR B 16 41.12 12.72 20.27
CA THR B 16 42.24 12.90 19.38
C THR B 16 42.90 11.56 19.14
N SER B 17 43.05 10.78 20.21
CA SER B 17 43.77 9.53 20.11
C SER B 17 43.01 8.57 19.17
N GLU B 18 41.68 8.51 19.33
CA GLU B 18 40.88 7.68 18.43
C GLU B 18 40.95 8.14 16.98
N LEU B 19 40.85 9.45 16.73
CA LEU B 19 40.93 9.93 15.35
C LEU B 19 42.29 9.54 14.74
N THR B 20 43.36 9.57 15.55
CA THR B 20 44.68 9.23 15.08
C THR B 20 44.71 7.76 14.78
N ALA B 21 44.23 6.93 15.71
CA ALA B 21 44.13 5.46 15.49
C ALA B 21 43.31 5.08 14.26
N ILE B 22 42.22 5.81 13.97
CA ILE B 22 41.45 5.51 12.78
C ILE B 22 42.39 5.59 11.54
N ASN B 23 43.07 6.73 11.38
CA ASN B 23 43.93 6.94 10.22
C ASN B 23 45.09 5.97 10.20
N GLN B 24 45.75 5.76 11.34
CA GLN B 24 46.86 4.85 11.34
C GLN B 24 46.47 3.44 10.95
N TYR B 25 45.40 2.91 11.52
CA TYR B 25 44.96 1.56 11.26
C TYR B 25 44.44 1.40 9.86
N PHE B 26 43.70 2.41 9.37
CA PHE B 26 43.06 2.31 8.06
C PHE B 26 44.15 2.25 7.01
N LEU B 27 45.14 3.16 7.14
CA LEU B 27 46.27 3.24 6.22
C LEU B 27 47.09 1.97 6.27
N HIS B 28 47.38 1.47 7.48
CA HIS B 28 48.06 0.17 7.61
C HIS B 28 47.33 -0.94 6.86
N SER B 29 46.02 -1.00 7.01
CA SER B 29 45.25 -2.03 6.33
C SER B 29 45.36 -1.89 4.78
N LYS B 30 45.25 -0.67 4.26
CA LYS B 30 45.42 -0.42 2.82
C LYS B 30 46.79 -0.80 2.33
N MET B 31 47.80 -0.56 3.17
CA MET B 31 49.17 -0.89 2.81
C MET B 31 49.32 -2.40 2.79
N GLN B 32 48.74 -3.05 3.79
CA GLN B 32 48.80 -4.48 3.88
C GLN B 32 48.11 -5.16 2.69
N ASP B 33 47.00 -4.59 2.27
CA ASP B 33 46.34 -5.07 1.08
C ASP B 33 47.22 -4.95 -0.18
N ASN B 34 47.86 -3.80 -0.37
CA ASN B 34 48.76 -3.58 -1.50
C ASN B 34 49.99 -4.45 -1.49
N TRP B 35 50.37 -4.97 -0.33
CA TRP B 35 51.52 -5.87 -0.26
C TRP B 35 51.12 -7.29 -0.54
N GLY B 36 49.83 -7.56 -0.61
CA GLY B 36 49.37 -8.91 -0.81
C GLY B 36 48.99 -9.63 0.47
N PHE B 37 49.15 -9.00 1.61
CA PHE B 37 48.70 -9.57 2.85
C PHE B 37 47.20 -9.27 3.09
N THR B 38 46.36 -9.78 2.21
CA THR B 38 44.98 -9.38 2.14
C THR B 38 44.19 -9.92 3.31
N GLU B 39 44.55 -11.13 3.81
CA GLU B 39 43.85 -11.72 4.97
C GLU B 39 44.15 -10.92 6.26
N LEU B 40 45.41 -10.53 6.45
CA LEU B 40 45.78 -9.63 7.52
C LEU B 40 45.05 -8.29 7.39
N ALA B 41 44.90 -7.80 6.15
CA ALA B 41 44.33 -6.48 5.91
C ALA B 41 42.93 -6.40 6.40
N GLU B 42 42.17 -7.49 6.29
CA GLU B 42 40.77 -7.50 6.72
C GLU B 42 40.70 -7.22 8.22
N HIS B 43 41.63 -7.80 8.98
CA HIS B 43 41.61 -7.66 10.41
C HIS B 43 41.97 -6.23 10.79
N THR B 44 43.01 -5.68 10.16
CA THR B 44 43.47 -4.33 10.46
C THR B 44 42.36 -3.33 10.09
N ARG B 45 41.64 -3.58 9.02
CA ARG B 45 40.57 -2.69 8.65
C ARG B 45 39.51 -2.73 9.73
N ALA B 46 39.16 -3.91 10.23
CA ALA B 46 38.20 -4.02 11.35
C ALA B 46 38.69 -3.19 12.55
N GLU B 47 39.96 -3.27 12.90
CA GLU B 47 40.42 -2.48 14.03
C GLU B 47 40.10 -0.99 13.73
N SER B 48 40.31 -0.61 12.48
CA SER B 48 40.01 0.74 12.04
C SER B 48 38.58 1.16 12.38
N PHE B 49 37.62 0.28 12.04
CA PHE B 49 36.21 0.53 12.29
C PHE B 49 35.86 0.56 13.78
N GLU B 50 36.55 -0.23 14.59
CA GLU B 50 36.36 -0.11 16.04
C GLU B 50 36.77 1.27 16.52
N GLU B 51 37.86 1.81 15.98
CA GLU B 51 38.25 3.12 16.43
C GLU B 51 37.25 4.17 15.93
N MET B 52 36.72 4.00 14.72
CA MET B 52 35.64 4.87 14.29
C MET B 52 34.50 4.87 15.33
N ARG B 53 34.12 3.69 15.82
CA ARG B 53 33.04 3.65 16.82
C ARG B 53 33.41 4.31 18.13
N HIS B 54 34.65 4.18 18.56
CA HIS B 54 35.08 4.88 19.75
C HIS B 54 35.01 6.39 19.58
N ALA B 55 35.45 6.88 18.42
CA ALA B 55 35.44 8.29 18.19
C ALA B 55 33.97 8.77 18.26
N GLU B 56 33.05 8.02 17.66
CA GLU B 56 31.64 8.37 17.70
C GLU B 56 31.08 8.41 19.15
N THR B 57 31.25 7.31 19.89
CA THR B 57 30.87 7.25 21.29
C THR B 57 31.42 8.44 22.11
N ILE B 58 32.70 8.76 21.96
CA ILE B 58 33.24 9.87 22.70
C ILE B 58 32.63 11.21 22.28
N THR B 59 32.39 11.39 20.97
CA THR B 59 31.85 12.63 20.44
C THR B 59 30.49 12.86 21.12
N ASP B 60 29.65 11.82 21.14
CA ASP B 60 28.30 11.93 21.74
C ASP B 60 28.32 12.44 23.17
N ARG B 61 29.17 11.80 23.96
CA ARG B 61 29.30 12.18 25.35
C ARG B 61 29.81 13.61 25.51
N ILE B 62 30.81 14.03 24.72
CA ILE B 62 31.25 15.42 24.73
C ILE B 62 30.06 16.35 24.45
N LEU B 63 29.23 16.01 23.49
CA LEU B 63 28.11 16.91 23.12
C LEU B 63 27.03 16.92 24.21
N LEU B 64 26.71 15.75 24.75
CA LEU B 64 25.74 15.65 25.86
C LEU B 64 26.22 16.52 27.04
N LEU B 65 27.53 16.64 27.20
CA LEU B 65 28.10 17.42 28.28
C LEU B 65 28.35 18.88 27.93
N ASP B 66 27.76 19.32 26.81
CA ASP B 66 27.93 20.68 26.24
C ASP B 66 29.36 21.09 25.95
N GLY B 67 30.23 20.14 25.66
CA GLY B 67 31.59 20.44 25.22
C GLY B 67 31.69 20.60 23.70
N LEU B 68 32.90 20.86 23.23
CA LEU B 68 33.18 20.99 21.80
C LEU B 68 34.12 19.87 21.40
N PRO B 69 33.60 18.86 20.67
CA PRO B 69 34.47 17.80 20.19
C PRO B 69 35.53 18.36 19.27
N ASN B 70 36.77 17.95 19.48
CA ASN B 70 37.88 18.46 18.69
C ASN B 70 38.10 17.52 17.52
N TYR B 71 37.61 17.89 16.35
CA TYR B 71 37.86 17.10 15.15
C TYR B 71 39.00 17.68 14.31
N GLN B 72 39.72 18.68 14.81
CA GLN B 72 40.76 19.32 14.02
C GLN B 72 42.16 18.69 14.25
N ARG B 73 42.42 18.23 15.48
CA ARG B 73 43.75 17.84 15.96
C ARG B 73 43.98 16.35 15.74
N LEU B 74 45.13 16.01 15.14
CA LEU B 74 45.66 14.64 15.10
C LEU B 74 46.99 14.56 15.82
N PHE B 75 47.32 13.41 16.37
CA PHE B 75 48.68 13.16 16.82
C PHE B 75 49.55 12.68 15.64
N SER B 76 50.83 12.44 15.88
CA SER B 76 51.67 11.92 14.83
C SER B 76 51.36 10.49 14.42
N LEU B 77 51.08 10.28 13.15
CA LEU B 77 50.94 8.94 12.67
C LEU B 77 52.29 8.27 12.63
N ARG B 78 52.34 7.00 13.03
CA ARG B 78 53.55 6.19 12.71
C ARG B 78 53.14 5.21 11.65
N VAL B 79 53.68 5.39 10.46
CA VAL B 79 53.33 4.54 9.33
C VAL B 79 54.47 3.54 9.20
N GLY B 80 54.24 2.28 9.52
CA GLY B 80 55.32 1.32 9.48
C GLY B 80 55.59 0.85 8.07
N GLN B 81 56.83 0.47 7.80
CA GLN B 81 57.22 0.07 6.45
C GLN B 81 57.25 -1.44 6.27
N THR B 82 56.99 -2.18 7.35
CA THR B 82 56.93 -3.67 7.32
C THR B 82 55.82 -4.12 8.29
N LEU B 83 55.38 -5.37 8.18
CA LEU B 83 54.38 -5.93 9.09
C LEU B 83 54.76 -5.74 10.55
N ARG B 84 55.96 -6.16 10.93
CA ARG B 84 56.42 -5.96 12.31
C ARG B 84 56.36 -4.50 12.77
N GLU B 85 56.83 -3.57 11.93
CA GLU B 85 56.78 -2.15 12.28
C GLU B 85 55.34 -1.64 12.41
N GLN B 86 54.44 -2.15 11.59
CA GLN B 86 53.04 -1.76 11.69
C GLN B 86 52.43 -2.20 13.02
N PHE B 87 52.65 -3.45 13.43
CA PHE B 87 52.20 -3.93 14.75
C PHE B 87 52.79 -3.11 15.88
N GLU B 88 54.08 -2.81 15.77
CA GLU B 88 54.71 -1.99 16.78
C GLU B 88 54.15 -0.57 16.81
N ALA B 89 53.90 0.03 15.64
CA ALA B 89 53.31 1.38 15.58
C ALA B 89 51.95 1.43 16.25
N ASP B 90 51.12 0.43 15.94
CA ASP B 90 49.76 0.43 16.49
C ASP B 90 49.77 0.05 17.97
N LEU B 91 50.68 -0.84 18.37
CA LEU B 91 50.88 -1.10 19.79
C LEU B 91 51.32 0.17 20.53
N ALA B 92 52.15 0.99 19.90
CA ALA B 92 52.63 2.19 20.57
C ALA B 92 51.47 3.11 20.87
N ILE B 93 50.45 3.23 20.00
CA ILE B 93 49.34 4.11 20.39
C ILE B 93 48.35 3.52 21.33
N GLU B 94 48.20 2.19 21.33
CA GLU B 94 47.30 1.55 22.30
C GLU B 94 47.87 1.70 23.70
N TYR B 95 49.20 1.64 23.82
CA TYR B 95 49.81 1.89 25.12
C TYR B 95 49.59 3.31 25.58
N GLU B 96 49.62 4.28 24.66
CA GLU B 96 49.37 5.67 25.05
C GLU B 96 47.95 5.82 25.56
N VAL B 97 47.02 5.08 24.96
CA VAL B 97 45.65 5.01 25.48
C VAL B 97 45.60 4.53 26.96
N LEU B 98 46.23 3.39 27.25
CA LEU B 98 46.32 2.94 28.64
C LEU B 98 46.86 3.99 29.58
N GLU B 99 47.99 4.62 29.23
CA GLU B 99 48.58 5.59 30.16
C GLU B 99 47.63 6.74 30.46
N ARG B 100 46.77 7.08 29.50
CA ARG B 100 45.83 8.20 29.70
C ARG B 100 44.59 7.75 30.49
N LEU B 101 43.99 6.64 30.06
CA LEU B 101 42.70 6.21 30.62
C LEU B 101 42.80 5.56 32.00
N LYS B 102 43.94 4.96 32.32
CA LYS B 102 44.11 4.36 33.64
C LYS B 102 43.88 5.41 34.72
N PRO B 103 44.69 6.52 34.74
CA PRO B 103 44.32 7.56 35.72
C PRO B 103 43.05 8.35 35.30
N GLY B 104 42.74 8.41 34.00
CA GLY B 104 41.52 9.10 33.55
C GLY B 104 40.21 8.58 34.19
N ILE B 105 40.08 7.26 34.22
CA ILE B 105 38.92 6.65 34.77
C ILE B 105 38.82 7.07 36.23
N VAL B 106 39.92 6.94 36.98
CA VAL B 106 39.92 7.35 38.38
C VAL B 106 39.55 8.83 38.53
N LEU B 107 40.02 9.68 37.60
CA LEU B 107 39.66 11.10 37.62
C LEU B 107 38.17 11.38 37.39
N CYS B 108 37.55 10.70 36.43
CA CYS B 108 36.09 10.82 36.27
C CYS B 108 35.31 10.46 37.52
N ARG B 109 35.66 9.35 38.17
CA ARG B 109 34.89 8.94 39.32
C ARG B 109 35.08 9.87 40.49
N GLU B 110 36.27 10.49 40.64
CA GLU B 110 36.51 11.53 41.70
C GLU B 110 35.69 12.79 41.40
N LYS B 111 35.57 13.13 40.11
CA LYS B 111 34.70 14.24 39.68
C LYS B 111 33.22 13.90 39.75
N GLN B 112 32.95 12.66 40.14
CA GLN B 112 31.56 12.16 40.28
C GLN B 112 30.82 12.05 38.95
N ASP B 113 31.57 11.81 37.87
CA ASP B 113 30.97 11.57 36.57
C ASP B 113 31.15 10.08 36.21
N ALA B 114 30.37 9.23 36.90
CA ALA B 114 30.44 7.81 36.69
C ALA B 114 30.10 7.41 35.24
N THR B 115 29.20 8.13 34.59
CA THR B 115 28.82 7.77 33.26
C THR B 115 30.03 7.90 32.32
N SER B 116 30.75 9.03 32.38
CA SER B 116 31.95 9.19 31.57
C SER B 116 33.01 8.13 31.88
N ALA B 117 33.14 7.79 33.16
CA ALA B 117 34.07 6.76 33.60
C ALA B 117 33.74 5.42 32.97
N ARG B 118 32.46 5.06 32.96
CA ARG B 118 32.04 3.81 32.44
C ARG B 118 32.27 3.78 30.96
N LEU B 119 31.99 4.88 30.27
CA LEU B 119 32.25 4.92 28.83
C LEU B 119 33.75 4.68 28.61
N LEU B 120 34.61 5.35 29.40
CA LEU B 120 36.04 5.13 29.26
C LEU B 120 36.51 3.74 29.70
N GLU B 121 35.83 3.14 30.67
CA GLU B 121 36.13 1.78 31.09
C GLU B 121 35.88 0.82 29.94
N GLN B 122 34.78 1.02 29.21
CA GLN B 122 34.51 0.25 27.99
C GLN B 122 35.57 0.38 26.88
N ILE B 123 35.96 1.63 26.56
CA ILE B 123 37.06 1.87 25.61
C ILE B 123 38.33 1.12 26.06
N LEU B 124 38.64 1.25 27.36
CA LEU B 124 39.86 0.68 27.89
C LEU B 124 39.91 -0.82 27.64
N ALA B 125 38.81 -1.50 27.94
CA ALA B 125 38.75 -2.94 27.75
C ALA B 125 38.90 -3.29 26.27
N ASP B 126 38.25 -2.54 25.36
CA ASP B 126 38.48 -2.72 23.92
C ASP B 126 39.96 -2.56 23.59
N GLU B 127 40.62 -1.50 24.08
CA GLU B 127 42.03 -1.31 23.74
C GLU B 127 42.93 -2.35 24.36
N GLU B 128 42.63 -2.86 25.55
CA GLU B 128 43.48 -3.91 26.11
C GLU B 128 43.44 -5.15 25.23
N THR B 129 42.26 -5.43 24.69
CA THR B 129 42.11 -6.51 23.72
C THR B 129 42.96 -6.32 22.46
N HIS B 130 42.94 -5.12 21.83
CA HIS B 130 43.85 -4.82 20.73
C HIS B 130 45.31 -5.05 21.15
N ILE B 131 45.73 -4.52 22.28
CA ILE B 131 47.08 -4.76 22.81
C ILE B 131 47.37 -6.26 22.86
N ASP B 132 46.44 -7.04 23.35
CA ASP B 132 46.61 -8.48 23.43
C ASP B 132 46.85 -9.09 22.06
N TYR B 133 45.99 -8.74 21.10
CA TYR B 133 46.19 -9.20 19.74
C TYR B 133 47.60 -8.85 19.18
N LEU B 134 47.95 -7.57 19.25
CA LEU B 134 49.20 -7.09 18.67
C LEU B 134 50.40 -7.73 19.34
N GLU B 135 50.43 -7.68 20.67
CA GLU B 135 51.46 -8.34 21.45
C GLU B 135 51.63 -9.80 21.03
N THR B 136 50.52 -10.44 20.70
CA THR B 136 50.52 -11.86 20.36
C THR B 136 51.09 -12.09 18.98
N GLN B 137 50.75 -11.21 18.05
CA GLN B 137 51.28 -11.28 16.69
C GLN B 137 52.81 -11.10 16.71
N LEU B 138 53.32 -10.14 17.47
CA LEU B 138 54.76 -9.93 17.52
C LEU B 138 55.50 -11.13 18.10
N GLN B 139 54.92 -11.79 19.10
CA GLN B 139 55.51 -13.04 19.60
C GLN B 139 55.41 -14.17 18.59
N LEU B 140 54.30 -14.24 17.85
CA LEU B 140 54.17 -15.27 16.80
C LEU B 140 55.21 -15.11 15.72
N MET B 141 55.44 -13.87 15.26
CA MET B 141 56.54 -13.62 14.28
C MET B 141 57.88 -14.18 14.80
N ASP B 142 58.17 -13.93 16.07
CA ASP B 142 59.38 -14.47 16.67
C ASP B 142 59.39 -16.00 16.63
N LYS B 143 58.26 -16.65 16.92
CA LYS B 143 58.20 -18.13 16.93
C LYS B 143 58.17 -18.73 15.53
N LEU B 144 57.45 -18.14 14.60
CA LEU B 144 57.39 -18.76 13.28
C LEU B 144 58.50 -18.27 12.35
N GLY B 145 59.00 -17.05 12.58
CA GLY B 145 59.87 -16.38 11.61
C GLY B 145 59.02 -15.43 10.80
N ASP B 146 59.59 -14.34 10.33
CA ASP B 146 58.87 -13.35 9.52
C ASP B 146 58.24 -13.89 8.21
N ALA B 147 59.01 -14.60 7.40
CA ALA B 147 58.50 -15.24 6.19
C ALA B 147 57.25 -16.14 6.43
N LEU B 148 57.39 -17.11 7.32
CA LEU B 148 56.33 -18.07 7.62
C LEU B 148 55.07 -17.39 8.23
N TYR B 149 55.29 -16.39 9.09
CA TYR B 149 54.18 -15.64 9.65
C TYR B 149 53.43 -14.94 8.51
N ALA B 150 54.20 -14.27 7.65
CA ALA B 150 53.63 -13.51 6.54
C ALA B 150 52.81 -14.43 5.64
N ALA B 151 53.29 -15.64 5.42
CA ALA B 151 52.54 -16.63 4.64
C ALA B 151 51.17 -16.98 5.22
N GLN B 152 50.95 -16.71 6.51
CA GLN B 152 49.64 -16.90 7.10
C GLN B 152 48.71 -15.69 6.87
N CYS B 153 49.20 -14.65 6.22
CA CYS B 153 48.42 -13.45 6.00
C CYS B 153 48.02 -13.25 4.54
N VAL B 154 48.36 -14.19 3.68
CA VAL B 154 47.94 -14.15 2.27
C VAL B 154 46.83 -15.16 2.04
N SER B 155 46.10 -15.02 0.95
CA SER B 155 45.11 -16.08 0.65
C SER B 155 45.74 -17.17 -0.24
N ARG B 156 44.99 -18.20 -0.58
CA ARG B 156 45.55 -19.22 -1.45
C ARG B 156 44.66 -19.25 -2.70
N PRO B 157 45.15 -18.76 -3.86
CA PRO B 157 46.46 -18.17 -4.18
C PRO B 157 46.52 -16.74 -3.64
N PRO B 158 47.71 -16.21 -3.41
CA PRO B 158 47.82 -14.83 -2.96
C PRO B 158 47.11 -13.85 -3.88
N GLY B 159 46.42 -12.86 -3.32
CA GLY B 159 45.67 -11.87 -4.10
C GLY B 159 46.28 -10.47 -4.00
N SER B 160 45.42 -9.43 -3.96
CA SER B 160 45.89 -8.03 -3.92
C SER B 160 44.81 -6.96 -3.88
N ALA B 161 45.16 -5.81 -3.29
CA ALA B 161 44.31 -4.59 -3.23
C ALA B 161 44.09 -3.94 -4.56
N MET C 1 -10.84 3.29 -42.26
CA MET C 1 -12.10 4.07 -42.37
C MET C 1 -11.75 5.51 -42.58
N GLN C 2 -12.65 6.26 -43.20
CA GLN C 2 -12.39 7.68 -43.38
C GLN C 2 -13.11 8.43 -42.29
N GLY C 3 -12.40 9.23 -41.52
CA GLY C 3 -13.05 10.01 -40.49
C GLY C 3 -13.61 11.26 -41.12
N ASP C 4 -14.63 11.82 -40.47
CA ASP C 4 -15.11 13.14 -40.80
C ASP C 4 -14.02 14.22 -40.70
N PRO C 5 -13.89 15.08 -41.72
CA PRO C 5 -12.78 16.03 -41.67
C PRO C 5 -12.85 17.07 -40.50
N ASP C 6 -14.04 17.42 -40.01
CA ASP C 6 -14.14 18.33 -38.86
C ASP C 6 -13.75 17.66 -37.53
N VAL C 7 -14.12 16.38 -37.40
CA VAL C 7 -13.73 15.59 -36.26
C VAL C 7 -12.22 15.44 -36.22
N LEU C 8 -11.59 15.21 -37.36
CA LEU C 8 -10.14 15.06 -37.40
C LEU C 8 -9.44 16.36 -37.07
N LYS C 9 -9.96 17.48 -37.55
CA LYS C 9 -9.40 18.78 -37.22
C LYS C 9 -9.49 18.97 -35.70
N LEU C 10 -10.61 18.55 -35.10
CA LEU C 10 -10.81 18.69 -33.67
C LEU C 10 -9.87 17.79 -32.86
N LEU C 11 -9.79 16.50 -33.21
CA LEU C 11 -8.83 15.58 -32.58
C LEU C 11 -7.40 16.11 -32.69
N ASN C 12 -7.05 16.65 -33.85
CA ASN C 12 -5.72 17.19 -34.03
C ASN C 12 -5.44 18.44 -33.18
N GLU C 13 -6.45 19.29 -33.01
CA GLU C 13 -6.38 20.45 -32.13
C GLU C 13 -6.18 20.00 -30.69
N GLN C 14 -7.02 19.09 -30.24
CA GLN C 14 -6.82 18.48 -28.92
C GLN C 14 -5.46 17.80 -28.75
N LEU C 15 -4.98 17.08 -29.78
CA LEU C 15 -3.63 16.53 -29.78
C LEU C 15 -2.54 17.58 -29.51
N THR C 16 -2.64 18.73 -30.19
CA THR C 16 -1.69 19.78 -29.95
C THR C 16 -1.72 20.19 -28.48
N SER C 17 -2.92 20.29 -27.94
CA SER C 17 -3.09 20.69 -26.55
C SER C 17 -2.40 19.70 -25.61
N GLU C 18 -2.58 18.40 -25.85
CA GLU C 18 -1.93 17.40 -24.99
C GLU C 18 -0.40 17.50 -25.10
N LEU C 19 0.11 17.68 -26.32
CA LEU C 19 1.54 17.67 -26.50
C LEU C 19 2.12 18.83 -25.74
N THR C 20 1.41 19.95 -25.77
CA THR C 20 1.76 21.18 -25.05
C THR C 20 1.69 20.95 -23.55
N ALA C 21 0.61 20.33 -23.05
CA ALA C 21 0.53 20.01 -21.63
C ALA C 21 1.65 19.06 -21.17
N ILE C 22 2.04 18.08 -21.99
CA ILE C 22 3.12 17.17 -21.60
C ILE C 22 4.37 17.98 -21.25
N ASN C 23 4.76 18.86 -22.16
CA ASN C 23 5.92 19.65 -21.98
C ASN C 23 5.78 20.55 -20.76
N GLN C 24 4.62 21.20 -20.63
CA GLN C 24 4.47 22.17 -19.56
C GLN C 24 4.55 21.51 -18.17
N TYR C 25 3.81 20.40 -18.01
CA TYR C 25 3.75 19.71 -16.75
C TYR C 25 5.11 19.08 -16.47
N PHE C 26 5.72 18.48 -17.49
CA PHE C 26 6.97 17.80 -17.26
C PHE C 26 8.04 18.75 -16.80
N LEU C 27 8.19 19.87 -17.50
CA LEU C 27 9.13 20.94 -17.09
C LEU C 27 8.81 21.48 -15.70
N HIS C 28 7.52 21.75 -15.43
CA HIS C 28 7.08 22.17 -14.12
C HIS C 28 7.54 21.18 -13.03
N SER C 29 7.39 19.88 -13.29
CA SER C 29 7.77 18.92 -12.28
C SER C 29 9.30 18.94 -12.03
N LYS C 30 10.10 19.04 -13.09
CA LYS C 30 11.56 19.11 -12.96
C LYS C 30 11.99 20.37 -12.25
N MET C 31 11.27 21.48 -12.49
CA MET C 31 11.55 22.72 -11.79
C MET C 31 11.23 22.61 -10.31
N GLN C 32 10.12 21.96 -10.00
CA GLN C 32 9.70 21.77 -8.63
C GLN C 32 10.70 20.91 -7.91
N ASP C 33 11.16 19.85 -8.57
CA ASP C 33 12.22 19.04 -8.03
C ASP C 33 13.49 19.86 -7.69
N ASN C 34 13.94 20.69 -8.64
CA ASN C 34 15.12 21.48 -8.45
C ASN C 34 14.99 22.57 -7.38
N TRP C 35 13.76 22.96 -7.04
CA TRP C 35 13.53 23.92 -5.96
C TRP C 35 13.45 23.25 -4.60
N GLY C 36 13.36 21.93 -4.58
CA GLY C 36 13.24 21.18 -3.33
C GLY C 36 11.86 20.65 -3.04
N PHE C 37 10.91 21.01 -3.87
CA PHE C 37 9.52 20.60 -3.68
C PHE C 37 9.31 19.21 -4.25
N THR C 38 10.01 18.24 -3.69
CA THR C 38 10.13 16.93 -4.31
C THR C 38 8.85 16.14 -4.19
N GLU C 39 8.10 16.31 -3.10
CA GLU C 39 6.80 15.63 -3.00
C GLU C 39 5.77 16.17 -4.00
N LEU C 40 5.70 17.49 -4.13
CA LEU C 40 4.84 18.07 -5.14
C LEU C 40 5.31 17.65 -6.55
N ALA C 41 6.63 17.58 -6.75
CA ALA C 41 7.15 17.22 -8.06
C ALA C 41 6.63 15.86 -8.55
N GLU C 42 6.52 14.87 -7.66
CA GLU C 42 6.04 13.54 -8.01
C GLU C 42 4.61 13.63 -8.54
N HIS C 43 3.80 14.49 -7.93
CA HIS C 43 2.46 14.65 -8.41
C HIS C 43 2.38 15.32 -9.81
N THR C 44 3.14 16.40 -10.01
CA THR C 44 3.13 17.06 -11.32
C THR C 44 3.68 16.13 -12.40
N ARG C 45 4.70 15.36 -12.07
CA ARG C 45 5.21 14.37 -13.04
C ARG C 45 4.09 13.44 -13.46
N ALA C 46 3.36 12.86 -12.52
CA ALA C 46 2.21 12.00 -12.85
C ALA C 46 1.22 12.72 -13.76
N GLU C 47 0.89 13.99 -13.52
CA GLU C 47 0.03 14.73 -14.47
C GLU C 47 0.58 14.68 -15.91
N SER C 48 1.89 14.90 -16.04
CA SER C 48 2.62 14.75 -17.28
C SER C 48 2.40 13.41 -17.98
N PHE C 49 2.51 12.32 -17.23
CA PHE C 49 2.27 10.98 -17.79
C PHE C 49 0.82 10.76 -18.27
N GLU C 50 -0.13 11.33 -17.56
CA GLU C 50 -1.52 11.29 -17.97
C GLU C 50 -1.71 12.06 -19.26
N GLU C 51 -1.05 13.20 -19.45
CA GLU C 51 -1.17 13.85 -20.74
C GLU C 51 -0.47 13.02 -21.84
N MET C 52 0.65 12.37 -21.52
CA MET C 52 1.28 11.47 -22.47
C MET C 52 0.28 10.42 -22.94
N ARG C 53 -0.45 9.82 -22.00
CA ARG C 53 -1.52 8.89 -22.35
C ARG C 53 -2.63 9.47 -23.22
N HIS C 54 -3.07 10.69 -22.94
CA HIS C 54 -4.05 11.32 -23.80
C HIS C 54 -3.55 11.50 -25.19
N ALA C 55 -2.32 11.97 -25.32
CA ALA C 55 -1.74 12.18 -26.63
C ALA C 55 -1.73 10.83 -27.42
N GLU C 56 -1.38 9.74 -26.73
CA GLU C 56 -1.34 8.45 -27.39
C GLU C 56 -2.74 7.97 -27.85
N THR C 57 -3.74 8.02 -26.95
CA THR C 57 -5.13 7.67 -27.27
C THR C 57 -5.64 8.46 -28.49
N ILE C 58 -5.48 9.78 -28.48
CA ILE C 58 -5.89 10.59 -29.60
C ILE C 58 -5.16 10.20 -30.89
N THR C 59 -3.85 9.98 -30.81
CA THR C 59 -3.05 9.57 -31.96
C THR C 59 -3.65 8.34 -32.63
N ASP C 60 -3.88 7.28 -31.84
CA ASP C 60 -4.53 6.06 -32.29
C ASP C 60 -5.84 6.28 -33.06
N ARG C 61 -6.75 7.06 -32.47
CA ARG C 61 -8.00 7.37 -33.14
C ARG C 61 -7.78 8.14 -34.47
N ILE C 62 -6.86 9.10 -34.48
CA ILE C 62 -6.57 9.83 -35.69
C ILE C 62 -6.10 8.86 -36.77
N LEU C 63 -5.23 7.93 -36.39
CA LEU C 63 -4.77 6.92 -37.34
C LEU C 63 -5.87 5.98 -37.83
N LEU C 64 -6.72 5.53 -36.90
CA LEU C 64 -7.85 4.64 -37.25
C LEU C 64 -8.81 5.31 -38.23
N LEU C 65 -8.93 6.63 -38.11
CA LEU C 65 -9.75 7.44 -38.99
C LEU C 65 -9.02 7.90 -40.27
N ASP C 66 -7.82 7.33 -40.48
CA ASP C 66 -6.94 7.64 -41.64
C ASP C 66 -6.56 9.08 -41.71
N GLY C 67 -6.38 9.73 -40.58
CA GLY C 67 -5.92 11.11 -40.53
C GLY C 67 -4.42 11.17 -40.33
N LEU C 68 -3.87 12.39 -40.28
CA LEU C 68 -2.46 12.61 -39.99
C LEU C 68 -2.28 13.28 -38.65
N PRO C 69 -1.78 12.53 -37.66
CA PRO C 69 -1.49 13.10 -36.34
C PRO C 69 -0.45 14.17 -36.44
N ASN C 70 -0.75 15.36 -35.93
CA ASN C 70 0.18 16.48 -35.99
C ASN C 70 1.08 16.44 -34.78
N TYR C 71 2.31 15.98 -34.93
CA TYR C 71 3.26 15.98 -33.84
C TYR C 71 4.24 17.12 -34.00
N GLN C 72 3.98 18.04 -34.92
CA GLN C 72 4.94 19.13 -35.22
C GLN C 72 4.63 20.40 -34.44
N ARG C 73 3.35 20.65 -34.19
CA ARG C 73 2.83 21.92 -33.66
C ARG C 73 2.72 21.88 -32.13
N LEU C 74 3.24 22.91 -31.44
CA LEU C 74 2.99 23.14 -30.02
C LEU C 74 2.36 24.50 -29.80
N PHE C 75 1.56 24.68 -28.74
CA PHE C 75 1.10 26.01 -28.38
C PHE C 75 2.18 26.66 -27.50
N SER C 76 1.95 27.88 -27.03
CA SER C 76 2.95 28.55 -26.20
C SER C 76 2.96 27.97 -24.81
N LEU C 77 4.13 27.57 -24.36
CA LEU C 77 4.30 27.12 -23.01
C LEU C 77 4.19 28.29 -22.08
N ARG C 78 3.49 28.10 -20.97
CA ARG C 78 3.53 29.02 -19.83
C ARG C 78 4.42 28.40 -18.77
N VAL C 79 5.60 28.97 -18.57
CA VAL C 79 6.54 28.40 -17.63
C VAL C 79 6.50 29.26 -16.39
N GLY C 80 5.85 28.83 -15.32
CA GLY C 80 5.78 29.68 -14.14
C GLY C 80 7.08 29.71 -13.35
N GLN C 81 7.33 30.82 -12.66
CA GLN C 81 8.57 30.95 -11.89
C GLN C 81 8.37 30.85 -10.37
N THR C 82 7.15 30.48 -9.95
CA THR C 82 6.82 30.19 -8.54
C THR C 82 5.77 29.08 -8.52
N LEU C 83 5.55 28.38 -7.40
CA LEU C 83 4.50 27.35 -7.33
C LEU C 83 3.14 27.86 -7.78
N ARG C 84 2.73 29.02 -7.25
CA ARG C 84 1.42 29.62 -7.58
C ARG C 84 1.31 29.85 -9.08
N GLU C 85 2.32 30.48 -9.66
CA GLU C 85 2.35 30.68 -11.13
C GLU C 85 2.25 29.37 -11.95
N GLN C 86 2.86 28.28 -11.48
CA GLN C 86 2.79 26.99 -12.17
C GLN C 86 1.39 26.44 -12.18
N PHE C 87 0.72 26.45 -11.02
CA PHE C 87 -0.65 26.02 -10.91
C PHE C 87 -1.53 26.86 -11.84
N GLU C 88 -1.30 28.16 -11.83
CA GLU C 88 -2.07 29.04 -12.68
C GLU C 88 -1.83 28.77 -14.16
N ALA C 89 -0.57 28.53 -14.54
CA ALA C 89 -0.24 28.21 -15.92
C ALA C 89 -0.89 26.92 -16.36
N ASP C 90 -0.77 25.89 -15.54
CA ASP C 90 -1.36 24.62 -15.86
C ASP C 90 -2.88 24.66 -15.84
N LEU C 91 -3.46 25.44 -14.93
CA LEU C 91 -4.92 25.67 -14.95
C LEU C 91 -5.38 26.40 -16.23
N ALA C 92 -4.60 27.34 -16.72
CA ALA C 92 -4.94 28.01 -17.96
C ALA C 92 -5.04 27.03 -19.14
N ILE C 93 -4.15 26.05 -19.28
CA ILE C 93 -4.35 25.14 -20.38
C ILE C 93 -5.41 24.11 -20.20
N GLU C 94 -5.74 23.77 -18.95
CA GLU C 94 -6.84 22.86 -18.75
C GLU C 94 -8.13 23.55 -19.12
N TYR C 95 -8.22 24.84 -18.83
CA TYR C 95 -9.44 25.59 -19.18
C TYR C 95 -9.62 25.72 -20.66
N GLU C 96 -8.51 25.74 -21.37
CA GLU C 96 -8.60 25.82 -22.80
C GLU C 96 -9.11 24.52 -23.33
N VAL C 97 -8.78 23.41 -22.66
CA VAL C 97 -9.26 22.12 -23.10
C VAL C 97 -10.77 22.08 -23.01
N LEU C 98 -11.31 22.54 -21.87
CA LEU C 98 -12.77 22.63 -21.71
C LEU C 98 -13.43 23.46 -22.78
N GLU C 99 -12.92 24.66 -23.07
CA GLU C 99 -13.55 25.51 -24.09
C GLU C 99 -13.62 24.76 -25.41
N ARG C 100 -12.61 23.94 -25.71
CA ARG C 100 -12.54 23.15 -26.94
C ARG C 100 -13.48 21.93 -26.93
N LEU C 101 -13.36 21.12 -25.89
CA LEU C 101 -14.05 19.83 -25.85
C LEU C 101 -15.55 19.90 -25.58
N LYS C 102 -15.98 20.93 -24.85
CA LYS C 102 -17.39 21.04 -24.51
C LYS C 102 -18.22 21.14 -25.80
N PRO C 103 -17.92 22.12 -26.69
CA PRO C 103 -18.60 22.04 -27.99
C PRO C 103 -18.11 20.87 -28.89
N GLY C 104 -16.87 20.44 -28.71
CA GLY C 104 -16.31 19.39 -29.55
C GLY C 104 -17.08 18.08 -29.43
N ILE C 105 -17.44 17.69 -28.22
CA ILE C 105 -18.15 16.46 -27.96
C ILE C 105 -19.50 16.53 -28.68
N VAL C 106 -20.22 17.64 -28.51
CA VAL C 106 -21.48 17.87 -29.21
C VAL C 106 -21.29 17.77 -30.74
N LEU C 107 -20.18 18.31 -31.25
CA LEU C 107 -19.90 18.26 -32.70
C LEU C 107 -19.66 16.85 -33.21
N CYS C 108 -18.86 16.09 -32.49
CA CYS C 108 -18.67 14.68 -32.81
C CYS C 108 -19.97 13.87 -32.93
N ARG C 109 -20.88 14.08 -31.98
CA ARG C 109 -22.16 13.36 -31.95
C ARG C 109 -23.08 13.79 -33.08
N GLU C 110 -23.11 15.08 -33.38
CA GLU C 110 -23.81 15.62 -34.56
C GLU C 110 -23.27 14.99 -35.87
N LYS C 111 -21.93 14.86 -35.99
CA LYS C 111 -21.32 14.18 -37.17
C LYS C 111 -21.50 12.67 -37.10
N GLN C 112 -22.16 12.19 -36.05
CA GLN C 112 -22.46 10.76 -35.84
C GLN C 112 -21.22 9.94 -35.68
N ASP C 113 -20.17 10.54 -35.12
CA ASP C 113 -18.99 9.80 -34.66
C ASP C 113 -19.01 9.68 -33.12
N ALA C 114 -19.85 8.77 -32.63
CA ALA C 114 -20.02 8.50 -31.20
C ALA C 114 -18.73 8.05 -30.56
N THR C 115 -17.94 7.26 -31.28
CA THR C 115 -16.72 6.70 -30.70
C THR C 115 -15.74 7.83 -30.40
N SER C 116 -15.51 8.69 -31.37
CA SER C 116 -14.66 9.83 -31.12
C SER C 116 -15.18 10.67 -29.97
N ALA C 117 -16.50 10.88 -29.92
CA ALA C 117 -17.12 11.67 -28.85
C ALA C 117 -16.83 11.07 -27.47
N ARG C 118 -16.97 9.75 -27.38
CA ARG C 118 -16.71 9.06 -26.13
C ARG C 118 -15.26 9.18 -25.71
N LEU C 119 -14.35 9.04 -26.67
CA LEU C 119 -12.92 9.22 -26.40
C LEU C 119 -12.60 10.67 -26.07
N LEU C 120 -13.50 11.58 -26.43
CA LEU C 120 -13.37 12.98 -26.07
C LEU C 120 -14.03 13.26 -24.73
N GLU C 121 -15.01 12.45 -24.36
CA GLU C 121 -15.72 12.61 -23.09
C GLU C 121 -14.80 12.10 -21.96
N GLN C 122 -14.09 11.00 -22.21
CA GLN C 122 -13.10 10.47 -21.24
C GLN C 122 -11.97 11.45 -20.95
N ILE C 123 -11.42 12.05 -21.99
CA ILE C 123 -10.41 13.07 -21.77
C ILE C 123 -10.98 14.25 -20.97
N LEU C 124 -12.13 14.77 -21.37
CA LEU C 124 -12.75 15.86 -20.61
C LEU C 124 -12.89 15.54 -19.11
N ALA C 125 -13.40 14.36 -18.79
CA ALA C 125 -13.52 13.99 -17.39
C ALA C 125 -12.16 14.04 -16.65
N ASP C 126 -11.12 13.43 -17.22
CA ASP C 126 -9.74 13.56 -16.71
C ASP C 126 -9.32 15.01 -16.55
N GLU C 127 -9.51 15.84 -17.56
CA GLU C 127 -9.12 17.24 -17.41
C GLU C 127 -9.92 17.99 -16.31
N GLU C 128 -11.23 17.69 -16.14
CA GLU C 128 -11.96 18.37 -15.06
C GLU C 128 -11.32 17.98 -13.73
N THR C 129 -10.86 16.74 -13.58
CA THR C 129 -10.20 16.34 -12.33
C THR C 129 -8.90 17.12 -12.10
N HIS C 130 -8.09 17.30 -13.14
CA HIS C 130 -6.91 18.14 -13.02
C HIS C 130 -7.32 19.54 -12.61
N ILE C 131 -8.34 20.12 -13.24
CA ILE C 131 -8.83 21.44 -12.86
C ILE C 131 -9.19 21.50 -11.36
N ASP C 132 -9.91 20.49 -10.88
CA ASP C 132 -10.29 20.41 -9.48
C ASP C 132 -9.07 20.40 -8.56
N TYR C 133 -8.11 19.55 -8.87
CA TYR C 133 -6.87 19.50 -8.10
C TYR C 133 -6.20 20.88 -8.09
N LEU C 134 -6.13 21.51 -9.26
CA LEU C 134 -5.41 22.77 -9.42
C LEU C 134 -6.07 23.88 -8.64
N GLU C 135 -7.37 24.03 -8.85
CA GLU C 135 -8.13 25.04 -8.13
C GLU C 135 -8.06 24.84 -6.61
N THR C 136 -8.10 23.58 -6.16
CA THR C 136 -8.01 23.29 -4.74
C THR C 136 -6.63 23.70 -4.19
N GLN C 137 -5.55 23.38 -4.89
CA GLN C 137 -4.23 23.85 -4.45
C GLN C 137 -4.15 25.38 -4.33
N LEU C 138 -4.64 26.12 -5.31
CA LEU C 138 -4.59 27.57 -5.22
C LEU C 138 -5.41 28.10 -4.06
N GLN C 139 -6.50 27.43 -3.73
CA GLN C 139 -7.28 27.82 -2.56
C GLN C 139 -6.56 27.48 -1.27
N LEU C 140 -5.85 26.34 -1.29
CA LEU C 140 -5.04 25.91 -0.14
C LEU C 140 -3.95 26.89 0.17
N MET C 141 -3.25 27.35 -0.87
CA MET C 141 -2.22 28.37 -0.64
C MET C 141 -2.81 29.59 0.01
N ASP C 142 -4.00 30.01 -0.40
CA ASP C 142 -4.71 31.10 0.22
C ASP C 142 -5.06 30.81 1.67
N LYS C 143 -5.53 29.62 1.99
CA LYS C 143 -5.84 29.27 3.39
C LYS C 143 -4.60 29.09 4.28
N LEU C 144 -3.59 28.41 3.79
CA LEU C 144 -2.40 28.13 4.60
C LEU C 144 -1.34 29.27 4.61
N GLY C 145 -1.23 29.98 3.47
CA GLY C 145 -0.16 30.92 3.23
C GLY C 145 0.85 30.20 2.35
N ASP C 146 1.53 30.93 1.48
CA ASP C 146 2.53 30.33 0.60
C ASP C 146 3.57 29.51 1.30
N ALA C 147 4.25 30.08 2.28
CA ALA C 147 5.28 29.36 3.03
C ALA C 147 4.79 27.98 3.56
N LEU C 148 3.70 28.03 4.33
CA LEU C 148 3.17 26.85 5.00
C LEU C 148 2.70 25.80 3.97
N TYR C 149 2.16 26.27 2.85
CA TYR C 149 1.68 25.32 1.86
C TYR C 149 2.91 24.66 1.30
N ALA C 150 3.91 25.47 0.99
CA ALA C 150 5.09 24.99 0.35
C ALA C 150 5.74 23.91 1.26
N ALA C 151 5.72 24.13 2.59
CA ALA C 151 6.31 23.17 3.56
C ALA C 151 5.64 21.77 3.51
N GLN C 152 4.46 21.67 2.89
CA GLN C 152 3.82 20.38 2.71
C GLN C 152 4.25 19.74 1.39
N CYS C 153 5.11 20.44 0.66
CA CYS C 153 5.58 19.95 -0.62
C CYS C 153 7.02 19.42 -0.59
N VAL C 154 7.63 19.44 0.58
CA VAL C 154 8.99 18.97 0.77
C VAL C 154 8.94 17.68 1.56
N SER C 155 10.00 16.89 1.54
CA SER C 155 10.05 15.73 2.41
C SER C 155 10.70 16.06 3.75
N ARG C 156 10.81 15.06 4.64
CA ARG C 156 11.46 15.20 5.94
C ARG C 156 12.66 14.30 5.96
N PRO C 157 13.88 14.83 5.85
CA PRO C 157 14.23 16.25 5.79
C PRO C 157 14.08 16.65 4.30
N PRO C 158 14.06 17.96 3.98
CA PRO C 158 13.90 18.27 2.56
C PRO C 158 15.07 17.78 1.71
N GLY C 159 14.77 17.42 0.47
CA GLY C 159 15.72 16.87 -0.48
C GLY C 159 15.90 17.81 -1.67
N SER C 160 16.23 17.23 -2.82
CA SER C 160 16.50 17.98 -4.06
C SER C 160 16.34 17.10 -5.29
N ALA C 161 16.48 17.71 -6.47
CA ALA C 161 16.36 16.99 -7.75
C ALA C 161 16.79 15.50 -7.66
N MET D 1 24.64 26.06 -9.09
CA MET D 1 25.90 26.37 -9.80
C MET D 1 25.60 27.10 -11.09
N GLN D 2 26.51 27.95 -11.56
CA GLN D 2 26.26 28.56 -12.84
C GLN D 2 27.04 27.77 -13.89
N GLY D 3 26.34 27.23 -14.89
CA GLY D 3 27.02 26.51 -15.97
C GLY D 3 27.66 27.50 -16.93
N ASP D 4 28.63 27.02 -17.69
CA ASP D 4 29.19 27.77 -18.80
C ASP D 4 28.12 28.07 -19.84
N PRO D 5 28.03 29.34 -20.31
CA PRO D 5 26.95 29.64 -21.30
C PRO D 5 27.00 28.85 -22.62
N ASP D 6 28.20 28.47 -23.08
CA ASP D 6 28.32 27.71 -24.31
C ASP D 6 27.94 26.22 -24.10
N VAL D 7 28.26 25.67 -22.92
CA VAL D 7 27.80 24.35 -22.54
C VAL D 7 26.26 24.29 -22.47
N LEU D 8 25.65 25.31 -21.88
CA LEU D 8 24.19 25.40 -21.78
C LEU D 8 23.51 25.55 -23.13
N LYS D 9 24.13 26.32 -24.00
CA LYS D 9 23.67 26.45 -25.38
C LYS D 9 23.68 25.06 -26.05
N LEU D 10 24.74 24.26 -25.83
CA LEU D 10 24.90 22.97 -26.45
C LEU D 10 23.90 21.97 -25.87
N LEU D 11 23.80 21.91 -24.53
CA LEU D 11 22.79 21.02 -23.91
C LEU D 11 21.36 21.34 -24.38
N ASN D 12 21.04 22.61 -24.49
CA ASN D 12 19.73 23.00 -25.05
C ASN D 12 19.52 22.58 -26.50
N GLU D 13 20.55 22.65 -27.36
CA GLU D 13 20.33 22.22 -28.72
C GLU D 13 20.13 20.72 -28.71
N GLN D 14 20.92 20.01 -27.92
CA GLN D 14 20.78 18.57 -27.84
C GLN D 14 19.40 18.22 -27.29
N LEU D 15 18.90 19.00 -26.34
CA LEU D 15 17.51 18.79 -25.83
C LEU D 15 16.45 18.91 -26.95
N THR D 16 16.59 19.94 -27.79
CA THR D 16 15.72 20.08 -28.91
C THR D 16 15.78 18.82 -29.78
N SER D 17 16.97 18.26 -30.00
CA SER D 17 17.07 17.06 -30.84
C SER D 17 16.31 15.92 -30.22
N GLU D 18 16.48 15.75 -28.89
CA GLU D 18 15.77 14.68 -28.19
C GLU D 18 14.25 14.87 -28.22
N LEU D 19 13.77 16.09 -27.96
CA LEU D 19 12.33 16.33 -27.99
C LEU D 19 11.81 15.95 -29.35
N THR D 20 12.60 16.26 -30.41
CA THR D 20 12.21 15.98 -31.79
C THR D 20 12.23 14.46 -32.04
N ALA D 21 13.32 13.80 -31.67
CA ALA D 21 13.40 12.35 -31.80
C ALA D 21 12.25 11.63 -31.07
N ILE D 22 11.80 12.13 -29.91
CA ILE D 22 10.69 11.48 -29.18
C ILE D 22 9.46 11.43 -30.09
N ASN D 23 9.11 12.59 -30.62
CA ASN D 23 7.92 12.69 -31.45
C ASN D 23 8.06 11.82 -32.69
N GLN D 24 9.25 11.86 -33.29
CA GLN D 24 9.45 11.20 -34.57
C GLN D 24 9.30 9.68 -34.42
N TYR D 25 10.02 9.13 -33.44
CA TYR D 25 10.00 7.74 -33.11
C TYR D 25 8.64 7.26 -32.61
N PHE D 26 8.02 8.01 -31.71
CA PHE D 26 6.73 7.65 -31.24
C PHE D 26 5.70 7.57 -32.37
N LEU D 27 5.59 8.61 -33.20
CA LEU D 27 4.69 8.61 -34.36
C LEU D 27 5.04 7.49 -35.34
N HIS D 28 6.33 7.25 -35.60
CA HIS D 28 6.71 6.12 -36.45
C HIS D 28 6.15 4.82 -35.87
N SER D 29 6.30 4.65 -34.57
CA SER D 29 5.87 3.43 -33.90
C SER D 29 4.35 3.17 -34.06
N LYS D 30 3.53 4.20 -33.84
CA LYS D 30 2.08 4.10 -33.99
C LYS D 30 1.73 3.90 -35.44
N MET D 31 2.49 4.49 -36.37
CA MET D 31 2.22 4.27 -37.82
C MET D 31 2.48 2.85 -38.19
N GLN D 32 3.55 2.30 -37.64
CA GLN D 32 3.94 0.95 -37.94
C GLN D 32 2.94 -0.03 -37.38
N ASP D 33 2.43 0.29 -36.21
CA ASP D 33 1.38 -0.46 -35.59
C ASP D 33 0.09 -0.48 -36.46
N ASN D 34 -0.36 0.68 -36.93
CA ASN D 34 -1.47 0.79 -37.88
C ASN D 34 -1.33 0.11 -39.25
N TRP D 35 -0.09 -0.10 -39.69
CA TRP D 35 0.15 -0.83 -40.93
C TRP D 35 0.19 -2.36 -40.72
N GLY D 36 0.19 -2.81 -39.46
CA GLY D 36 0.24 -4.22 -39.18
C GLY D 36 1.63 -4.71 -38.83
N PHE D 37 2.61 -3.82 -38.80
CA PHE D 37 3.94 -4.23 -38.44
C PHE D 37 4.10 -4.10 -36.94
N THR D 38 3.38 -4.93 -36.21
CA THR D 38 3.29 -4.75 -34.77
C THR D 38 4.58 -5.12 -34.05
N GLU D 39 5.28 -6.11 -34.59
CA GLU D 39 6.51 -6.56 -33.99
C GLU D 39 7.54 -5.45 -34.06
N LEU D 40 7.70 -4.88 -35.24
CA LEU D 40 8.61 -3.78 -35.41
C LEU D 40 8.15 -2.57 -34.56
N ALA D 41 6.85 -2.40 -34.38
CA ALA D 41 6.36 -1.20 -33.73
C ALA D 41 6.85 -1.14 -32.32
N GLU D 42 6.96 -2.32 -31.68
CA GLU D 42 7.35 -2.49 -30.28
C GLU D 42 8.76 -1.94 -30.15
N HIS D 43 9.62 -2.23 -31.13
CA HIS D 43 10.99 -1.83 -31.05
C HIS D 43 11.11 -0.32 -31.24
N THR D 44 10.39 0.25 -32.21
CA THR D 44 10.41 1.70 -32.42
C THR D 44 9.86 2.45 -31.21
N ARG D 45 8.81 1.91 -30.62
CA ARG D 45 8.28 2.51 -29.38
C ARG D 45 9.38 2.59 -28.32
N ALA D 46 10.06 1.48 -28.07
CA ALA D 46 11.20 1.47 -27.13
C ALA D 46 12.24 2.57 -27.46
N GLU D 47 12.58 2.75 -28.75
CA GLU D 47 13.53 3.79 -29.13
C GLU D 47 12.97 5.15 -28.68
N SER D 48 11.67 5.32 -28.81
CA SER D 48 11.00 6.50 -28.30
C SER D 48 11.21 6.78 -26.80
N PHE D 49 11.03 5.76 -25.98
CA PHE D 49 11.24 5.89 -24.54
C PHE D 49 12.68 6.21 -24.19
N GLU D 50 13.62 5.66 -24.97
CA GLU D 50 15.02 5.98 -24.72
C GLU D 50 15.23 7.46 -24.97
N GLU D 51 14.57 8.03 -25.99
CA GLU D 51 14.74 9.44 -26.22
C GLU D 51 14.08 10.25 -25.12
N MET D 52 12.96 9.77 -24.61
CA MET D 52 12.36 10.40 -23.45
C MET D 52 13.35 10.46 -22.28
N ARG D 53 14.05 9.35 -22.04
CA ARG D 53 15.08 9.31 -20.99
C ARG D 53 16.19 10.32 -21.23
N HIS D 54 16.66 10.42 -22.47
CA HIS D 54 17.67 11.40 -22.82
C HIS D 54 17.23 12.85 -22.52
N ALA D 55 16.04 13.22 -22.99
CA ALA D 55 15.51 14.54 -22.74
C ALA D 55 15.46 14.81 -21.24
N GLU D 56 15.04 13.82 -20.43
CA GLU D 56 14.99 14.01 -18.99
C GLU D 56 16.40 14.31 -18.42
N THR D 57 17.34 13.39 -18.65
CA THR D 57 18.73 13.56 -18.21
C THR D 57 19.25 14.95 -18.54
N ILE D 58 19.12 15.37 -19.80
CA ILE D 58 19.61 16.67 -20.21
C ILE D 58 18.88 17.78 -19.43
N THR D 59 17.55 17.66 -19.29
CA THR D 59 16.80 18.67 -18.53
C THR D 59 17.39 18.86 -17.13
N ASP D 60 17.56 17.75 -16.39
CA ASP D 60 18.19 17.79 -15.06
C ASP D 60 19.53 18.54 -15.01
N ARG D 61 20.39 18.24 -15.96
CA ARG D 61 21.69 18.87 -16.04
C ARG D 61 21.61 20.40 -16.36
N ILE D 62 20.75 20.78 -17.30
CA ILE D 62 20.51 22.21 -17.54
C ILE D 62 19.99 22.86 -16.25
N LEU D 63 19.13 22.17 -15.50
CA LEU D 63 18.61 22.79 -14.27
C LEU D 63 19.69 22.95 -13.20
N LEU D 64 20.47 21.90 -12.99
CA LEU D 64 21.55 21.88 -12.01
C LEU D 64 22.53 23.04 -12.33
N LEU D 65 22.68 23.35 -13.61
CA LEU D 65 23.58 24.40 -14.06
C LEU D 65 22.92 25.78 -14.15
N ASP D 66 21.69 25.88 -13.61
CA ASP D 66 20.91 27.12 -13.52
C ASP D 66 20.50 27.65 -14.85
N GLY D 67 20.35 26.77 -15.84
CA GLY D 67 19.94 27.18 -17.19
C GLY D 67 18.42 27.06 -17.34
N LEU D 68 17.93 27.37 -18.54
CA LEU D 68 16.49 27.25 -18.84
C LEU D 68 16.29 26.20 -19.91
N PRO D 69 15.75 25.02 -19.50
CA PRO D 69 15.49 23.97 -20.48
C PRO D 69 14.48 24.50 -21.49
N ASN D 70 14.77 24.33 -22.78
CA ASN D 70 13.89 24.81 -23.82
C ASN D 70 12.95 23.71 -24.25
N TYR D 71 11.71 23.79 -23.77
CA TYR D 71 10.69 22.79 -24.12
C TYR D 71 9.77 23.33 -25.21
N GLN D 72 10.12 24.45 -25.80
CA GLN D 72 9.22 25.11 -26.76
C GLN D 72 9.55 24.76 -28.22
N ARG D 73 10.84 24.57 -28.51
CA ARG D 73 11.35 24.42 -29.88
C ARG D 73 11.37 22.95 -30.24
N LEU D 74 10.88 22.62 -31.45
CA LEU D 74 11.16 21.33 -32.11
C LEU D 74 11.82 21.60 -33.45
N PHE D 75 12.62 20.65 -33.92
CA PHE D 75 13.13 20.64 -35.28
C PHE D 75 12.07 20.05 -36.24
N SER D 76 12.34 20.03 -37.54
CA SER D 76 11.40 19.44 -38.49
C SER D 76 11.25 17.94 -38.38
N LEU D 77 10.05 17.45 -38.18
CA LEU D 77 9.83 16.02 -38.18
C LEU D 77 9.92 15.46 -39.59
N ARG D 78 10.55 14.32 -39.70
CA ARG D 78 10.57 13.58 -40.91
C ARG D 78 9.61 12.39 -40.74
N VAL D 79 8.43 12.47 -41.36
CA VAL D 79 7.42 11.44 -41.19
C VAL D 79 7.49 10.48 -42.38
N GLY D 80 8.08 9.32 -42.26
CA GLY D 80 8.18 8.55 -43.51
C GLY D 80 6.87 7.89 -43.92
N GLN D 81 6.72 7.56 -45.19
CA GLN D 81 5.51 6.90 -45.69
C GLN D 81 5.65 5.39 -45.88
N THR D 82 6.84 4.84 -45.65
CA THR D 82 7.14 3.38 -45.81
C THR D 82 8.16 3.00 -44.75
N LEU D 83 8.32 1.71 -44.43
CA LEU D 83 9.34 1.30 -43.47
C LEU D 83 10.75 1.82 -43.82
N ARG D 84 11.20 1.66 -45.06
CA ARG D 84 12.51 2.18 -45.45
C ARG D 84 12.65 3.68 -45.19
N GLU D 85 11.63 4.44 -45.56
CA GLU D 85 11.62 5.88 -45.33
C GLU D 85 11.73 6.24 -43.85
N GLN D 86 11.06 5.47 -43.01
CA GLN D 86 11.08 5.72 -41.58
C GLN D 86 12.45 5.42 -40.98
N PHE D 87 13.06 4.29 -41.32
CA PHE D 87 14.45 4.03 -40.91
C PHE D 87 15.38 5.14 -41.38
N GLU D 88 15.26 5.58 -42.63
CA GLU D 88 16.11 6.65 -43.08
C GLU D 88 15.83 7.99 -42.42
N ALA D 89 14.55 8.30 -42.12
CA ALA D 89 14.22 9.54 -41.37
C ALA D 89 14.89 9.53 -40.01
N ASP D 90 14.76 8.42 -39.32
CA ASP D 90 15.33 8.28 -37.98
C ASP D 90 16.84 8.25 -38.00
N LEU D 91 17.40 7.63 -39.02
CA LEU D 91 18.85 7.68 -39.23
C LEU D 91 19.33 9.12 -39.48
N ALA D 92 18.56 9.92 -40.23
CA ALA D 92 18.93 11.31 -40.48
C ALA D 92 19.12 12.07 -39.16
N ILE D 93 18.20 11.87 -38.21
CA ILE D 93 18.24 12.59 -36.97
C ILE D 93 19.36 12.10 -36.02
N GLU D 94 19.70 10.83 -36.08
CA GLU D 94 20.76 10.34 -35.20
C GLU D 94 22.13 10.83 -35.71
N TYR D 95 22.26 10.94 -37.03
CA TYR D 95 23.49 11.48 -37.60
C TYR D 95 23.66 12.94 -37.26
N GLU D 96 22.57 13.67 -37.14
CA GLU D 96 22.67 15.05 -36.74
C GLU D 96 23.13 15.11 -35.31
N VAL D 97 22.78 14.11 -34.51
CA VAL D 97 23.23 14.08 -33.11
C VAL D 97 24.76 13.91 -33.06
N LEU D 98 25.26 12.96 -33.83
CA LEU D 98 26.71 12.79 -33.95
C LEU D 98 27.41 14.08 -34.35
N GLU D 99 26.91 14.77 -35.38
CA GLU D 99 27.56 16.01 -35.85
C GLU D 99 27.64 17.04 -34.75
N ARG D 100 26.65 17.08 -33.89
CA ARG D 100 26.67 18.02 -32.81
C ARG D 100 27.54 17.57 -31.61
N LEU D 101 27.35 16.33 -31.15
CA LEU D 101 27.99 15.84 -29.94
C LEU D 101 29.50 15.55 -30.06
N LYS D 102 29.94 15.15 -31.25
CA LYS D 102 31.34 14.84 -31.46
C LYS D 102 32.23 16.04 -31.15
N PRO D 103 32.04 17.21 -31.79
CA PRO D 103 32.70 18.41 -31.24
C PRO D 103 32.17 18.90 -29.86
N GLY D 104 30.90 18.65 -29.55
CA GLY D 104 30.30 19.08 -28.28
C GLY D 104 31.06 18.54 -27.06
N ILE D 105 31.37 17.25 -27.10
CA ILE D 105 32.05 16.61 -25.99
C ILE D 105 33.40 17.32 -25.81
N VAL D 106 34.12 17.48 -26.92
CA VAL D 106 35.43 18.16 -26.91
C VAL D 106 35.30 19.57 -26.34
N LEU D 107 34.23 20.28 -26.70
CA LEU D 107 34.00 21.62 -26.15
C LEU D 107 33.67 21.64 -24.64
N CYS D 108 32.84 20.72 -24.15
CA CYS D 108 32.65 20.55 -22.70
C CYS D 108 33.93 20.36 -21.92
N ARG D 109 34.83 19.53 -22.43
CA ARG D 109 36.02 19.23 -21.66
C ARG D 109 37.00 20.38 -21.71
N GLU D 110 37.01 21.15 -22.82
CA GLU D 110 37.87 22.35 -22.80
C GLU D 110 37.30 23.48 -21.90
N LYS D 111 35.97 23.59 -21.81
CA LYS D 111 35.30 24.44 -20.79
C LYS D 111 35.47 23.94 -19.35
N GLN D 112 36.13 22.79 -19.20
CA GLN D 112 36.36 22.17 -17.89
C GLN D 112 35.07 21.65 -17.26
N ASP D 113 34.06 21.34 -18.09
CA ASP D 113 32.83 20.71 -17.60
C ASP D 113 32.80 19.18 -17.90
N ALA D 114 33.63 18.44 -17.17
CA ALA D 114 33.74 17.01 -17.38
C ALA D 114 32.44 16.26 -17.15
N THR D 115 31.61 16.77 -16.23
CA THR D 115 30.36 16.09 -15.91
C THR D 115 29.39 16.21 -17.11
N SER D 116 29.30 17.39 -17.71
CA SER D 116 28.42 17.53 -18.85
C SER D 116 28.95 16.72 -20.01
N ALA D 117 30.27 16.65 -20.15
CA ALA D 117 30.91 15.88 -21.17
C ALA D 117 30.52 14.41 -21.08
N ARG D 118 30.58 13.88 -19.85
CA ARG D 118 30.33 12.49 -19.57
C ARG D 118 28.89 12.17 -19.85
N LEU D 119 28.01 13.11 -19.52
CA LEU D 119 26.59 12.95 -19.79
C LEU D 119 26.29 13.05 -21.29
N LEU D 120 27.20 13.68 -22.02
CA LEU D 120 27.08 13.78 -23.47
C LEU D 120 27.75 12.61 -24.16
N GLU D 121 28.71 11.99 -23.49
CA GLU D 121 29.35 10.77 -23.98
C GLU D 121 28.39 9.57 -23.84
N GLN D 122 27.64 9.51 -22.74
CA GLN D 122 26.59 8.49 -22.58
C GLN D 122 25.56 8.54 -23.71
N ILE D 123 25.01 9.70 -23.96
CA ILE D 123 23.99 9.82 -25.00
C ILE D 123 24.59 9.44 -26.37
N LEU D 124 25.79 9.96 -26.66
CA LEU D 124 26.51 9.62 -27.89
C LEU D 124 26.55 8.11 -28.13
N ALA D 125 26.98 7.36 -27.11
CA ALA D 125 27.07 5.91 -27.22
C ALA D 125 25.69 5.30 -27.50
N ASP D 126 24.69 5.73 -26.74
CA ASP D 126 23.31 5.31 -26.97
C ASP D 126 22.91 5.54 -28.42
N GLU D 127 23.31 6.67 -28.97
CA GLU D 127 22.85 7.10 -30.29
C GLU D 127 23.61 6.38 -31.40
N GLU D 128 24.84 5.99 -31.11
CA GLU D 128 25.64 5.20 -32.05
C GLU D 128 25.02 3.82 -32.16
N THR D 129 24.53 3.28 -31.04
CA THR D 129 23.79 2.03 -31.09
C THR D 129 22.52 2.08 -31.96
N HIS D 130 21.70 3.12 -31.80
CA HIS D 130 20.57 3.35 -32.69
C HIS D 130 21.01 3.39 -34.16
N ILE D 131 22.03 4.17 -34.46
CA ILE D 131 22.54 4.22 -35.81
C ILE D 131 22.91 2.82 -36.29
N ASP D 132 23.55 2.03 -35.45
CA ASP D 132 23.91 0.70 -35.84
C ASP D 132 22.70 -0.15 -36.18
N TYR D 133 21.72 -0.18 -35.30
CA TYR D 133 20.49 -0.91 -35.57
C TYR D 133 19.85 -0.46 -36.89
N LEU D 134 19.67 0.86 -37.06
CA LEU D 134 19.01 1.41 -38.23
C LEU D 134 19.74 1.07 -39.55
N GLU D 135 21.06 1.26 -39.59
CA GLU D 135 21.88 0.92 -40.75
C GLU D 135 21.79 -0.56 -41.09
N THR D 136 21.73 -1.39 -40.06
CA THR D 136 21.60 -2.81 -40.27
C THR D 136 20.24 -3.16 -40.90
N GLN D 137 19.14 -2.57 -40.41
CA GLN D 137 17.86 -2.86 -41.01
C GLN D 137 17.86 -2.49 -42.50
N LEU D 138 18.37 -1.30 -42.87
CA LEU D 138 18.38 -0.89 -44.30
C LEU D 138 19.21 -1.85 -45.14
N GLN D 139 20.32 -2.32 -44.57
CA GLN D 139 21.09 -3.33 -45.25
C GLN D 139 20.33 -4.67 -45.34
N LEU D 140 19.63 -5.08 -44.27
CA LEU D 140 18.79 -6.29 -44.34
C LEU D 140 17.68 -6.18 -45.36
N MET D 141 17.00 -5.04 -45.44
CA MET D 141 15.99 -4.87 -46.49
C MET D 141 16.57 -5.09 -47.91
N ASP D 142 17.78 -4.58 -48.17
CA ASP D 142 18.46 -4.87 -49.43
C ASP D 142 18.75 -6.35 -49.59
N LYS D 143 19.18 -7.04 -48.55
CA LYS D 143 19.45 -8.48 -48.67
C LYS D 143 18.23 -9.36 -48.80
N LEU D 144 17.20 -9.09 -48.01
CA LEU D 144 16.00 -9.93 -48.05
C LEU D 144 15.01 -9.49 -49.12
N GLY D 145 14.97 -8.19 -49.43
CA GLY D 145 13.91 -7.63 -50.26
C GLY D 145 12.89 -7.04 -49.35
N ASP D 146 12.20 -6.00 -49.82
CA ASP D 146 11.22 -5.24 -49.01
C ASP D 146 10.10 -6.12 -48.42
N ALA D 147 9.40 -6.89 -49.26
CA ALA D 147 8.32 -7.76 -48.80
C ALA D 147 8.77 -8.77 -47.75
N LEU D 148 9.86 -9.49 -48.02
CA LEU D 148 10.39 -10.49 -47.13
C LEU D 148 10.83 -9.94 -45.78
N TYR D 149 11.43 -8.76 -45.80
CA TYR D 149 11.83 -8.08 -44.57
C TYR D 149 10.58 -7.71 -43.77
N ALA D 150 9.68 -7.01 -44.45
CA ALA D 150 8.38 -6.66 -43.88
C ALA D 150 7.69 -7.85 -43.19
N ALA D 151 7.73 -9.03 -43.80
CA ALA D 151 7.11 -10.20 -43.23
C ALA D 151 7.76 -10.66 -41.90
N GLN D 152 8.96 -10.16 -41.59
CA GLN D 152 9.54 -10.41 -40.29
C GLN D 152 9.11 -9.38 -39.25
N CYS D 153 8.27 -8.43 -39.64
CA CYS D 153 7.83 -7.39 -38.75
C CYS D 153 6.39 -7.53 -38.31
N VAL D 154 5.74 -8.62 -38.74
CA VAL D 154 4.34 -8.91 -38.37
C VAL D 154 4.34 -10.09 -37.46
N SER D 155 3.25 -10.30 -36.73
CA SER D 155 3.13 -11.50 -35.88
C SER D 155 2.49 -12.61 -36.70
N ARG D 156 2.40 -13.85 -36.21
CA ARG D 156 1.63 -14.88 -36.91
C ARG D 156 0.45 -15.18 -36.01
N PRO D 157 -0.80 -14.93 -36.45
CA PRO D 157 -1.23 -14.28 -37.70
C PRO D 157 -1.00 -12.74 -37.60
N PRO D 158 -0.81 -12.06 -38.74
CA PRO D 158 -0.55 -10.61 -38.68
C PRO D 158 -1.68 -9.92 -37.92
N GLY D 159 -1.34 -8.94 -37.10
CA GLY D 159 -2.32 -8.27 -36.22
C GLY D 159 -2.55 -6.82 -36.65
N SER D 160 -2.91 -5.97 -35.70
CA SER D 160 -3.19 -4.53 -35.98
C SER D 160 -3.17 -3.66 -34.73
N ALA D 161 -3.12 -2.34 -34.90
CA ALA D 161 -3.23 -1.34 -33.79
C ALA D 161 -3.97 -1.85 -32.54
N MET E 1 -10.93 -35.42 -48.97
CA MET E 1 -11.67 -36.67 -49.31
C MET E 1 -13.00 -36.25 -49.83
N GLN E 2 -13.59 -37.04 -50.71
CA GLN E 2 -14.89 -36.67 -51.20
C GLN E 2 -15.89 -37.53 -50.45
N GLY E 3 -16.80 -36.90 -49.74
CA GLY E 3 -17.82 -37.64 -49.00
C GLY E 3 -18.91 -38.11 -49.92
N ASP E 4 -19.61 -39.16 -49.50
CA ASP E 4 -20.80 -39.60 -50.22
C ASP E 4 -21.85 -38.48 -50.25
N PRO E 5 -22.49 -38.25 -51.42
CA PRO E 5 -23.43 -37.09 -51.45
C PRO E 5 -24.68 -37.25 -50.57
N ASP E 6 -25.14 -38.48 -50.29
CA ASP E 6 -26.28 -38.68 -49.38
C ASP E 6 -25.91 -38.51 -47.90
N VAL E 7 -24.71 -38.93 -47.55
CA VAL E 7 -24.17 -38.69 -46.22
C VAL E 7 -24.08 -37.19 -45.98
N LEU E 8 -23.62 -36.43 -46.98
CA LEU E 8 -23.46 -34.98 -46.83
C LEU E 8 -24.79 -34.26 -46.72
N LYS E 9 -25.77 -34.71 -47.51
CA LYS E 9 -27.16 -34.23 -47.38
C LYS E 9 -27.66 -34.44 -45.94
N LEU E 10 -27.37 -35.62 -45.39
CA LEU E 10 -27.83 -35.95 -44.06
C LEU E 10 -27.12 -35.07 -43.02
N LEU E 11 -25.79 -35.02 -43.07
CA LEU E 11 -25.01 -34.16 -42.17
C LEU E 11 -25.50 -32.70 -42.23
N ASN E 12 -25.76 -32.21 -43.43
CA ASN E 12 -26.35 -30.89 -43.57
C ASN E 12 -27.75 -30.67 -42.96
N GLU E 13 -28.64 -31.67 -43.12
CA GLU E 13 -29.99 -31.57 -42.50
C GLU E 13 -29.81 -31.52 -40.99
N GLN E 14 -28.95 -32.40 -40.46
CA GLN E 14 -28.67 -32.39 -39.03
C GLN E 14 -28.09 -31.05 -38.57
N LEU E 15 -27.16 -30.49 -39.35
CA LEU E 15 -26.59 -29.20 -39.01
C LEU E 15 -27.70 -28.14 -38.91
N THR E 16 -28.65 -28.12 -39.85
CA THR E 16 -29.75 -27.18 -39.73
C THR E 16 -30.47 -27.40 -38.38
N SER E 17 -30.74 -28.66 -38.02
CA SER E 17 -31.39 -28.94 -36.73
C SER E 17 -30.62 -28.36 -35.55
N GLU E 18 -29.31 -28.61 -35.52
CA GLU E 18 -28.44 -28.02 -34.49
C GLU E 18 -28.51 -26.50 -34.47
N LEU E 19 -28.40 -25.85 -35.63
CA LEU E 19 -28.39 -24.41 -35.66
C LEU E 19 -29.71 -23.87 -35.12
N THR E 20 -30.80 -24.56 -35.48
CA THR E 20 -32.11 -24.19 -34.96
C THR E 20 -32.23 -24.42 -33.45
N ALA E 21 -31.72 -25.55 -32.97
CA ALA E 21 -31.77 -25.84 -31.54
C ALA E 21 -30.91 -24.84 -30.75
N ILE E 22 -29.84 -24.32 -31.35
CA ILE E 22 -29.01 -23.34 -30.67
C ILE E 22 -29.88 -22.12 -30.35
N ASN E 23 -30.54 -21.63 -31.37
CA ASN E 23 -31.34 -20.43 -31.22
C ASN E 23 -32.51 -20.64 -30.27
N GLN E 24 -33.17 -21.81 -30.37
CA GLN E 24 -34.36 -22.10 -29.56
C GLN E 24 -34.00 -22.16 -28.08
N TYR E 25 -32.99 -22.94 -27.75
CA TYR E 25 -32.57 -23.13 -26.38
C TYR E 25 -32.02 -21.83 -25.81
N PHE E 26 -31.23 -21.12 -26.62
CA PHE E 26 -30.58 -19.96 -26.12
C PHE E 26 -31.62 -18.90 -25.78
N LEU E 27 -32.57 -18.67 -26.70
CA LEU E 27 -33.71 -17.81 -26.45
C LEU E 27 -34.54 -18.25 -25.23
N HIS E 28 -34.79 -19.54 -25.11
CA HIS E 28 -35.53 -20.04 -23.98
C HIS E 28 -34.83 -19.75 -22.67
N SER E 29 -33.52 -19.95 -22.65
CA SER E 29 -32.76 -19.66 -21.45
C SER E 29 -32.86 -18.20 -21.05
N LYS E 30 -32.76 -17.26 -22.00
CA LYS E 30 -32.81 -15.82 -21.69
C LYS E 30 -34.19 -15.43 -21.26
N MET E 31 -35.20 -16.10 -21.81
CA MET E 31 -36.57 -15.83 -21.44
C MET E 31 -36.84 -16.32 -20.04
N GLN E 32 -36.31 -17.50 -19.73
CA GLN E 32 -36.40 -18.04 -18.37
C GLN E 32 -35.71 -17.12 -17.36
N ASP E 33 -34.60 -16.54 -17.76
CA ASP E 33 -33.89 -15.60 -16.95
C ASP E 33 -34.73 -14.37 -16.63
N ASN E 34 -35.33 -13.79 -17.65
CA ASN E 34 -36.19 -12.63 -17.50
C ASN E 34 -37.41 -12.85 -16.66
N TRP E 35 -37.86 -14.11 -16.59
CA TRP E 35 -39.02 -14.50 -15.81
C TRP E 35 -38.69 -14.74 -14.33
N GLY E 36 -37.41 -14.83 -14.02
CA GLY E 36 -36.98 -15.05 -12.66
C GLY E 36 -36.58 -16.49 -12.42
N PHE E 37 -36.74 -17.35 -13.41
CA PHE E 37 -36.38 -18.72 -13.23
C PHE E 37 -34.90 -18.89 -13.49
N THR E 38 -34.09 -18.29 -12.64
CA THR E 38 -32.69 -18.17 -12.96
C THR E 38 -31.98 -19.51 -12.86
N GLU E 39 -32.36 -20.36 -11.92
CA GLU E 39 -31.67 -21.64 -11.76
C GLU E 39 -31.97 -22.55 -12.95
N LEU E 40 -33.21 -22.55 -13.41
CA LEU E 40 -33.56 -23.26 -14.62
C LEU E 40 -32.82 -22.68 -15.84
N ALA E 41 -32.71 -21.35 -15.91
CA ALA E 41 -32.06 -20.74 -17.05
C ALA E 41 -30.64 -21.24 -17.27
N GLU E 42 -29.89 -21.48 -16.19
CA GLU E 42 -28.51 -21.97 -16.25
C GLU E 42 -28.51 -23.31 -16.96
N HIS E 43 -29.49 -24.16 -16.66
CA HIS E 43 -29.54 -25.46 -17.30
C HIS E 43 -29.90 -25.38 -18.81
N THR E 44 -30.89 -24.58 -19.17
CA THR E 44 -31.23 -24.39 -20.58
C THR E 44 -30.06 -23.77 -21.38
N ARG E 45 -29.35 -22.82 -20.78
CA ARG E 45 -28.18 -22.22 -21.40
C ARG E 45 -27.16 -23.30 -21.74
N ALA E 46 -26.82 -24.13 -20.76
CA ALA E 46 -25.93 -25.26 -21.03
C ALA E 46 -26.44 -26.13 -22.20
N GLU E 47 -27.73 -26.46 -22.25
CA GLU E 47 -28.22 -27.21 -23.41
C GLU E 47 -27.87 -26.47 -24.71
N SER E 48 -28.06 -25.18 -24.74
CA SER E 48 -27.71 -24.40 -25.93
C SER E 48 -26.23 -24.52 -26.32
N PHE E 49 -25.31 -24.56 -25.36
CA PHE E 49 -23.91 -24.73 -25.65
C PHE E 49 -23.60 -26.14 -26.20
N GLU E 50 -24.33 -27.14 -25.71
CA GLU E 50 -24.17 -28.51 -26.21
C GLU E 50 -24.51 -28.50 -27.69
N GLU E 51 -25.52 -27.73 -28.05
CA GLU E 51 -25.96 -27.66 -29.41
C GLU E 51 -24.93 -26.95 -30.28
N MET E 52 -24.35 -25.88 -29.74
CA MET E 52 -23.22 -25.22 -30.38
C MET E 52 -22.09 -26.21 -30.72
N ARG E 53 -21.77 -27.09 -29.77
CA ARG E 53 -20.73 -28.09 -29.98
C ARG E 53 -21.12 -29.10 -31.03
N HIS E 54 -22.39 -29.52 -31.05
CA HIS E 54 -22.84 -30.43 -32.11
C HIS E 54 -22.73 -29.75 -33.50
N ALA E 55 -23.10 -28.48 -33.58
CA ALA E 55 -23.00 -27.79 -34.84
C ALA E 55 -21.54 -27.77 -35.28
N GLU E 56 -20.65 -27.43 -34.37
CA GLU E 56 -19.22 -27.41 -34.72
C GLU E 56 -18.69 -28.80 -35.21
N THR E 57 -18.90 -29.83 -34.40
CA THR E 57 -18.54 -31.18 -34.78
C THR E 57 -19.05 -31.57 -36.18
N ILE E 58 -20.32 -31.31 -36.49
CA ILE E 58 -20.85 -31.61 -37.80
C ILE E 58 -20.15 -30.78 -38.89
N THR E 59 -19.88 -29.49 -38.60
CA THR E 59 -19.28 -28.62 -39.61
C THR E 59 -17.93 -29.19 -40.02
N ASP E 60 -17.11 -29.54 -39.03
CA ASP E 60 -15.83 -30.17 -39.31
C ASP E 60 -15.95 -31.37 -40.25
N ARG E 61 -16.86 -32.26 -39.97
CA ARG E 61 -16.95 -33.46 -40.76
C ARG E 61 -17.39 -33.15 -42.19
N ILE E 62 -18.33 -32.23 -42.32
CA ILE E 62 -18.77 -31.78 -43.63
C ILE E 62 -17.58 -31.22 -44.39
N LEU E 63 -16.77 -30.40 -43.72
CA LEU E 63 -15.59 -29.84 -44.37
C LEU E 63 -14.53 -30.88 -44.75
N LEU E 64 -14.26 -31.82 -43.86
CA LEU E 64 -13.30 -32.87 -44.11
C LEU E 64 -13.76 -33.74 -45.27
N LEU E 65 -15.07 -33.82 -45.50
CA LEU E 65 -15.60 -34.58 -46.66
C LEU E 65 -15.81 -33.71 -47.91
N ASP E 66 -15.19 -32.54 -47.91
CA ASP E 66 -15.29 -31.54 -49.01
C ASP E 66 -16.70 -31.11 -49.32
N GLY E 67 -17.57 -31.11 -48.31
CA GLY E 67 -18.94 -30.61 -48.47
C GLY E 67 -19.03 -29.10 -48.22
N LEU E 68 -20.24 -28.54 -48.36
CA LEU E 68 -20.47 -27.11 -48.02
C LEU E 68 -21.43 -26.99 -46.82
N PRO E 69 -20.90 -26.64 -45.64
CA PRO E 69 -21.80 -26.59 -44.53
C PRO E 69 -22.81 -25.47 -44.75
N ASN E 70 -24.06 -25.76 -44.49
CA ASN E 70 -25.10 -24.80 -44.71
C ASN E 70 -25.35 -24.00 -43.43
N TYR E 71 -24.85 -22.78 -43.37
CA TYR E 71 -25.12 -21.94 -42.21
C TYR E 71 -26.20 -20.90 -42.54
N GLN E 72 -26.94 -21.10 -43.61
CA GLN E 72 -27.90 -20.06 -44.05
C GLN E 72 -29.33 -20.39 -43.63
N ARG E 73 -29.65 -21.69 -43.61
CA ARG E 73 -30.99 -22.24 -43.37
C ARG E 73 -31.27 -22.48 -41.87
N LEU E 74 -32.44 -22.05 -41.39
CA LEU E 74 -32.98 -22.41 -40.07
C LEU E 74 -34.36 -23.06 -40.26
N PHE E 75 -34.77 -23.97 -39.38
CA PHE E 75 -36.15 -24.44 -39.35
C PHE E 75 -36.98 -23.40 -38.55
N SER E 76 -38.28 -23.63 -38.42
CA SER E 76 -39.12 -22.78 -37.60
C SER E 76 -38.81 -22.89 -36.11
N LEU E 77 -38.55 -21.76 -35.47
CA LEU E 77 -38.42 -21.77 -34.01
C LEU E 77 -39.78 -21.92 -33.36
N ARG E 78 -39.84 -22.71 -32.30
CA ARG E 78 -41.01 -22.72 -31.45
C ARG E 78 -40.59 -22.03 -30.19
N VAL E 79 -41.14 -20.84 -29.97
CA VAL E 79 -40.82 -19.99 -28.86
C VAL E 79 -41.94 -20.17 -27.86
N GLY E 80 -41.73 -20.91 -26.79
CA GLY E 80 -42.85 -21.13 -25.84
C GLY E 80 -43.14 -19.94 -24.94
N GLN E 81 -44.37 -19.77 -24.51
CA GLN E 81 -44.73 -18.61 -23.69
C GLN E 81 -44.84 -18.92 -22.19
N THR E 82 -44.61 -20.19 -21.83
CA THR E 82 -44.57 -20.67 -20.42
C THR E 82 -43.49 -21.76 -20.32
N LEU E 83 -43.09 -22.12 -19.10
CA LEU E 83 -42.12 -23.16 -18.90
C LEU E 83 -42.54 -24.47 -19.57
N ARG E 84 -43.80 -24.87 -19.36
CA ARG E 84 -44.29 -26.13 -19.91
C ARG E 84 -44.26 -26.12 -21.45
N GLU E 85 -44.68 -25.00 -22.03
CA GLU E 85 -44.55 -24.80 -23.47
C GLU E 85 -43.09 -24.88 -23.96
N GLN E 86 -42.14 -24.39 -23.17
CA GLN E 86 -40.75 -24.36 -23.60
C GLN E 86 -40.15 -25.77 -23.60
N PHE E 87 -40.41 -26.56 -22.56
CA PHE E 87 -40.03 -27.99 -22.57
C PHE E 87 -40.65 -28.69 -23.75
N GLU E 88 -41.94 -28.50 -24.00
CA GLU E 88 -42.57 -29.14 -25.12
C GLU E 88 -42.00 -28.73 -26.48
N ALA E 89 -41.66 -27.46 -26.64
CA ALA E 89 -41.07 -26.99 -27.88
C ALA E 89 -39.70 -27.64 -28.10
N ASP E 90 -38.89 -27.68 -27.03
CA ASP E 90 -37.56 -28.24 -27.10
C ASP E 90 -37.62 -29.75 -27.27
N LEU E 91 -38.62 -30.37 -26.67
CA LEU E 91 -38.86 -31.78 -26.85
C LEU E 91 -39.24 -32.10 -28.30
N ALA E 92 -40.02 -31.24 -28.92
CA ALA E 92 -40.42 -31.47 -30.32
C ALA E 92 -39.20 -31.52 -31.26
N ILE E 93 -38.20 -30.68 -31.02
CA ILE E 93 -37.01 -30.66 -31.90
C ILE E 93 -36.17 -31.87 -31.67
N GLU E 94 -36.02 -32.27 -30.42
CA GLU E 94 -35.17 -33.42 -30.13
C GLU E 94 -35.76 -34.71 -30.72
N TYR E 95 -37.09 -34.81 -30.73
CA TYR E 95 -37.73 -35.94 -31.38
C TYR E 95 -37.52 -35.89 -32.89
N GLU E 96 -37.44 -34.69 -33.46
CA GLU E 96 -37.19 -34.58 -34.89
C GLU E 96 -35.79 -35.11 -35.20
N VAL E 97 -34.85 -34.85 -34.31
CA VAL E 97 -33.50 -35.36 -34.48
C VAL E 97 -33.46 -36.89 -34.45
N LEU E 98 -34.10 -37.51 -33.45
CA LEU E 98 -34.33 -38.94 -33.48
C LEU E 98 -34.89 -39.49 -34.83
N GLU E 99 -35.98 -38.94 -35.34
CA GLU E 99 -36.58 -39.40 -36.59
C GLU E 99 -35.56 -39.38 -37.73
N ARG E 100 -34.68 -38.38 -37.74
CA ARG E 100 -33.67 -38.24 -38.79
C ARG E 100 -32.47 -39.17 -38.61
N LEU E 101 -31.89 -39.15 -37.41
CA LEU E 101 -30.67 -39.88 -37.11
C LEU E 101 -30.80 -41.41 -36.99
N LYS E 102 -31.96 -41.92 -36.55
CA LYS E 102 -32.13 -43.35 -36.42
C LYS E 102 -31.93 -44.06 -37.79
N PRO E 103 -32.71 -43.69 -38.83
CA PRO E 103 -32.33 -44.24 -40.14
C PRO E 103 -31.03 -43.64 -40.73
N GLY E 104 -30.67 -42.42 -40.34
CA GLY E 104 -29.43 -41.79 -40.81
C GLY E 104 -28.18 -42.61 -40.51
N ILE E 105 -28.07 -43.11 -39.28
CA ILE E 105 -26.92 -43.85 -38.84
C ILE E 105 -26.84 -45.12 -39.66
N VAL E 106 -27.97 -45.83 -39.78
CA VAL E 106 -28.05 -47.00 -40.66
C VAL E 106 -27.60 -46.66 -42.08
N LEU E 107 -28.03 -45.49 -42.59
CA LEU E 107 -27.64 -45.06 -43.93
C LEU E 107 -26.11 -44.82 -44.09
N CYS E 108 -25.50 -44.12 -43.15
CA CYS E 108 -24.04 -43.98 -43.17
C CYS E 108 -23.27 -45.30 -43.24
N ARG E 109 -23.70 -46.28 -42.45
CA ARG E 109 -23.02 -47.56 -42.44
C ARG E 109 -23.22 -48.33 -43.72
N GLU E 110 -24.42 -48.27 -44.32
CA GLU E 110 -24.67 -48.87 -45.67
C GLU E 110 -23.70 -48.23 -46.68
N LYS E 111 -23.58 -46.89 -46.65
CA LYS E 111 -22.67 -46.15 -47.52
C LYS E 111 -21.20 -46.34 -47.15
N GLN E 112 -20.94 -47.14 -46.13
CA GLN E 112 -19.59 -47.45 -45.66
C GLN E 112 -18.85 -46.22 -45.10
N ASP E 113 -19.57 -45.24 -44.60
CA ASP E 113 -18.96 -44.13 -43.88
C ASP E 113 -19.15 -44.32 -42.34
N ALA E 114 -18.42 -45.25 -41.79
CA ALA E 114 -18.55 -45.54 -40.38
C ALA E 114 -18.19 -44.34 -39.50
N THR E 115 -17.28 -43.49 -39.97
CA THR E 115 -16.78 -42.39 -39.19
C THR E 115 -17.90 -41.35 -39.04
N SER E 116 -18.61 -41.01 -40.12
CA SER E 116 -19.80 -40.18 -40.01
C SER E 116 -20.87 -40.85 -39.15
N ALA E 117 -21.02 -42.17 -39.26
CA ALA E 117 -22.00 -42.92 -38.46
C ALA E 117 -21.75 -42.76 -36.96
N ARG E 118 -20.49 -42.91 -36.57
CA ARG E 118 -20.07 -42.80 -35.16
C ARG E 118 -20.30 -41.39 -34.68
N LEU E 119 -19.99 -40.40 -35.52
CA LEU E 119 -20.21 -39.05 -35.14
C LEU E 119 -21.71 -38.86 -34.86
N LEU E 120 -22.59 -39.36 -35.75
CA LEU E 120 -24.01 -39.19 -35.50
C LEU E 120 -24.53 -40.08 -34.35
N GLU E 121 -23.85 -41.19 -34.09
CA GLU E 121 -24.24 -42.01 -32.95
C GLU E 121 -23.97 -41.23 -31.67
N GLN E 122 -22.85 -40.50 -31.63
CA GLN E 122 -22.59 -39.66 -30.46
C GLN E 122 -23.60 -38.52 -30.27
N ILE E 123 -23.95 -37.84 -31.35
CA ILE E 123 -25.02 -36.87 -31.24
C ILE E 123 -26.34 -37.52 -30.79
N LEU E 124 -26.72 -38.63 -31.42
CA LEU E 124 -27.95 -39.33 -31.04
C LEU E 124 -28.01 -39.58 -29.51
N ALA E 125 -26.95 -40.13 -28.92
CA ALA E 125 -26.96 -40.41 -27.51
C ALA E 125 -27.13 -39.11 -26.68
N ASP E 126 -26.43 -38.03 -27.04
CA ASP E 126 -26.62 -36.72 -26.42
C ASP E 126 -28.07 -36.28 -26.50
N GLU E 127 -28.69 -36.32 -27.68
CA GLU E 127 -30.09 -35.89 -27.77
C GLU E 127 -31.06 -36.79 -27.01
N GLU E 128 -30.77 -38.09 -26.89
CA GLU E 128 -31.65 -38.96 -26.10
C GLU E 128 -31.57 -38.54 -24.63
N THR E 129 -30.38 -38.15 -24.18
CA THR E 129 -30.25 -37.60 -22.84
C THR E 129 -31.07 -36.33 -22.62
N HIS E 130 -31.05 -35.38 -23.56
CA HIS E 130 -31.94 -34.22 -23.48
C HIS E 130 -33.40 -34.63 -23.43
N ILE E 131 -33.82 -35.51 -24.34
CA ILE E 131 -35.18 -36.00 -24.33
C ILE E 131 -35.53 -36.55 -22.95
N ASP E 132 -34.62 -37.29 -22.34
CA ASP E 132 -34.94 -37.83 -21.05
C ASP E 132 -35.10 -36.75 -19.97
N TYR E 133 -34.19 -35.76 -19.96
CA TYR E 133 -34.31 -34.63 -19.05
C TYR E 133 -35.68 -33.88 -19.27
N LEU E 134 -36.01 -33.59 -20.53
CA LEU E 134 -37.22 -32.85 -20.88
C LEU E 134 -38.49 -33.58 -20.49
N GLU E 135 -38.57 -34.86 -20.82
CA GLU E 135 -39.73 -35.65 -20.48
C GLU E 135 -39.89 -35.81 -18.98
N THR E 136 -38.78 -35.86 -18.26
CA THR E 136 -38.83 -35.93 -16.81
C THR E 136 -39.34 -34.62 -16.19
N GLN E 137 -38.88 -33.49 -16.70
CA GLN E 137 -39.41 -32.20 -16.26
C GLN E 137 -40.92 -32.10 -16.46
N LEU E 138 -41.41 -32.53 -17.63
CA LEU E 138 -42.87 -32.47 -17.86
C LEU E 138 -43.65 -33.37 -16.91
N GLN E 139 -43.09 -34.54 -16.57
CA GLN E 139 -43.69 -35.42 -15.56
C GLN E 139 -43.64 -34.81 -14.18
N LEU E 140 -42.55 -34.15 -13.86
CA LEU E 140 -42.42 -33.54 -12.56
C LEU E 140 -43.41 -32.41 -12.38
N MET E 141 -43.61 -31.59 -13.42
CA MET E 141 -44.62 -30.54 -13.32
C MET E 141 -45.99 -31.16 -13.00
N ASP E 142 -46.31 -32.29 -13.62
CA ASP E 142 -47.59 -32.92 -13.33
C ASP E 142 -47.64 -33.46 -11.92
N LYS E 143 -46.53 -33.98 -11.39
CA LYS E 143 -46.53 -34.47 -10.03
C LYS E 143 -46.52 -33.36 -9.01
N LEU E 144 -45.72 -32.32 -9.21
CA LEU E 144 -45.63 -31.24 -8.21
C LEU E 144 -46.70 -30.18 -8.40
N GLY E 145 -47.14 -29.95 -9.63
CA GLY E 145 -48.03 -28.83 -9.95
C GLY E 145 -47.14 -27.74 -10.48
N ASP E 146 -47.66 -26.94 -11.41
CA ASP E 146 -46.83 -25.89 -12.06
C ASP E 146 -46.19 -24.92 -11.07
N ALA E 147 -47.00 -24.38 -10.17
CA ALA E 147 -46.50 -23.41 -9.18
C ALA E 147 -45.29 -23.98 -8.42
N LEU E 148 -45.48 -25.14 -7.80
CA LEU E 148 -44.47 -25.76 -6.94
C LEU E 148 -43.25 -26.20 -7.72
N TYR E 149 -43.45 -26.65 -8.95
CA TYR E 149 -42.33 -26.99 -9.79
C TYR E 149 -41.53 -25.74 -10.09
N ALA E 150 -42.20 -24.68 -10.51
CA ALA E 150 -41.54 -23.43 -10.86
C ALA E 150 -40.79 -22.85 -9.66
N ALA E 151 -41.29 -23.06 -8.44
CA ALA E 151 -40.57 -22.60 -7.24
C ALA E 151 -39.20 -23.32 -7.05
N GLN E 152 -39.00 -24.43 -7.75
CA GLN E 152 -37.70 -25.12 -7.72
C GLN E 152 -36.74 -24.53 -8.77
N CYS E 153 -37.24 -23.58 -9.56
CA CYS E 153 -36.43 -23.00 -10.62
C CYS E 153 -35.87 -21.61 -10.28
N VAL E 154 -36.16 -21.11 -9.10
CA VAL E 154 -35.76 -19.78 -8.70
C VAL E 154 -34.71 -19.95 -7.60
N SER E 155 -33.93 -18.91 -7.35
CA SER E 155 -32.98 -19.02 -6.27
C SER E 155 -33.63 -18.51 -4.97
N ARG E 156 -32.90 -18.57 -3.85
CA ARG E 156 -33.38 -18.05 -2.59
C ARG E 156 -32.39 -17.01 -2.16
N PRO E 157 -32.76 -15.72 -2.20
CA PRO E 157 -34.06 -15.15 -2.65
C PRO E 157 -34.09 -15.13 -4.18
N PRO E 158 -35.28 -15.27 -4.79
CA PRO E 158 -35.33 -15.28 -6.27
C PRO E 158 -34.72 -14.02 -6.88
N GLY E 159 -34.10 -14.17 -8.04
CA GLY E 159 -33.42 -13.09 -8.71
C GLY E 159 -33.96 -12.76 -10.10
N SER E 160 -33.03 -12.39 -11.00
CA SER E 160 -33.40 -11.66 -12.23
C SER E 160 -32.34 -11.86 -13.28
N ALA E 161 -32.61 -11.43 -14.51
CA ALA E 161 -31.67 -11.51 -15.66
C ALA E 161 -30.17 -11.15 -15.36
N MET F 1 -40.24 -3.01 -18.15
CA MET F 1 -40.39 -1.66 -18.76
C MET F 1 -40.80 -1.78 -20.22
N GLN F 2 -41.55 -0.82 -20.74
CA GLN F 2 -41.85 -0.87 -22.16
C GLN F 2 -40.84 -0.03 -22.90
N GLY F 3 -40.15 -0.65 -23.86
CA GLY F 3 -39.20 0.09 -24.66
C GLY F 3 -39.91 0.84 -25.76
N ASP F 4 -39.25 1.89 -26.24
CA ASP F 4 -39.73 2.60 -27.42
C ASP F 4 -39.78 1.65 -28.64
N PRO F 5 -40.92 1.61 -29.36
CA PRO F 5 -41.02 0.71 -30.55
C PRO F 5 -39.94 0.90 -31.65
N ASP F 6 -39.46 2.12 -31.88
CA ASP F 6 -38.40 2.33 -32.87
C ASP F 6 -37.00 1.85 -32.41
N VAL F 7 -36.73 2.04 -31.13
CA VAL F 7 -35.56 1.50 -30.50
C VAL F 7 -35.55 -0.03 -30.55
N LEU F 8 -36.71 -0.67 -30.35
CA LEU F 8 -36.78 -2.14 -30.39
C LEU F 8 -36.59 -2.67 -31.80
N LYS F 9 -37.17 -1.97 -32.76
CA LYS F 9 -36.96 -2.24 -34.18
C LYS F 9 -35.44 -2.18 -34.49
N LEU F 10 -34.74 -1.17 -33.97
CA LEU F 10 -33.34 -0.99 -34.28
C LEU F 10 -32.51 -2.06 -33.59
N LEU F 11 -32.74 -2.30 -32.29
CA LEU F 11 -32.07 -3.42 -31.59
C LEU F 11 -32.27 -4.76 -32.28
N ASN F 12 -33.48 -5.02 -32.73
CA ASN F 12 -33.75 -6.21 -33.52
C ASN F 12 -33.02 -6.29 -34.86
N GLU F 13 -32.94 -5.16 -35.59
CA GLU F 13 -32.13 -5.16 -36.83
C GLU F 13 -30.67 -5.50 -36.52
N GLN F 14 -30.12 -4.85 -35.52
CA GLN F 14 -28.75 -5.12 -35.09
C GLN F 14 -28.56 -6.59 -34.68
N LEU F 15 -29.55 -7.14 -33.96
CA LEU F 15 -29.51 -8.55 -33.57
C LEU F 15 -29.40 -9.46 -34.77
N THR F 16 -30.19 -9.18 -35.81
CA THR F 16 -30.08 -9.95 -37.06
C THR F 16 -28.68 -9.85 -37.64
N SER F 17 -28.10 -8.64 -37.59
CA SER F 17 -26.73 -8.47 -38.10
C SER F 17 -25.68 -9.31 -37.34
N GLU F 18 -25.78 -9.34 -36.01
CA GLU F 18 -24.88 -10.17 -35.20
C GLU F 18 -25.09 -11.65 -35.49
N LEU F 19 -26.33 -12.09 -35.54
CA LEU F 19 -26.60 -13.49 -35.76
C LEU F 19 -25.94 -13.90 -37.08
N THR F 20 -26.04 -13.02 -38.07
CA THR F 20 -25.44 -13.29 -39.36
C THR F 20 -23.91 -13.31 -39.25
N ALA F 21 -23.34 -12.34 -38.55
CA ALA F 21 -21.92 -12.26 -38.34
C ALA F 21 -21.41 -13.50 -37.61
N ILE F 22 -22.11 -14.01 -36.60
CA ILE F 22 -21.65 -15.25 -35.94
C ILE F 22 -21.45 -16.35 -36.98
N ASN F 23 -22.47 -16.58 -37.81
CA ASN F 23 -22.41 -17.66 -38.77
C ASN F 23 -21.31 -17.42 -39.81
N GLN F 24 -21.13 -16.16 -40.24
CA GLN F 24 -20.19 -15.91 -41.32
C GLN F 24 -18.78 -16.08 -40.83
N TYR F 25 -18.46 -15.45 -39.69
CA TYR F 25 -17.17 -15.56 -39.05
C TYR F 25 -16.87 -17.02 -38.66
N PHE F 26 -17.82 -17.69 -38.01
CA PHE F 26 -17.53 -19.01 -37.57
C PHE F 26 -17.23 -19.96 -38.74
N LEU F 27 -18.01 -19.87 -39.82
CA LEU F 27 -17.76 -20.65 -41.02
C LEU F 27 -16.42 -20.27 -41.65
N HIS F 28 -16.09 -18.98 -41.72
CA HIS F 28 -14.81 -18.58 -42.28
C HIS F 28 -13.66 -19.21 -41.49
N SER F 29 -13.76 -19.15 -40.16
CA SER F 29 -12.70 -19.71 -39.34
C SER F 29 -12.52 -21.21 -39.58
N LYS F 30 -13.61 -21.95 -39.75
CA LYS F 30 -13.54 -23.39 -39.98
C LYS F 30 -12.96 -23.67 -41.35
N MET F 31 -13.27 -22.80 -42.31
CA MET F 31 -12.75 -22.95 -43.66
C MET F 31 -11.29 -22.67 -43.65
N GLN F 32 -10.89 -21.65 -42.89
CA GLN F 32 -9.50 -21.27 -42.77
C GLN F 32 -8.69 -22.41 -42.18
N ASP F 33 -9.28 -23.08 -41.21
CA ASP F 33 -8.66 -24.20 -40.55
C ASP F 33 -8.41 -25.36 -41.53
N ASN F 34 -9.43 -25.69 -42.32
CA ASN F 34 -9.31 -26.74 -43.33
C ASN F 34 -8.34 -26.45 -44.45
N TRP F 35 -8.07 -25.18 -44.72
CA TRP F 35 -7.09 -24.80 -45.72
C TRP F 35 -5.67 -24.85 -45.17
N GLY F 36 -5.52 -24.98 -43.86
CA GLY F 36 -4.21 -24.97 -43.26
C GLY F 36 -3.80 -23.67 -42.64
N PHE F 37 -4.62 -22.65 -42.76
CA PHE F 37 -4.27 -21.37 -42.16
C PHE F 37 -4.74 -21.35 -40.72
N THR F 38 -4.17 -22.23 -39.92
CA THR F 38 -4.68 -22.46 -38.58
C THR F 38 -4.48 -21.25 -37.65
N GLU F 39 -3.41 -20.49 -37.86
CA GLU F 39 -3.12 -19.35 -36.98
C GLU F 39 -4.12 -18.25 -37.23
N LEU F 40 -4.41 -17.99 -38.50
CA LEU F 40 -5.46 -17.08 -38.86
C LEU F 40 -6.81 -17.54 -38.34
N ALA F 41 -7.07 -18.85 -38.42
CA ALA F 41 -8.37 -19.40 -38.00
C ALA F 41 -8.73 -19.08 -36.54
N GLU F 42 -7.72 -19.04 -35.67
CA GLU F 42 -7.91 -18.79 -34.26
C GLU F 42 -8.42 -17.37 -34.05
N HIS F 43 -7.89 -16.45 -34.86
CA HIS F 43 -8.32 -15.08 -34.75
C HIS F 43 -9.75 -14.95 -35.28
N THR F 44 -10.05 -15.59 -36.41
CA THR F 44 -11.38 -15.45 -36.97
C THR F 44 -12.43 -16.11 -36.00
N ARG F 45 -12.09 -17.27 -35.46
CA ARG F 45 -12.92 -17.87 -34.44
C ARG F 45 -13.24 -16.85 -33.34
N ALA F 46 -12.21 -16.24 -32.74
CA ALA F 46 -12.38 -15.24 -31.67
C ALA F 46 -13.37 -14.14 -32.09
N GLU F 47 -13.25 -13.63 -33.32
CA GLU F 47 -14.18 -12.62 -33.75
C GLU F 47 -15.61 -13.16 -33.78
N SER F 48 -15.74 -14.44 -34.12
CA SER F 48 -17.03 -15.14 -33.97
C SER F 48 -17.63 -15.07 -32.54
N PHE F 49 -16.83 -15.35 -31.54
CA PHE F 49 -17.31 -15.35 -30.18
C PHE F 49 -17.67 -13.95 -29.72
N GLU F 50 -16.99 -12.96 -30.29
CA GLU F 50 -17.28 -11.62 -29.94
C GLU F 50 -18.67 -11.27 -30.48
N GLU F 51 -19.03 -11.78 -31.66
CA GLU F 51 -20.34 -11.54 -32.19
C GLU F 51 -21.40 -12.27 -31.36
N MET F 52 -21.08 -13.48 -30.91
CA MET F 52 -21.95 -14.16 -29.98
C MET F 52 -22.22 -13.31 -28.74
N ARG F 53 -21.19 -12.70 -28.18
CA ARG F 53 -21.41 -11.79 -27.08
C ARG F 53 -22.32 -10.63 -27.40
N HIS F 54 -22.14 -9.99 -28.58
CA HIS F 54 -23.01 -8.89 -28.99
C HIS F 54 -24.47 -9.33 -29.15
N ALA F 55 -24.70 -10.48 -29.76
CA ALA F 55 -26.01 -11.05 -29.87
C ALA F 55 -26.62 -11.20 -28.47
N GLU F 56 -25.84 -11.72 -27.51
CA GLU F 56 -26.36 -11.90 -26.15
C GLU F 56 -26.78 -10.57 -25.50
N THR F 57 -25.84 -9.62 -25.42
CA THR F 57 -26.08 -8.29 -24.90
C THR F 57 -27.37 -7.69 -25.47
N ILE F 58 -27.54 -7.71 -26.79
CA ILE F 58 -28.71 -7.14 -27.40
C ILE F 58 -29.95 -7.92 -26.94
N THR F 59 -29.88 -9.25 -26.93
CA THR F 59 -31.02 -10.06 -26.54
C THR F 59 -31.51 -9.59 -25.19
N ASP F 60 -30.59 -9.47 -24.22
CA ASP F 60 -30.94 -9.01 -22.87
C ASP F 60 -31.68 -7.70 -22.88
N ARG F 61 -31.15 -6.72 -23.61
CA ARG F 61 -31.79 -5.42 -23.61
C ARG F 61 -33.20 -5.48 -24.25
N ILE F 62 -33.34 -6.22 -25.35
CA ILE F 62 -34.65 -6.39 -25.94
C ILE F 62 -35.62 -6.95 -24.91
N LEU F 63 -35.20 -7.95 -24.16
CA LEU F 63 -36.06 -8.57 -23.16
C LEU F 63 -36.41 -7.62 -22.01
N LEU F 64 -35.43 -6.87 -21.55
CA LEU F 64 -35.59 -5.91 -20.48
C LEU F 64 -36.63 -4.87 -20.92
N LEU F 65 -36.65 -4.56 -22.21
CA LEU F 65 -37.58 -3.56 -22.77
C LEU F 65 -38.90 -4.18 -23.22
N ASP F 66 -39.15 -5.44 -22.80
CA ASP F 66 -40.38 -6.19 -23.10
C ASP F 66 -40.57 -6.48 -24.57
N GLY F 67 -39.48 -6.54 -25.33
CA GLY F 67 -39.57 -6.78 -26.77
C GLY F 67 -39.44 -8.24 -27.07
N LEU F 68 -39.52 -8.57 -28.35
CA LEU F 68 -39.37 -9.94 -28.85
C LEU F 68 -38.05 -10.08 -29.64
N PRO F 69 -37.01 -10.70 -29.04
CA PRO F 69 -35.77 -10.94 -29.77
C PRO F 69 -36.05 -11.81 -31.01
N ASN F 70 -35.56 -11.38 -32.17
CA ASN F 70 -35.79 -12.15 -33.35
C ASN F 70 -34.63 -13.12 -33.61
N TYR F 71 -34.85 -14.39 -33.32
CA TYR F 71 -33.81 -15.36 -33.58
C TYR F 71 -34.11 -16.14 -34.83
N GLN F 72 -35.12 -15.74 -35.58
CA GLN F 72 -35.50 -16.48 -36.81
C GLN F 72 -34.78 -16.03 -38.09
N ARG F 73 -34.57 -14.71 -38.20
CA ARG F 73 -34.13 -14.03 -39.42
C ARG F 73 -32.61 -14.01 -39.47
N LEU F 74 -32.03 -14.39 -40.61
CA LEU F 74 -30.62 -14.08 -40.93
C LEU F 74 -30.56 -13.26 -42.23
N PHE F 75 -29.52 -12.45 -42.39
CA PHE F 75 -29.23 -11.84 -43.70
C PHE F 75 -28.49 -12.82 -44.62
N SER F 76 -28.14 -12.41 -45.83
CA SER F 76 -27.41 -13.30 -46.70
C SER F 76 -25.96 -13.45 -46.30
N LEU F 77 -25.51 -14.69 -46.13
CA LEU F 77 -24.10 -14.94 -45.86
C LEU F 77 -23.28 -14.70 -47.11
N ARG F 78 -22.15 -14.04 -46.95
CA ARG F 78 -21.13 -13.95 -47.95
C ARG F 78 -20.03 -14.93 -47.52
N VAL F 79 -19.92 -16.04 -48.24
CA VAL F 79 -18.97 -17.08 -47.92
C VAL F 79 -17.81 -16.96 -48.87
N GLY F 80 -16.69 -16.41 -48.44
CA GLY F 80 -15.61 -16.21 -49.41
C GLY F 80 -14.87 -17.50 -49.77
N GLN F 81 -14.34 -17.56 -50.99
CA GLN F 81 -13.63 -18.75 -51.45
C GLN F 81 -12.12 -18.64 -51.34
N THR F 82 -11.63 -17.50 -50.83
CA THR F 82 -10.18 -17.21 -50.67
C THR F 82 -10.01 -16.34 -49.44
N LEU F 83 -8.80 -16.26 -48.89
CA LEU F 83 -8.57 -15.35 -47.75
C LEU F 83 -9.01 -13.89 -48.03
N ARG F 84 -8.58 -13.33 -49.16
CA ARG F 84 -8.92 -11.96 -49.50
C ARG F 84 -10.46 -11.79 -49.58
N GLU F 85 -11.13 -12.74 -50.23
CA GLU F 85 -12.60 -12.71 -50.27
C GLU F 85 -13.26 -12.76 -48.89
N GLN F 86 -12.72 -13.60 -48.01
CA GLN F 86 -13.26 -13.70 -46.66
C GLN F 86 -13.15 -12.38 -45.90
N PHE F 87 -11.97 -11.76 -45.93
CA PHE F 87 -11.80 -10.46 -45.33
C PHE F 87 -12.78 -9.44 -45.93
N GLU F 88 -12.94 -9.47 -47.25
CA GLU F 88 -13.86 -8.52 -47.90
C GLU F 88 -15.31 -8.78 -47.50
N ALA F 89 -15.67 -10.05 -47.39
CA ALA F 89 -16.99 -10.45 -46.94
C ALA F 89 -17.27 -9.94 -45.54
N ASP F 90 -16.32 -10.15 -44.64
CA ASP F 90 -16.53 -9.77 -43.25
C ASP F 90 -16.45 -8.27 -43.07
N LEU F 91 -15.63 -7.61 -43.88
CA LEU F 91 -15.60 -6.15 -43.93
C LEU F 91 -16.95 -5.60 -44.39
N ALA F 92 -17.59 -6.26 -45.37
CA ALA F 92 -18.85 -5.77 -45.92
C ALA F 92 -19.94 -5.74 -44.85
N ILE F 93 -19.96 -6.73 -43.95
CA ILE F 93 -21.02 -6.70 -42.94
C ILE F 93 -20.72 -5.82 -41.74
N GLU F 94 -19.43 -5.58 -41.47
CA GLU F 94 -19.08 -4.59 -40.46
C GLU F 94 -19.46 -3.18 -40.94
N TYR F 95 -19.25 -2.89 -42.22
CA TYR F 95 -19.68 -1.59 -42.78
C TYR F 95 -21.19 -1.40 -42.70
N GLU F 96 -21.96 -2.49 -42.86
CA GLU F 96 -23.42 -2.40 -42.70
C GLU F 96 -23.77 -2.05 -41.26
N VAL F 97 -22.98 -2.56 -40.32
CA VAL F 97 -23.24 -2.25 -38.91
C VAL F 97 -23.07 -0.74 -38.68
N LEU F 98 -21.94 -0.20 -39.12
CA LEU F 98 -21.75 1.23 -39.13
C LEU F 98 -22.93 2.05 -39.71
N GLU F 99 -23.36 1.74 -40.93
CA GLU F 99 -24.41 2.50 -41.58
C GLU F 99 -25.67 2.51 -40.72
N ARG F 100 -25.92 1.40 -40.00
CA ARG F 100 -27.11 1.27 -39.13
C ARG F 100 -26.92 2.01 -37.78
N LEU F 101 -25.79 1.76 -37.10
CA LEU F 101 -25.62 2.22 -35.74
C LEU F 101 -25.27 3.70 -35.59
N LYS F 102 -24.66 4.25 -36.62
CA LYS F 102 -24.30 5.66 -36.58
C LYS F 102 -25.57 6.53 -36.42
N PRO F 103 -26.55 6.44 -37.35
CA PRO F 103 -27.82 7.12 -37.06
C PRO F 103 -28.66 6.46 -35.95
N GLY F 104 -28.51 5.16 -35.72
CA GLY F 104 -29.21 4.47 -34.62
C GLY F 104 -28.93 5.02 -33.22
N ILE F 105 -27.66 5.26 -32.91
CA ILE F 105 -27.28 5.77 -31.65
C ILE F 105 -27.95 7.15 -31.42
N VAL F 106 -27.85 8.04 -32.42
CA VAL F 106 -28.50 9.33 -32.37
C VAL F 106 -30.02 9.18 -32.18
N LEU F 107 -30.63 8.19 -32.83
CA LEU F 107 -32.07 7.96 -32.63
C LEU F 107 -32.42 7.49 -31.21
N CYS F 108 -31.68 6.54 -30.64
CA CYS F 108 -31.85 6.19 -29.22
C CYS F 108 -31.81 7.40 -28.27
N ARG F 109 -30.83 8.28 -28.47
CA ARG F 109 -30.70 9.42 -27.60
C ARG F 109 -31.85 10.41 -27.74
N GLU F 110 -32.36 10.61 -28.97
CA GLU F 110 -33.53 11.49 -29.20
C GLU F 110 -34.79 10.89 -28.60
N LYS F 111 -34.95 9.57 -28.68
CA LYS F 111 -36.02 8.85 -27.97
C LYS F 111 -35.82 8.79 -26.45
N GLN F 112 -34.76 9.43 -25.95
CA GLN F 112 -34.41 9.44 -24.53
C GLN F 112 -34.08 8.04 -23.96
N ASP F 113 -33.64 7.09 -24.79
CA ASP F 113 -33.15 5.82 -24.28
C ASP F 113 -31.61 5.79 -24.28
N ALA F 114 -31.02 6.53 -23.33
CA ALA F 114 -29.57 6.62 -23.21
C ALA F 114 -28.92 5.25 -22.96
N THR F 115 -29.59 4.35 -22.23
CA THR F 115 -28.98 3.08 -21.92
C THR F 115 -28.85 2.21 -23.18
N SER F 116 -29.90 2.15 -24.00
CA SER F 116 -29.79 1.49 -25.29
C SER F 116 -28.69 2.12 -26.15
N ALA F 117 -28.59 3.45 -26.11
CA ALA F 117 -27.60 4.19 -26.92
C ALA F 117 -26.20 3.78 -26.51
N ARG F 118 -25.95 3.72 -25.20
CA ARG F 118 -24.66 3.34 -24.69
C ARG F 118 -24.31 1.88 -25.01
N LEU F 119 -25.34 1.03 -25.06
CA LEU F 119 -25.16 -0.36 -25.45
C LEU F 119 -24.69 -0.48 -26.89
N LEU F 120 -25.30 0.31 -27.77
CA LEU F 120 -24.96 0.29 -29.19
C LEU F 120 -23.66 1.06 -29.44
N GLU F 121 -23.36 2.01 -28.57
CA GLU F 121 -22.08 2.71 -28.60
C GLU F 121 -20.93 1.73 -28.36
N GLN F 122 -21.09 0.86 -27.38
CA GLN F 122 -20.08 -0.20 -27.11
C GLN F 122 -19.92 -1.16 -28.30
N ILE F 123 -21.04 -1.59 -28.86
CA ILE F 123 -20.95 -2.43 -30.04
C ILE F 123 -20.24 -1.72 -31.17
N LEU F 124 -20.67 -0.49 -31.47
CA LEU F 124 -20.07 0.28 -32.55
C LEU F 124 -18.55 0.32 -32.43
N ALA F 125 -18.05 0.63 -31.24
CA ALA F 125 -16.61 0.72 -31.05
C ALA F 125 -15.95 -0.64 -31.29
N ASP F 126 -16.55 -1.73 -30.80
CA ASP F 126 -16.05 -3.07 -31.11
C ASP F 126 -16.01 -3.30 -32.62
N GLU F 127 -17.08 -2.99 -33.34
CA GLU F 127 -17.08 -3.21 -34.80
C GLU F 127 -16.08 -2.28 -35.54
N GLU F 128 -15.82 -1.08 -35.02
CA GLU F 128 -14.81 -0.20 -35.65
C GLU F 128 -13.44 -0.87 -35.53
N THR F 129 -13.16 -1.49 -34.38
CA THR F 129 -11.96 -2.28 -34.21
C THR F 129 -11.84 -3.42 -35.23
N HIS F 130 -12.90 -4.19 -35.46
CA HIS F 130 -12.86 -5.26 -36.46
C HIS F 130 -12.56 -4.71 -37.83
N ILE F 131 -13.27 -3.66 -38.21
CA ILE F 131 -13.02 -2.95 -39.47
C ILE F 131 -11.54 -2.58 -39.58
N ASP F 132 -10.96 -2.03 -38.52
CA ASP F 132 -9.58 -1.68 -38.55
C ASP F 132 -8.69 -2.87 -38.78
N TYR F 133 -8.91 -3.96 -38.06
CA TYR F 133 -8.17 -5.21 -38.27
C TYR F 133 -8.27 -5.70 -39.73
N LEU F 134 -9.50 -5.75 -40.25
CA LEU F 134 -9.77 -6.32 -41.56
C LEU F 134 -9.15 -5.48 -42.68
N GLU F 135 -9.30 -4.15 -42.61
CA GLU F 135 -8.73 -3.22 -43.59
C GLU F 135 -7.21 -3.27 -43.56
N THR F 136 -6.65 -3.46 -42.36
CA THR F 136 -5.20 -3.64 -42.22
C THR F 136 -4.70 -4.94 -42.87
N GLN F 137 -5.43 -6.03 -42.69
CA GLN F 137 -5.05 -7.26 -43.34
C GLN F 137 -5.10 -7.15 -44.86
N LEU F 138 -6.13 -6.51 -45.42
CA LEU F 138 -6.23 -6.37 -46.87
C LEU F 138 -5.07 -5.52 -47.43
N GLN F 139 -4.63 -4.53 -46.64
CA GLN F 139 -3.51 -3.68 -47.03
C GLN F 139 -2.23 -4.49 -46.96
N LEU F 140 -2.09 -5.31 -45.91
CA LEU F 140 -0.89 -6.13 -45.75
C LEU F 140 -0.74 -7.13 -46.85
N MET F 141 -1.85 -7.73 -47.31
CA MET F 141 -1.82 -8.64 -48.46
C MET F 141 -1.22 -7.94 -49.68
N ASP F 142 -1.62 -6.68 -49.89
CA ASP F 142 -1.08 -5.85 -51.00
C ASP F 142 0.41 -5.55 -50.84
N LYS F 143 0.86 -5.21 -49.64
CA LYS F 143 2.29 -4.99 -49.35
C LYS F 143 3.12 -6.27 -49.40
N LEU F 144 2.65 -7.37 -48.82
CA LEU F 144 3.43 -8.59 -48.77
C LEU F 144 3.26 -9.48 -50.03
N GLY F 145 2.07 -9.43 -50.63
CA GLY F 145 1.69 -10.38 -51.66
C GLY F 145 0.90 -11.49 -51.01
N ASP F 146 -0.02 -12.06 -51.77
CA ASP F 146 -0.88 -13.14 -51.27
C ASP F 146 -0.15 -14.32 -50.67
N ALA F 147 0.74 -14.93 -51.43
CA ALA F 147 1.48 -16.08 -50.91
C ALA F 147 2.20 -15.75 -49.57
N LEU F 148 2.99 -14.68 -49.55
CA LEU F 148 3.80 -14.37 -48.38
C LEU F 148 2.94 -14.01 -47.18
N TYR F 149 1.80 -13.37 -47.41
CA TYR F 149 0.87 -13.04 -46.32
C TYR F 149 0.32 -14.33 -45.77
N ALA F 150 -0.13 -15.22 -46.66
CA ALA F 150 -0.72 -16.47 -46.28
C ALA F 150 0.29 -17.28 -45.48
N ALA F 151 1.58 -17.18 -45.84
CA ALA F 151 2.60 -17.88 -45.10
C ALA F 151 2.73 -17.42 -43.64
N GLN F 152 2.19 -16.25 -43.31
CA GLN F 152 2.15 -15.80 -41.92
C GLN F 152 0.94 -16.33 -41.14
N CYS F 153 0.09 -17.10 -41.82
CA CYS F 153 -1.14 -17.59 -41.27
C CYS F 153 -1.12 -19.08 -40.97
N VAL F 154 0.00 -19.73 -41.27
CA VAL F 154 0.21 -21.13 -40.97
C VAL F 154 1.16 -21.27 -39.81
N SER F 155 1.15 -22.40 -39.15
CA SER F 155 2.10 -22.63 -38.09
C SER F 155 3.39 -23.29 -38.67
N ARG F 156 4.34 -23.63 -37.78
CA ARG F 156 5.63 -24.16 -38.17
C ARG F 156 5.89 -25.48 -37.46
N PRO F 157 5.67 -26.59 -38.15
CA PRO F 157 5.37 -26.80 -39.55
C PRO F 157 3.89 -26.54 -39.76
N PRO F 158 3.45 -26.34 -41.01
CA PRO F 158 1.99 -26.13 -41.14
C PRO F 158 1.16 -27.36 -40.76
N GLY F 159 -0.01 -27.11 -40.17
CA GLY F 159 -0.91 -28.17 -39.78
C GLY F 159 -2.27 -28.07 -40.45
N SER F 160 -3.31 -28.42 -39.72
CA SER F 160 -4.61 -28.71 -40.32
C SER F 160 -5.71 -28.78 -39.26
N ALA F 161 -6.90 -29.21 -39.68
CA ALA F 161 -8.11 -28.98 -38.90
C ALA F 161 -8.58 -30.24 -38.16
N MET G 1 21.10 -11.48 52.73
CA MET G 1 22.32 -10.72 53.04
C MET G 1 21.95 -9.45 53.77
N GLN G 2 22.86 -8.94 54.58
CA GLN G 2 22.67 -7.72 55.30
C GLN G 2 23.21 -6.59 54.43
N GLY G 3 22.39 -5.63 54.04
CA GLY G 3 22.95 -4.48 53.33
C GLY G 3 23.48 -3.49 54.32
N ASP G 4 24.40 -2.66 53.87
CA ASP G 4 24.84 -1.52 54.65
C ASP G 4 23.70 -0.51 54.89
N PRO G 5 23.51 -0.07 56.15
CA PRO G 5 22.36 0.83 56.42
C PRO G 5 22.36 2.15 55.64
N ASP G 6 23.52 2.71 55.29
CA ASP G 6 23.56 3.94 54.46
C ASP G 6 23.23 3.68 52.98
N VAL G 7 23.65 2.54 52.48
CA VAL G 7 23.31 2.14 51.17
C VAL G 7 21.79 1.94 51.04
N LEU G 8 21.17 1.32 52.04
CA LEU G 8 19.70 1.09 52.02
C LEU G 8 18.91 2.39 52.13
N LYS G 9 19.42 3.31 52.95
CA LYS G 9 18.81 4.60 53.03
C LYS G 9 18.87 5.28 51.64
N LEU G 10 20.03 5.18 50.98
CA LEU G 10 20.20 5.76 49.65
C LEU G 10 19.28 5.12 48.58
N LEU G 11 19.35 3.78 48.46
CA LEU G 11 18.41 3.03 47.60
C LEU G 11 16.93 3.37 47.83
N ASN G 12 16.52 3.51 49.08
CA ASN G 12 15.16 3.95 49.36
C ASN G 12 14.82 5.38 48.98
N GLU G 13 15.79 6.30 49.07
CA GLU G 13 15.59 7.70 48.67
C GLU G 13 15.35 7.65 47.15
N GLN G 14 16.18 6.93 46.43
CA GLN G 14 16.05 6.87 44.99
C GLN G 14 14.72 6.20 44.58
N LEU G 15 14.33 5.15 45.29
CA LEU G 15 13.03 4.52 44.99
C LEU G 15 11.87 5.54 45.11
N THR G 16 11.91 6.39 46.14
CA THR G 16 10.90 7.42 46.32
C THR G 16 10.93 8.33 45.11
N SER G 17 12.14 8.70 44.69
CA SER G 17 12.28 9.50 43.46
C SER G 17 11.63 8.80 42.22
N GLU G 18 11.86 7.48 42.04
CA GLU G 18 11.26 6.80 40.91
C GLU G 18 9.75 6.73 41.03
N LEU G 19 9.25 6.47 42.23
CA LEU G 19 7.81 6.33 42.38
C LEU G 19 7.15 7.67 42.04
N THR G 20 7.80 8.76 42.45
CA THR G 20 7.31 10.10 42.12
C THR G 20 7.39 10.37 40.61
N ALA G 21 8.54 10.07 40.02
CA ALA G 21 8.69 10.20 38.58
C ALA G 21 7.64 9.35 37.79
N ILE G 22 7.33 8.11 38.25
CA ILE G 22 6.27 7.32 37.58
C ILE G 22 4.98 8.17 37.52
N ASN G 23 4.53 8.68 38.65
CA ASN G 23 3.27 9.42 38.65
C ASN G 23 3.35 10.68 37.79
N GLN G 24 4.46 11.41 37.89
CA GLN G 24 4.56 12.68 37.21
C GLN G 24 4.53 12.51 35.69
N TYR G 25 5.28 11.53 35.20
CA TYR G 25 5.40 11.25 33.78
C TYR G 25 4.10 10.67 33.28
N PHE G 26 3.54 9.75 34.03
CA PHE G 26 2.33 9.09 33.59
C PHE G 26 1.22 10.10 33.40
N LEU G 27 1.02 10.94 34.42
CA LEU G 27 0.01 11.99 34.40
C LEU G 27 0.30 13.04 33.30
N HIS G 28 1.57 13.40 33.13
CA HIS G 28 1.91 14.30 32.04
C HIS G 28 1.49 13.71 30.69
N SER G 29 1.72 12.40 30.52
CA SER G 29 1.45 11.76 29.24
C SER G 29 -0.05 11.74 28.98
N LYS G 30 -0.84 11.41 30.00
CA LYS G 30 -2.33 11.46 29.92
C LYS G 30 -2.85 12.85 29.61
N MET G 31 -2.23 13.85 30.24
CA MET G 31 -2.54 15.26 29.96
C MET G 31 -2.26 15.66 28.53
N GLN G 32 -1.09 15.28 28.05
CA GLN G 32 -0.71 15.55 26.69
C GLN G 32 -1.69 14.91 25.69
N ASP G 33 -2.05 13.65 25.96
CA ASP G 33 -3.07 12.94 25.19
C ASP G 33 -4.38 13.74 25.10
N ASN G 34 -4.93 14.14 26.24
CA ASN G 34 -6.13 14.98 26.27
C ASN G 34 -6.07 16.35 25.60
N TRP G 35 -4.85 16.88 25.43
CA TRP G 35 -4.66 18.15 24.73
C TRP G 35 -4.55 17.97 23.24
N GLY G 36 -4.46 16.74 22.78
CA GLY G 36 -4.28 16.46 21.37
C GLY G 36 -2.85 16.15 20.98
N PHE G 37 -1.91 16.25 21.92
CA PHE G 37 -0.51 16.04 21.58
C PHE G 37 -0.20 14.56 21.70
N THR G 38 -0.90 13.78 20.87
CA THR G 38 -0.88 12.33 21.01
C THR G 38 0.47 11.75 20.66
N GLU G 39 1.15 12.30 19.66
CA GLU G 39 2.48 11.83 19.31
C GLU G 39 3.47 12.00 20.48
N LEU G 40 3.49 13.17 21.09
CA LEU G 40 4.31 13.46 22.22
C LEU G 40 3.91 12.58 23.40
N ALA G 41 2.60 12.34 23.56
CA ALA G 41 2.10 11.55 24.67
C ALA G 41 2.71 10.16 24.70
N GLU G 42 2.89 9.51 23.52
CA GLU G 42 3.52 8.18 23.38
C GLU G 42 4.93 8.18 23.98
N HIS G 43 5.70 9.23 23.70
CA HIS G 43 7.05 9.30 24.24
C HIS G 43 7.02 9.51 25.76
N THR G 44 6.18 10.42 26.29
CA THR G 44 6.16 10.64 27.74
C THR G 44 5.70 9.34 28.48
N ARG G 45 4.71 8.62 27.92
CA ARG G 45 4.26 7.40 28.54
C ARG G 45 5.43 6.43 28.61
N ALA G 46 6.21 6.30 27.54
CA ALA G 46 7.37 5.41 27.59
C ALA G 46 8.36 5.85 28.68
N GLU G 47 8.63 7.15 28.87
CA GLU G 47 9.48 7.55 29.99
CA GLU G 47 9.44 7.61 30.00
C GLU G 47 8.90 7.08 31.34
N SER G 48 7.57 7.13 31.49
CA SER G 48 6.90 6.55 32.66
C SER G 48 7.27 5.07 32.89
N PHE G 49 7.25 4.27 31.83
CA PHE G 49 7.51 2.86 31.94
C PHE G 49 8.94 2.60 32.29
N GLU G 50 9.83 3.48 31.85
CA GLU G 50 11.23 3.38 32.25
C GLU G 50 11.34 3.61 33.74
N GLU G 51 10.56 4.52 34.29
CA GLU G 51 10.68 4.78 35.70
C GLU G 51 10.10 3.59 36.48
N MET G 52 9.02 3.02 36.00
CA MET G 52 8.49 1.83 36.59
C MET G 52 9.56 0.74 36.66
N ARG G 53 10.34 0.57 35.60
CA ARG G 53 11.41 -0.40 35.60
C ARG G 53 12.50 -0.06 36.63
N HIS G 54 12.82 1.24 36.77
CA HIS G 54 13.81 1.64 37.79
C HIS G 54 13.31 1.29 39.21
N ALA G 55 12.06 1.67 39.48
CA ALA G 55 11.48 1.35 40.74
C ALA G 55 11.62 -0.17 41.04
N GLU G 56 11.26 -1.02 40.07
CA GLU G 56 11.33 -2.48 40.26
C GLU G 56 12.75 -2.94 40.53
N THR G 57 13.71 -2.55 39.68
CA THR G 57 15.11 -2.89 39.89
C THR G 57 15.64 -2.50 41.30
N ILE G 58 15.36 -1.27 41.75
CA ILE G 58 15.73 -0.83 43.06
C ILE G 58 15.06 -1.71 44.14
N THR G 59 13.76 -1.99 43.95
CA THR G 59 12.96 -2.76 44.88
C THR G 59 13.64 -4.10 45.14
N ASP G 60 13.97 -4.79 44.05
CA ASP G 60 14.71 -6.06 44.08
C ASP G 60 15.98 -6.04 44.94
N ARG G 61 16.84 -5.08 44.68
CA ARG G 61 18.06 -4.92 45.40
C ARG G 61 17.80 -4.65 46.90
N ILE G 62 16.84 -3.79 47.23
CA ILE G 62 16.50 -3.54 48.62
C ILE G 62 16.16 -4.86 49.31
N LEU G 63 15.33 -5.66 48.65
CA LEU G 63 14.90 -6.95 49.22
C LEU G 63 16.06 -7.93 49.38
N LEU G 64 16.88 -8.07 48.33
CA LEU G 64 18.05 -8.91 48.40
C LEU G 64 18.95 -8.50 49.57
N LEU G 65 18.96 -7.20 49.90
CA LEU G 65 19.78 -6.67 51.01
C LEU G 65 19.08 -6.70 52.38
N ASP G 66 17.91 -7.36 52.38
CA ASP G 66 17.03 -7.51 53.55
C ASP G 66 16.53 -6.19 54.13
N GLY G 67 16.35 -5.19 53.26
CA GLY G 67 15.77 -3.90 53.63
C GLY G 67 14.27 -3.86 53.43
N LEU G 68 13.64 -2.75 53.78
CA LEU G 68 12.22 -2.57 53.47
C LEU G 68 12.03 -1.51 52.40
N PRO G 69 11.56 -1.93 51.23
CA PRO G 69 11.21 -0.97 50.21
C PRO G 69 10.11 -0.03 50.70
N ASN G 70 10.32 1.27 50.57
CA ASN G 70 9.31 2.21 50.94
C ASN G 70 8.43 2.50 49.74
N TYR G 71 7.23 1.98 49.73
CA TYR G 71 6.28 2.31 48.69
C TYR G 71 5.25 3.27 49.22
N GLN G 72 5.49 3.86 50.39
CA GLN G 72 4.47 4.70 51.00
C GLN G 72 4.63 6.17 50.61
N ARG G 73 5.90 6.59 50.46
CA ARG G 73 6.30 8.00 50.41
C ARG G 73 6.37 8.40 48.97
N LEU G 74 5.84 9.58 48.65
CA LEU G 74 6.07 10.27 47.37
C LEU G 74 6.61 11.66 47.65
N PHE G 75 7.41 12.20 46.75
CA PHE G 75 7.73 13.65 46.82
C PHE G 75 6.58 14.48 46.21
N SER G 76 6.74 15.79 46.17
CA SER G 76 5.71 16.63 45.54
C SER G 76 5.74 16.51 44.03
N LEU G 77 4.58 16.20 43.46
CA LEU G 77 4.45 16.23 42.03
C LEU G 77 4.47 17.67 41.53
N ARG G 78 5.17 17.91 40.44
CA ARG G 78 5.00 19.14 39.70
C ARG G 78 4.17 18.81 38.48
N VAL G 79 2.94 19.31 38.47
CA VAL G 79 1.97 19.02 37.40
C VAL G 79 1.96 20.25 36.50
N GLY G 80 2.62 20.19 35.34
CA GLY G 80 2.69 21.38 34.49
C GLY G 80 1.42 21.65 33.73
N GLN G 81 1.13 22.93 33.49
CA GLN G 81 -0.10 23.34 32.79
C GLN G 81 0.09 23.60 31.26
N THR G 82 1.34 23.49 30.79
CA THR G 82 1.69 23.69 29.38
C THR G 82 2.77 22.68 29.00
N LEU G 83 3.01 22.45 27.71
CA LEU G 83 4.11 21.56 27.32
C LEU G 83 5.45 21.99 27.91
N ARG G 84 5.78 23.27 27.79
CA ARG G 84 7.03 23.77 28.34
C ARG G 84 7.10 23.54 29.85
N GLU G 85 6.03 23.84 30.59
CA GLU G 85 6.07 23.57 32.03
C GLU G 85 6.24 22.07 32.35
N GLN G 86 5.63 21.21 31.52
CA GLN G 86 5.78 19.77 31.73
C GLN G 86 7.23 19.31 31.55
N PHE G 87 7.88 19.78 30.49
CA PHE G 87 9.33 19.48 30.28
C PHE G 87 10.16 20.02 31.44
N GLU G 88 9.82 21.22 31.90
CA GLU G 88 10.59 21.78 33.00
C GLU G 88 10.36 21.02 34.31
N ALA G 89 9.14 20.57 34.55
CA ALA G 89 8.83 19.86 35.77
C ALA G 89 9.58 18.51 35.80
N ASP G 90 9.55 17.82 34.67
CA ASP G 90 10.22 16.53 34.53
C ASP G 90 11.74 16.66 34.57
N LEU G 91 12.24 17.73 33.99
CA LEU G 91 13.67 18.05 34.10
C LEU G 91 14.10 18.32 35.55
N ALA G 92 13.25 19.01 36.31
CA ALA G 92 13.56 19.30 37.70
C ALA G 92 13.73 18.02 38.55
N ILE G 93 12.92 16.97 38.33
CA ILE G 93 13.19 15.75 39.09
C ILE G 93 14.35 14.95 38.58
N GLU G 94 14.68 15.06 37.29
CA GLU G 94 15.82 14.30 36.82
C GLU G 94 17.08 14.91 37.41
N TYR G 95 17.10 16.25 37.52
CA TYR G 95 18.23 16.93 38.18
C TYR G 95 18.37 16.56 39.63
N GLU G 96 17.26 16.33 40.31
CA GLU G 96 17.36 15.90 41.68
C GLU G 96 17.96 14.52 41.75
N VAL G 97 17.69 13.69 40.74
CA VAL G 97 18.30 12.38 40.72
C VAL G 97 19.80 12.49 40.61
N LEU G 98 20.29 13.30 39.67
CA LEU G 98 21.73 13.56 39.58
C LEU G 98 22.36 13.98 40.90
N GLU G 99 21.76 14.96 41.59
CA GLU G 99 22.35 15.47 42.82
C GLU G 99 22.47 14.36 43.82
N ARG G 100 21.55 13.40 43.79
CA ARG G 100 21.56 12.32 44.75
C ARG G 100 22.54 11.20 44.35
N LEU G 101 22.48 10.77 43.09
CA LEU G 101 23.21 9.60 42.65
C LEU G 101 24.70 9.84 42.42
N LYS G 102 25.07 11.08 42.11
CA LYS G 102 26.46 11.39 41.87
C LYS G 102 27.30 11.12 43.12
N PRO G 103 26.99 11.75 44.27
CA PRO G 103 27.65 11.29 45.50
C PRO G 103 27.21 9.87 45.97
N GLY G 104 25.98 9.48 45.68
CA GLY G 104 25.48 8.15 46.05
C GLY G 104 26.36 6.99 45.56
N ILE G 105 26.74 7.04 44.28
CA ILE G 105 27.55 6.00 43.68
C ILE G 105 28.91 5.91 44.40
N VAL G 106 29.56 7.07 44.59
CA VAL G 106 30.81 7.15 45.34
C VAL G 106 30.63 6.55 46.74
N LEU G 107 29.48 6.82 47.36
CA LEU G 107 29.21 6.28 48.72
C LEU G 107 29.10 4.76 48.74
N CYS G 108 28.36 4.19 47.78
CA CYS G 108 28.27 2.72 47.65
C CYS G 108 29.63 2.06 47.49
N ARG G 109 30.49 2.64 46.66
CA ARG G 109 31.80 2.06 46.40
C ARG G 109 32.74 2.27 47.58
N GLU G 110 32.42 3.25 48.42
CA GLU G 110 33.11 3.42 49.70
C GLU G 110 32.69 2.34 50.69
N LYS G 111 31.39 2.05 50.74
CA LYS G 111 30.88 0.99 51.61
C LYS G 111 31.24 -0.39 51.08
N GLN G 112 31.96 -0.42 49.97
CA GLN G 112 32.30 -1.69 49.30
C GLN G 112 31.09 -2.45 48.85
N ASP G 113 29.99 -1.77 48.49
CA ASP G 113 28.84 -2.37 47.82
C ASP G 113 28.86 -2.00 46.31
N ALA G 114 29.80 -2.60 45.60
CA ALA G 114 29.96 -2.39 44.16
C ALA G 114 28.69 -2.71 43.38
N THR G 115 27.98 -3.74 43.78
CA THR G 115 26.82 -4.16 43.03
C THR G 115 25.72 -3.11 43.10
N SER G 116 25.46 -2.53 44.28
CA SER G 116 24.51 -1.41 44.36
C SER G 116 24.97 -0.18 43.57
N ALA G 117 26.28 0.04 43.58
CA ALA G 117 26.86 1.15 42.83
C ALA G 117 26.63 1.00 41.34
N ARG G 118 26.85 -0.21 40.83
CA ARG G 118 26.61 -0.51 39.42
C ARG G 118 25.13 -0.39 39.08
N LEU G 119 24.28 -0.80 40.01
CA LEU G 119 22.83 -0.63 39.87
C LEU G 119 22.48 0.85 39.69
N LEU G 120 23.06 1.71 40.51
CA LEU G 120 22.81 3.12 40.42
C LEU G 120 23.52 3.79 39.25
N GLU G 121 24.69 3.28 38.86
CA GLU G 121 25.39 3.79 37.67
C GLU G 121 24.48 3.58 36.48
N GLN G 122 23.82 2.42 36.40
CA GLN G 122 22.90 2.17 35.28
C GLN G 122 21.74 3.12 35.28
N ILE G 123 21.12 3.31 36.45
CA ILE G 123 20.05 4.28 36.54
C ILE G 123 20.53 5.70 36.15
N LEU G 124 21.68 6.10 36.68
CA LEU G 124 22.19 7.43 36.38
C LEU G 124 22.32 7.69 34.88
N ALA G 125 22.92 6.75 34.15
CA ALA G 125 23.03 6.91 32.70
C ALA G 125 21.63 7.01 32.03
N ASP G 126 20.65 6.17 32.41
CA ASP G 126 19.29 6.35 31.90
C ASP G 126 18.75 7.75 32.22
N GLU G 127 18.88 8.24 33.47
CA GLU G 127 18.36 9.61 33.74
C GLU G 127 19.12 10.72 33.01
N GLU G 128 20.41 10.53 32.73
CA GLU G 128 21.17 11.51 31.98
C GLU G 128 20.57 11.60 30.56
N THR G 129 20.21 10.44 30.00
CA THR G 129 19.52 10.41 28.71
C THR G 129 18.20 11.17 28.72
N HIS G 130 17.35 10.96 29.74
CA HIS G 130 16.11 11.71 29.86
C HIS G 130 16.41 13.23 29.96
N ILE G 131 17.40 13.63 30.76
CA ILE G 131 17.79 15.04 30.84
C ILE G 131 18.16 15.57 29.46
N ASP G 132 18.95 14.80 28.72
CA ASP G 132 19.33 15.21 27.38
C ASP G 132 18.12 15.43 26.45
N TYR G 133 17.20 14.47 26.47
CA TYR G 133 15.98 14.57 25.71
C TYR G 133 15.20 15.86 26.11
N LEU G 134 15.04 16.09 27.40
CA LEU G 134 14.23 17.19 27.91
C LEU G 134 14.84 18.54 27.59
N GLU G 135 16.15 18.65 27.80
CA GLU G 135 16.84 19.86 27.51
C GLU G 135 16.80 20.19 26.03
N THR G 136 16.90 19.16 25.18
CA THR G 136 16.83 19.37 23.74
C THR G 136 15.44 19.85 23.33
N GLN G 137 14.37 19.28 23.91
CA GLN G 137 13.00 19.78 23.60
C GLN G 137 12.81 21.23 24.00
N LEU G 138 13.31 21.63 25.17
CA LEU G 138 13.17 23.05 25.57
C LEU G 138 13.93 23.98 24.62
N GLN G 139 15.08 23.51 24.13
CA GLN G 139 15.83 24.26 23.14
C GLN G 139 15.10 24.33 21.79
N LEU G 140 14.56 23.21 21.37
CA LEU G 140 13.78 23.18 20.16
C LEU G 140 12.57 24.09 20.20
N MET G 141 11.84 24.15 21.32
CA MET G 141 10.73 25.10 21.46
C MET G 141 11.22 26.55 21.26
N ASP G 142 12.41 26.88 21.75
CA ASP G 142 12.93 28.23 21.54
C ASP G 142 13.33 28.46 20.10
N LYS G 143 13.88 27.46 19.41
CA LYS G 143 14.22 27.57 17.99
C LYS G 143 13.02 27.57 17.04
N LEU G 144 12.01 26.73 17.31
CA LEU G 144 10.86 26.62 16.41
C LEU G 144 9.75 27.59 16.76
N GLY G 145 9.65 27.96 18.02
CA GLY G 145 8.47 28.68 18.55
C GLY G 145 7.51 27.65 19.13
N ASP G 146 6.79 28.04 20.19
CA ASP G 146 5.81 27.16 20.83
C ASP G 146 4.77 26.45 19.91
N ALA G 147 4.07 27.24 19.09
CA ALA G 147 3.04 26.67 18.22
C ALA G 147 3.64 25.68 17.23
N LEU G 148 4.75 26.06 16.61
CA LEU G 148 5.32 25.21 15.57
C LEU G 148 5.88 23.93 16.16
N TYR G 149 6.36 24.02 17.38
CA TYR G 149 6.93 22.84 17.98
C TYR G 149 5.78 21.93 18.31
N ALA G 150 4.75 22.50 18.96
CA ALA G 150 3.57 21.73 19.33
C ALA G 150 2.97 21.02 18.10
N ALA G 151 2.97 21.68 16.92
CA ALA G 151 2.44 21.06 15.71
C ALA G 151 3.20 19.77 15.31
N GLN G 152 4.42 19.59 15.82
CA GLN G 152 5.15 18.35 15.56
C GLN G 152 4.78 17.24 16.56
N CYS G 153 3.87 17.55 17.48
CA CYS G 153 3.49 16.63 18.53
C CYS G 153 2.08 16.11 18.34
N VAL G 154 1.44 16.49 17.22
CA VAL G 154 0.10 16.00 16.88
C VAL G 154 0.20 15.04 15.73
N SER G 155 -0.86 14.28 15.48
CA SER G 155 -0.82 13.40 14.34
C SER G 155 -1.48 14.10 13.16
N ARG G 156 -1.58 13.44 12.00
CA ARG G 156 -2.17 13.99 10.79
C ARG G 156 -3.25 13.04 10.32
N PRO G 157 -4.53 13.37 10.55
CA PRO G 157 -5.06 14.59 11.19
C PRO G 157 -4.88 14.50 12.73
N PRO G 158 -4.99 15.64 13.46
CA PRO G 158 -4.86 15.56 14.91
C PRO G 158 -5.95 14.69 15.56
N GLY G 159 -5.59 13.95 16.57
CA GLY G 159 -6.54 13.11 17.25
C GLY G 159 -6.62 13.49 18.70
N SER G 160 -6.76 12.50 19.55
CA SER G 160 -7.10 12.76 20.92
C SER G 160 -7.09 11.51 21.74
N ALA G 161 -7.59 11.63 22.95
CA ALA G 161 -7.47 10.57 23.92
C ALA G 161 -8.45 9.46 23.63
N MET H 1 -15.94 18.30 28.34
CA MET H 1 -17.23 18.40 29.10
C MET H 1 -16.92 18.64 30.53
N GLN H 2 -17.87 19.21 31.25
CA GLN H 2 -17.67 19.44 32.67
C GLN H 2 -18.41 18.33 33.38
N GLY H 3 -17.67 17.56 34.17
CA GLY H 3 -18.27 16.49 34.92
C GLY H 3 -18.96 17.06 36.15
N ASP H 4 -19.93 16.31 36.66
CA ASP H 4 -20.51 16.60 37.95
C ASP H 4 -19.45 16.61 39.11
N PRO H 5 -19.49 17.65 39.93
CA PRO H 5 -18.46 17.85 40.96
C PRO H 5 -18.40 16.67 41.94
N ASP H 6 -19.52 15.99 42.13
CA ASP H 6 -19.60 14.92 43.11
C ASP H 6 -19.08 13.60 42.54
N VAL H 7 -19.33 13.39 41.24
CA VAL H 7 -18.82 12.21 40.55
C VAL H 7 -17.31 12.25 40.42
N LEU H 8 -16.77 13.44 40.17
CA LEU H 8 -15.33 13.65 40.11
C LEU H 8 -14.64 13.36 41.46
N LYS H 9 -15.27 13.81 42.54
CA LYS H 9 -14.80 13.50 43.87
C LYS H 9 -14.77 11.97 44.05
N LEU H 10 -15.79 11.27 43.56
CA LEU H 10 -15.82 9.83 43.73
C LEU H 10 -14.75 9.15 42.89
N LEU H 11 -14.70 9.46 41.59
CA LEU H 11 -13.66 8.93 40.70
C LEU H 11 -12.26 9.14 41.26
N ASN H 12 -12.00 10.32 41.80
CA ASN H 12 -10.73 10.60 42.45
C ASN H 12 -10.44 9.80 43.69
N GLU H 13 -11.44 9.52 44.51
CA GLU H 13 -11.21 8.66 45.68
C GLU H 13 -10.92 7.23 45.23
N GLN H 14 -11.66 6.77 44.21
CA GLN H 14 -11.41 5.48 43.61
C GLN H 14 -9.99 5.40 43.07
N LEU H 15 -9.56 6.48 42.40
CA LEU H 15 -8.20 6.53 41.85
C LEU H 15 -7.12 6.38 42.95
N THR H 16 -7.30 7.06 44.09
CA THR H 16 -6.39 6.92 45.22
C THR H 16 -6.36 5.46 45.65
N SER H 17 -7.52 4.82 45.64
CA SER H 17 -7.56 3.43 46.10
C SER H 17 -6.83 2.50 45.11
N GLU H 18 -6.96 2.78 43.81
CA GLU H 18 -6.20 2.01 42.81
C GLU H 18 -4.70 2.27 42.96
N LEU H 19 -4.30 3.52 43.16
CA LEU H 19 -2.87 3.82 43.20
C LEU H 19 -2.29 3.08 44.40
N THR H 20 -3.10 2.96 45.45
CA THR H 20 -2.66 2.31 46.67
C THR H 20 -2.55 0.83 46.43
N ALA H 21 -3.55 0.26 45.75
CA ALA H 21 -3.52 -1.19 45.47
C ALA H 21 -2.37 -1.60 44.53
N ILE H 22 -2.02 -0.77 43.54
CA ILE H 22 -0.84 -1.05 42.71
C ILE H 22 0.36 -1.28 43.63
N ASN H 23 0.62 -0.32 44.51
CA ASN H 23 1.79 -0.40 45.35
C ASN H 23 1.73 -1.62 46.24
N GLN H 24 0.56 -1.85 46.84
CA GLN H 24 0.45 -2.93 47.80
C GLN H 24 0.71 -4.28 47.13
N TYR H 25 0.04 -4.50 46.01
CA TYR H 25 0.11 -5.75 45.30
C TYR H 25 1.50 -5.91 44.75
N PHE H 26 2.05 -4.85 44.19
CA PHE H 26 3.32 -4.98 43.54
C PHE H 26 4.37 -5.41 44.55
N LEU H 27 4.47 -4.69 45.66
CA LEU H 27 5.38 -4.99 46.77
C LEU H 27 5.13 -6.40 47.30
N HIS H 28 3.86 -6.77 47.51
CA HIS H 28 3.56 -8.16 47.94
C HIS H 28 4.16 -9.22 46.99
N SER H 29 3.98 -9.00 45.69
CA SER H 29 4.48 -9.93 44.71
C SER H 29 6.00 -10.04 44.80
N LYS H 30 6.70 -8.91 44.98
CA LYS H 30 8.17 -8.88 45.08
C LYS H 30 8.63 -9.59 46.33
N MET H 31 7.86 -9.40 47.39
CA MET H 31 8.16 -10.05 48.65
C MET H 31 7.96 -11.56 48.54
N GLN H 32 6.90 -11.96 47.86
CA GLN H 32 6.60 -13.34 47.63
C GLN H 32 7.70 -14.00 46.83
N ASP H 33 8.23 -13.26 45.86
CA ASP H 33 9.33 -13.74 45.04
C ASP H 33 10.58 -13.98 45.92
N ASN H 34 10.89 -13.04 46.80
CA ASN H 34 12.08 -13.15 47.64
C ASN H 34 11.98 -14.23 48.68
N TRP H 35 10.76 -14.65 49.03
CA TRP H 35 10.58 -15.77 49.97
C TRP H 35 10.65 -17.14 49.28
N GLY H 36 10.61 -17.15 47.97
CA GLY H 36 10.64 -18.40 47.22
C GLY H 36 9.28 -18.82 46.69
N PHE H 37 8.27 -18.03 46.96
CA PHE H 37 6.96 -18.35 46.52
C PHE H 37 6.76 -17.77 45.13
N THR H 38 7.55 -18.27 44.19
CA THR H 38 7.67 -17.64 42.91
C THR H 38 6.43 -17.86 42.05
N GLU H 39 5.78 -19.01 42.19
CA GLU H 39 4.55 -19.29 41.44
C GLU H 39 3.39 -18.39 41.93
N LEU H 40 3.31 -18.18 43.24
CA LEU H 40 2.31 -17.27 43.77
C LEU H 40 2.63 -15.82 43.34
N ALA H 41 3.92 -15.50 43.27
CA ALA H 41 4.33 -14.14 42.94
C ALA H 41 3.80 -13.70 41.61
N GLU H 42 3.84 -14.61 40.64
CA GLU H 42 3.35 -14.35 39.26
C GLU H 42 1.89 -13.85 39.30
N HIS H 43 1.07 -14.50 40.12
CA HIS H 43 -0.33 -14.17 40.16
C HIS H 43 -0.52 -12.82 40.86
N THR H 44 0.14 -12.60 41.99
CA THR H 44 0.05 -11.30 42.68
C THR H 44 0.55 -10.14 41.77
N ARG H 45 1.63 -10.36 41.03
CA ARG H 45 2.11 -9.31 40.12
C ARG H 45 1.03 -8.97 39.09
N ALA H 46 0.37 -9.98 38.51
CA ALA H 46 -0.70 -9.71 37.56
C ALA H 46 -1.82 -8.90 38.24
N GLU H 47 -2.19 -9.22 39.47
CA GLU H 47 -3.18 -8.39 40.14
C GLU H 47 -2.74 -6.90 40.17
N SER H 48 -1.46 -6.68 40.43
CA SER H 48 -0.88 -5.36 40.35
C SER H 48 -1.10 -4.62 39.02
N PHE H 49 -0.91 -5.34 37.92
CA PHE H 49 -1.11 -4.78 36.61
C PHE H 49 -2.56 -4.46 36.32
N GLU H 50 -3.46 -5.25 36.89
CA GLU H 50 -4.86 -5.02 36.72
C GLU H 50 -5.18 -3.70 37.43
N GLU H 51 -4.55 -3.47 38.58
CA GLU H 51 -4.77 -2.23 39.28
C GLU H 51 -4.20 -1.03 38.52
N MET H 52 -3.05 -1.24 37.89
CA MET H 52 -2.50 -0.23 37.00
C MET H 52 -3.51 0.14 35.89
N ARG H 53 -4.12 -0.88 35.28
CA ARG H 53 -5.13 -0.59 34.26
C ARG H 53 -6.35 0.15 34.77
N HIS H 54 -6.80 -0.16 35.99
CA HIS H 54 -7.92 0.57 36.61
C HIS H 54 -7.54 2.04 36.84
N ALA H 55 -6.33 2.28 37.33
CA ALA H 55 -5.88 3.60 37.59
C ALA H 55 -5.91 4.38 36.26
N GLU H 56 -5.46 3.74 35.18
CA GLU H 56 -5.42 4.38 33.88
C GLU H 56 -6.85 4.77 33.43
N THR H 57 -7.74 3.76 33.37
CA THR H 57 -9.11 3.96 32.97
C THR H 57 -9.77 5.10 33.75
N ILE H 58 -9.61 5.13 35.07
CA ILE H 58 -10.16 6.23 35.87
C ILE H 58 -9.55 7.59 35.51
N THR H 59 -8.22 7.65 35.35
CA THR H 59 -7.57 8.90 34.93
C THR H 59 -8.19 9.45 33.64
N ASP H 60 -8.31 8.61 32.62
CA ASP H 60 -8.87 9.03 31.35
C ASP H 60 -10.26 9.64 31.52
N ARG H 61 -11.08 9.03 32.35
CA ARG H 61 -12.41 9.55 32.54
C ARG H 61 -12.42 10.91 33.29
N ILE H 62 -11.59 11.04 34.33
CA ILE H 62 -11.47 12.27 35.06
C ILE H 62 -11.04 13.37 34.07
N LEU H 63 -10.09 13.08 33.19
CA LEU H 63 -9.62 14.09 32.26
C LEU H 63 -10.68 14.47 31.25
N LEU H 64 -11.43 13.50 30.73
CA LEU H 64 -12.51 13.78 29.77
C LEU H 64 -13.56 14.65 30.45
N LEU H 65 -13.71 14.50 31.76
CA LEU H 65 -14.72 15.30 32.48
C LEU H 65 -14.15 16.62 33.04
N ASP H 66 -12.98 16.99 32.53
CA ASP H 66 -12.25 18.22 32.94
C ASP H 66 -11.90 18.26 34.38
N GLY H 67 -11.71 17.10 35.01
CA GLY H 67 -11.25 17.04 36.40
C GLY H 67 -9.73 17.02 36.53
N LEU H 68 -9.25 16.97 37.77
CA LEU H 68 -7.82 16.90 38.07
C LEU H 68 -7.48 15.57 38.73
N PRO H 69 -6.92 14.62 37.94
CA PRO H 69 -6.60 13.37 38.56
C PRO H 69 -5.56 13.59 39.68
N ASN H 70 -5.78 12.94 40.81
CA ASN H 70 -4.94 13.12 41.96
C ASN H 70 -3.95 11.98 41.99
N TYR H 71 -2.74 12.29 41.57
CA TYR H 71 -1.65 11.31 41.55
C TYR H 71 -0.74 11.50 42.75
N GLN H 72 -1.15 12.34 43.73
CA GLN H 72 -0.29 12.73 44.85
C GLN H 72 -0.54 11.92 46.13
N ARG H 73 -1.79 11.58 46.37
CA ARG H 73 -2.26 10.95 47.60
C ARG H 73 -2.22 9.42 47.48
N LEU H 74 -1.71 8.76 48.51
CA LEU H 74 -1.89 7.32 48.72
C LEU H 74 -2.60 7.09 50.07
N PHE H 75 -3.31 5.98 50.18
CA PHE H 75 -3.80 5.52 51.49
C PHE H 75 -2.70 4.73 52.19
N SER H 76 -2.94 4.22 53.38
CA SER H 76 -1.90 3.47 54.07
C SER H 76 -1.72 2.11 53.52
N LEU H 77 -0.49 1.77 53.17
CA LEU H 77 -0.22 0.44 52.74
C LEU H 77 -0.33 -0.51 53.91
N ARG H 78 -0.85 -1.71 53.67
CA ARG H 78 -0.80 -2.82 54.63
C ARG H 78 0.19 -3.80 54.04
N VAL H 79 1.35 -3.91 54.66
CA VAL H 79 2.41 -4.73 54.12
C VAL H 79 2.42 -5.97 55.00
N GLY H 80 1.91 -7.08 54.53
CA GLY H 80 1.92 -8.27 55.40
C GLY H 80 3.27 -8.98 55.47
N GLN H 81 3.56 -9.62 56.61
CA GLN H 81 4.83 -10.31 56.75
C GLN H 81 4.77 -11.83 56.67
N THR H 82 3.60 -12.35 56.26
CA THR H 82 3.38 -13.78 55.94
C THR H 82 2.38 -13.85 54.79
N LEU H 83 2.30 -14.97 54.09
CA LEU H 83 1.31 -15.14 53.01
C LEU H 83 -0.14 -14.83 53.43
N ARG H 84 -0.54 -15.36 54.59
CA ARG H 84 -1.88 -15.16 55.12
C ARG H 84 -2.15 -13.68 55.34
N GLU H 85 -1.18 -13.00 55.94
CA GLU H 85 -1.29 -11.58 56.20
C GLU H 85 -1.39 -10.79 54.89
N GLN H 86 -0.68 -11.22 53.87
CA GLN H 86 -0.75 -10.55 52.60
C GLN H 86 -2.11 -10.69 51.95
N PHE H 87 -2.69 -11.89 51.92
CA PHE H 87 -4.06 -12.06 51.40
C PHE H 87 -5.05 -11.21 52.21
N GLU H 88 -4.88 -11.18 53.54
CA GLU H 88 -5.78 -10.38 54.38
C GLU H 88 -5.64 -8.90 54.09
N ALA H 89 -4.39 -8.47 53.88
CA ALA H 89 -4.06 -7.09 53.56
C ALA H 89 -4.79 -6.68 52.31
N ASP H 90 -4.62 -7.49 51.28
CA ASP H 90 -5.16 -7.20 49.97
C ASP H 90 -6.68 -7.30 49.95
N LEU H 91 -7.22 -8.26 50.70
CA LEU H 91 -8.66 -8.39 50.85
C LEU H 91 -9.25 -7.15 51.55
N ALA H 92 -8.53 -6.63 52.55
CA ALA H 92 -8.96 -5.44 53.23
C ALA H 92 -9.24 -4.32 52.24
N ILE H 93 -8.34 -4.10 51.29
CA ILE H 93 -8.58 -2.97 50.41
C ILE H 93 -9.57 -3.20 49.31
N GLU H 94 -9.76 -4.47 48.93
CA GLU H 94 -10.79 -4.77 47.97
C GLU H 94 -12.17 -4.52 48.56
N TYR H 95 -12.33 -4.85 49.84
CA TYR H 95 -13.57 -4.58 50.57
C TYR H 95 -13.85 -3.08 50.72
N GLU H 96 -12.81 -2.26 50.84
CA GLU H 96 -13.00 -0.84 50.93
C GLU H 96 -13.47 -0.32 49.59
N VAL H 97 -13.00 -0.94 48.51
CA VAL H 97 -13.48 -0.59 47.18
C VAL H 97 -14.99 -0.83 47.04
N LEU H 98 -15.45 -2.03 47.39
CA LEU H 98 -16.88 -2.33 47.48
C LEU H 98 -17.67 -1.31 48.28
N GLU H 99 -17.25 -1.02 49.51
CA GLU H 99 -17.94 -0.05 50.38
C GLU H 99 -18.15 1.24 49.62
N ARG H 100 -17.16 1.64 48.82
CA ARG H 100 -17.18 2.90 48.12
C ARG H 100 -18.01 2.87 46.83
N LEU H 101 -17.79 1.84 46.00
CA LEU H 101 -18.39 1.76 44.67
C LEU H 101 -19.87 1.30 44.65
N LYS H 102 -20.29 0.51 45.64
CA LYS H 102 -21.69 0.11 45.70
C LYS H 102 -22.63 1.33 45.78
N PRO H 103 -22.49 2.20 46.80
CA PRO H 103 -23.23 3.48 46.71
C PRO H 103 -22.76 4.45 45.58
N GLY H 104 -21.48 4.43 45.25
CA GLY H 104 -20.96 5.23 44.15
C GLY H 104 -21.65 5.08 42.79
N ILE H 105 -21.87 3.84 42.36
CA ILE H 105 -22.51 3.54 41.11
C ILE H 105 -23.93 4.12 41.14
N VAL H 106 -24.66 3.86 42.24
CA VAL H 106 -25.99 4.45 42.44
C VAL H 106 -25.95 5.99 42.36
N LEU H 107 -24.91 6.59 42.93
CA LEU H 107 -24.79 8.05 42.88
C LEU H 107 -24.52 8.60 41.47
N CYS H 108 -23.62 7.96 40.72
CA CYS H 108 -23.42 8.33 39.34
C CYS H 108 -24.68 8.31 38.51
N ARG H 109 -25.46 7.25 38.64
CA ARG H 109 -26.70 7.11 37.90
C ARG H 109 -27.73 8.18 38.28
N GLU H 110 -27.84 8.52 39.57
CA GLU H 110 -28.70 9.64 40.04
C GLU H 110 -28.25 10.97 39.43
N LYS H 111 -26.95 11.17 39.33
CA LYS H 111 -26.41 12.39 38.72
C LYS H 111 -26.53 12.36 37.21
N GLN H 112 -27.11 11.27 36.71
CA GLN H 112 -27.26 11.04 35.28
C GLN H 112 -25.95 10.95 34.50
N ASP H 113 -24.89 10.50 35.17
CA ASP H 113 -23.64 10.12 34.50
C ASP H 113 -23.51 8.56 34.32
N ALA H 114 -24.27 8.02 33.39
CA ALA H 114 -24.30 6.58 33.11
C ALA H 114 -22.95 6.04 32.69
N THR H 115 -22.22 6.81 31.89
CA THR H 115 -20.93 6.39 31.43
C THR H 115 -19.95 6.19 32.60
N SER H 116 -19.91 7.12 33.56
CA SER H 116 -19.04 6.92 34.71
C SER H 116 -19.52 5.75 35.55
N ALA H 117 -20.82 5.58 35.67
CA ALA H 117 -21.38 4.45 36.40
C ALA H 117 -20.92 3.13 35.79
N ARG H 118 -21.03 3.02 34.45
CA ARG H 118 -20.64 1.84 33.71
C ARG H 118 -19.17 1.57 33.91
N LEU H 119 -18.36 2.62 33.92
CA LEU H 119 -16.93 2.45 34.16
C LEU H 119 -16.67 1.86 35.55
N LEU H 120 -17.37 2.40 36.57
CA LEU H 120 -17.23 1.86 37.89
C LEU H 120 -17.85 0.47 38.04
N GLU H 121 -18.86 0.15 37.24
CA GLU H 121 -19.51 -1.15 37.34
C GLU H 121 -18.47 -2.18 36.91
N GLN H 122 -17.74 -1.85 35.86
CA GLN H 122 -16.67 -2.72 35.35
C GLN H 122 -15.58 -2.92 36.41
N ILE H 123 -15.14 -1.85 37.06
CA ILE H 123 -14.14 -2.02 38.09
C ILE H 123 -14.68 -2.88 39.26
N LEU H 124 -15.92 -2.63 39.65
CA LEU H 124 -16.51 -3.36 40.75
C LEU H 124 -16.47 -4.84 40.46
N ALA H 125 -16.92 -5.22 39.27
CA ALA H 125 -16.88 -6.63 38.87
C ALA H 125 -15.46 -7.21 38.97
N ASP H 126 -14.48 -6.49 38.42
CA ASP H 126 -13.09 -6.90 38.57
C ASP H 126 -12.72 -7.07 40.04
N GLU H 127 -13.07 -6.13 40.91
CA GLU H 127 -12.67 -6.30 42.32
C GLU H 127 -13.38 -7.44 43.03
N GLU H 128 -14.63 -7.72 42.65
CA GLU H 128 -15.41 -8.80 43.25
C GLU H 128 -14.68 -10.09 42.95
N THR H 129 -14.17 -10.21 41.74
CA THR H 129 -13.34 -11.34 41.35
C THR H 129 -12.06 -11.48 42.18
N HIS H 130 -11.32 -10.38 42.39
CA HIS H 130 -10.17 -10.40 43.29
C HIS H 130 -10.58 -10.89 44.69
N ILE H 131 -11.67 -10.33 45.23
CA ILE H 131 -12.19 -10.77 46.51
C ILE H 131 -12.44 -12.27 46.54
N ASP H 132 -13.07 -12.79 45.49
CA ASP H 132 -13.35 -14.21 45.41
C ASP H 132 -12.07 -15.03 45.46
N TYR H 133 -11.05 -14.63 44.71
CA TYR H 133 -9.80 -15.33 44.71
C TYR H 133 -9.18 -15.33 46.09
N LEU H 134 -9.14 -14.14 46.72
CA LEU H 134 -8.47 -13.95 48.00
C LEU H 134 -9.16 -14.74 49.07
N GLU H 135 -10.49 -14.69 49.09
CA GLU H 135 -11.27 -15.41 50.09
C GLU H 135 -11.06 -16.91 49.93
N THR H 136 -10.99 -17.37 48.69
CA THR H 136 -10.72 -18.77 48.42
C THR H 136 -9.34 -19.20 48.95
N GLN H 137 -8.29 -18.40 48.72
CA GLN H 137 -6.97 -18.77 49.22
C GLN H 137 -6.95 -18.86 50.74
N LEU H 138 -7.56 -17.91 51.44
CA LEU H 138 -7.58 -18.01 52.90
C LEU H 138 -8.33 -19.23 53.38
N GLN H 139 -9.38 -19.63 52.67
CA GLN H 139 -10.08 -20.85 53.03
C GLN H 139 -9.25 -22.09 52.71
N LEU H 140 -8.50 -22.06 51.61
CA LEU H 140 -7.65 -23.16 51.27
C LEU H 140 -6.54 -23.36 52.27
N MET H 141 -5.95 -22.27 52.77
CA MET H 141 -4.89 -22.42 53.77
C MET H 141 -5.46 -23.10 55.02
N ASP H 142 -6.70 -22.76 55.39
CA ASP H 142 -7.38 -23.46 56.48
C ASP H 142 -7.55 -24.95 56.20
N LYS H 143 -7.96 -25.33 54.99
CA LYS H 143 -8.17 -26.73 54.62
C LYS H 143 -6.85 -27.48 54.52
N LEU H 144 -5.86 -26.91 53.86
CA LEU H 144 -4.64 -27.64 53.60
C LEU H 144 -3.65 -27.53 54.76
N GLY H 145 -3.70 -26.45 55.53
CA GLY H 145 -2.59 -26.11 56.44
C GLY H 145 -1.65 -25.13 55.76
N ASP H 146 -1.07 -24.18 56.50
CA ASP H 146 -0.12 -23.21 55.95
C ASP H 146 1.07 -23.80 55.19
N ALA H 147 1.79 -24.72 55.78
CA ALA H 147 2.90 -25.41 55.10
C ALA H 147 2.48 -26.02 53.75
N LEU H 148 1.44 -26.84 53.75
CA LEU H 148 1.02 -27.52 52.55
C LEU H 148 0.55 -26.54 51.48
N TYR H 149 -0.16 -25.50 51.88
CA TYR H 149 -0.62 -24.51 50.95
C TYR H 149 0.58 -23.82 50.31
N ALA H 150 1.51 -23.42 51.16
CA ALA H 150 2.70 -22.71 50.73
C ALA H 150 3.48 -23.55 49.75
N ALA H 151 3.52 -24.86 49.98
CA ALA H 151 4.19 -25.79 49.07
C ALA H 151 3.62 -25.78 47.61
N GLN H 152 2.37 -25.31 47.45
CA GLN H 152 1.76 -25.18 46.14
C GLN H 152 2.09 -23.83 45.48
N CYS H 153 2.88 -23.01 46.16
CA CYS H 153 3.26 -21.70 45.72
C CYS H 153 4.73 -21.60 45.25
N VAL H 154 5.46 -22.72 45.33
CA VAL H 154 6.86 -22.82 44.90
C VAL H 154 6.93 -23.67 43.64
N SER H 155 7.99 -23.51 42.88
CA SER H 155 8.19 -24.31 41.70
C SER H 155 8.94 -25.56 42.10
N ARG H 156 9.14 -26.47 41.15
CA ARG H 156 9.95 -27.64 41.40
C ARG H 156 11.22 -27.67 40.53
N PRO H 157 12.38 -27.35 41.11
CA PRO H 157 12.68 -27.12 42.53
C PRO H 157 12.46 -25.64 42.93
N PRO H 158 12.28 -25.35 44.24
CA PRO H 158 11.95 -23.97 44.58
C PRO H 158 13.02 -23.01 44.07
N GLY H 159 12.59 -21.83 43.59
CA GLY H 159 13.44 -20.84 42.98
C GLY H 159 13.52 -19.65 43.92
N SER H 160 13.71 -18.45 43.35
CA SER H 160 13.96 -17.22 44.14
C SER H 160 13.96 -15.96 43.27
N ALA H 161 14.03 -14.79 43.90
CA ALA H 161 14.18 -13.51 43.16
C ALA H 161 15.41 -13.58 42.22
N MET I 1 -42.71 -8.37 20.86
CA MET I 1 -43.09 -7.79 22.19
C MET I 1 -43.58 -6.40 21.99
N GLN I 2 -44.32 -5.90 22.96
CA GLN I 2 -44.77 -4.52 22.85
C GLN I 2 -43.87 -3.67 23.73
N GLY I 3 -43.24 -2.67 23.13
CA GLY I 3 -42.39 -1.77 23.89
C GLY I 3 -43.23 -0.76 24.62
N ASP I 4 -42.70 -0.21 25.69
CA ASP I 4 -43.33 0.90 26.37
C ASP I 4 -43.42 2.14 25.47
N PRO I 5 -44.61 2.77 25.37
CA PRO I 5 -44.73 3.88 24.38
C PRO I 5 -43.82 5.09 24.60
N ASP I 6 -43.40 5.37 25.84
CA ASP I 6 -42.48 6.47 26.10
C ASP I 6 -41.05 6.13 25.71
N VAL I 7 -40.67 4.86 25.90
CA VAL I 7 -39.37 4.32 25.47
C VAL I 7 -39.25 4.41 23.96
N LEU I 8 -40.29 4.02 23.24
CA LEU I 8 -40.29 4.08 21.79
C LEU I 8 -40.27 5.51 21.28
N LYS I 9 -40.96 6.41 21.96
CA LYS I 9 -40.92 7.79 21.55
C LYS I 9 -39.47 8.28 21.70
N LEU I 10 -38.79 7.89 22.79
CA LEU I 10 -37.41 8.30 23.01
C LEU I 10 -36.44 7.66 22.00
N LEU I 11 -36.57 6.36 21.77
CA LEU I 11 -35.78 5.71 20.71
C LEU I 11 -35.98 6.36 19.35
N ASN I 12 -37.20 6.71 18.99
CA ASN I 12 -37.42 7.42 17.74
C ASN I 12 -36.83 8.83 17.70
N GLU I 13 -36.88 9.56 18.82
CA GLU I 13 -36.28 10.89 18.89
C GLU I 13 -34.77 10.73 18.63
N GLN I 14 -34.15 9.78 19.32
CA GLN I 14 -32.73 9.53 19.12
C GLN I 14 -32.42 9.15 17.68
N LEU I 15 -33.29 8.33 17.06
CA LEU I 15 -33.12 7.90 15.68
C LEU I 15 -33.06 9.11 14.78
N THR I 16 -33.92 10.08 15.03
CA THR I 16 -33.95 11.27 14.21
C THR I 16 -32.62 12.00 14.34
N SER I 17 -32.08 12.04 15.56
CA SER I 17 -30.79 12.68 15.79
C SER I 17 -29.68 11.99 15.00
N GLU I 18 -29.65 10.65 15.06
CA GLU I 18 -28.68 9.88 14.30
C GLU I 18 -28.77 10.15 12.79
N LEU I 19 -30.00 10.15 12.26
CA LEU I 19 -30.14 10.31 10.83
C LEU I 19 -29.62 11.68 10.43
N THR I 20 -29.78 12.65 11.34
CA THR I 20 -29.41 14.03 11.10
C THR I 20 -27.90 14.10 11.19
N ALA I 21 -27.34 13.51 12.24
CA ALA I 21 -25.86 13.40 12.33
C ALA I 21 -25.20 12.71 11.11
N ILE I 22 -25.77 11.61 10.58
CA ILE I 22 -25.22 10.97 9.36
C ILE I 22 -25.07 12.02 8.25
N ASN I 23 -26.14 12.70 7.92
CA ASN I 23 -26.07 13.72 6.89
C ASN I 23 -25.06 14.82 7.18
N GLN I 24 -25.05 15.31 8.42
CA GLN I 24 -24.20 16.43 8.76
C GLN I 24 -22.75 16.08 8.63
N TYR I 25 -22.35 14.96 9.22
CA TYR I 25 -20.98 14.54 9.18
C TYR I 25 -20.57 14.11 7.80
N PHE I 26 -21.40 13.37 7.08
CA PHE I 26 -21.04 12.96 5.75
C PHE I 26 -20.78 14.16 4.82
N LEU I 27 -21.71 15.12 4.80
CA LEU I 27 -21.49 16.35 4.04
C LEU I 27 -20.25 17.08 4.49
N HIS I 28 -20.02 17.21 5.78
CA HIS I 28 -18.83 17.86 6.25
C HIS I 28 -17.56 17.18 5.71
N SER I 29 -17.55 15.84 5.74
CA SER I 29 -16.42 15.10 5.26
C SER I 29 -16.19 15.44 3.76
N LYS I 30 -17.26 15.41 2.96
CA LYS I 30 -17.13 15.70 1.52
C LYS I 30 -16.61 17.11 1.30
N MET I 31 -17.06 18.05 2.11
CA MET I 31 -16.69 19.42 1.98
C MET I 31 -15.25 19.58 2.38
N GLN I 32 -14.82 18.86 3.41
CA GLN I 32 -13.43 18.91 3.82
C GLN I 32 -12.55 18.34 2.72
N ASP I 33 -12.97 17.23 2.11
CA ASP I 33 -12.26 16.69 0.95
C ASP I 33 -12.06 17.70 -0.18
N ASN I 34 -13.14 18.38 -0.58
CA ASN I 34 -13.08 19.41 -1.60
C ASN I 34 -12.24 20.63 -1.30
N TRP I 35 -12.03 20.94 -0.01
CA TRP I 35 -11.16 22.03 0.38
C TRP I 35 -9.70 21.60 0.43
N GLY I 36 -9.44 20.30 0.29
CA GLY I 36 -8.09 19.79 0.35
C GLY I 36 -7.70 19.22 1.70
N PHE I 37 -8.60 19.29 2.66
CA PHE I 37 -8.31 18.69 3.97
C PHE I 37 -8.61 17.19 3.96
N THR I 38 -7.84 16.46 3.17
CA THR I 38 -8.19 15.06 2.92
C THR I 38 -7.90 14.17 4.12
N GLU I 39 -6.89 14.51 4.90
CA GLU I 39 -6.62 13.71 6.10
C GLU I 39 -7.75 13.84 7.13
N LEU I 40 -8.20 15.08 7.33
CA LEU I 40 -9.31 15.35 8.21
C LEU I 40 -10.59 14.76 7.66
N ALA I 41 -10.76 14.77 6.34
CA ALA I 41 -11.99 14.24 5.78
C ALA I 41 -12.20 12.77 6.08
N GLU I 42 -11.11 11.98 6.14
CA GLU I 42 -11.19 10.53 6.41
C GLU I 42 -11.75 10.31 7.82
N HIS I 43 -11.38 11.18 8.75
CA HIS I 43 -11.83 11.04 10.10
C HIS I 43 -13.30 11.41 10.21
N THR I 44 -13.70 12.52 9.60
CA THR I 44 -15.10 12.94 9.62
C THR I 44 -16.01 11.90 8.94
N ARG I 45 -15.54 11.33 7.84
CA ARG I 45 -16.30 10.27 7.18
C ARG I 45 -16.51 9.08 8.12
N ALA I 46 -15.47 8.65 8.82
CA ALA I 46 -15.62 7.61 9.82
C ALA I 46 -16.64 7.99 10.89
N GLU I 47 -16.65 9.24 11.36
CA GLU I 47 -17.70 9.64 12.30
C GLU I 47 -19.12 9.42 11.70
N SER I 48 -19.26 9.75 10.43
CA SER I 48 -20.48 9.49 9.70
C SER I 48 -20.92 8.01 9.72
N PHE I 49 -19.98 7.08 9.59
CA PHE I 49 -20.32 5.65 9.53
C PHE I 49 -20.73 5.16 10.91
N GLU I 50 -20.14 5.74 11.93
CA GLU I 50 -20.50 5.40 13.30
C GLU I 50 -21.92 5.86 13.54
N GLU I 51 -22.35 7.00 13.02
CA GLU I 51 -23.74 7.37 13.12
C GLU I 51 -24.65 6.43 12.35
N MET I 52 -24.26 6.04 11.15
CA MET I 52 -25.01 5.05 10.42
C MET I 52 -25.25 3.80 11.30
N ARG I 53 -24.21 3.32 11.97
CA ARG I 53 -24.37 2.19 12.88
C ARG I 53 -25.33 2.46 14.03
N HIS I 54 -25.25 3.63 14.64
CA HIS I 54 -26.23 3.98 15.67
C HIS I 54 -27.69 3.92 15.17
N ALA I 55 -27.95 4.53 14.02
CA ALA I 55 -29.22 4.48 13.40
C ALA I 55 -29.67 3.03 13.26
N GLU I 56 -28.79 2.16 12.77
CA GLU I 56 -29.17 0.76 12.54
C GLU I 56 -29.53 0.07 13.86
N THR I 57 -28.64 0.12 14.84
CA THR I 57 -28.91 -0.41 16.17
C THR I 57 -30.27 0.04 16.74
N ILE I 58 -30.52 1.35 16.76
CA ILE I 58 -31.80 1.87 17.21
C ILE I 58 -32.95 1.32 16.39
N THR I 59 -32.81 1.26 15.07
CA THR I 59 -33.87 0.77 14.18
C THR I 59 -34.27 -0.65 14.61
N ASP I 60 -33.26 -1.52 14.81
CA ASP I 60 -33.48 -2.91 15.23
C ASP I 60 -34.31 -3.00 16.52
N ARG I 61 -33.92 -2.20 17.50
CA ARG I 61 -34.59 -2.22 18.78
C ARG I 61 -36.05 -1.75 18.66
N ILE I 62 -36.28 -0.67 17.89
CA ILE I 62 -37.64 -0.19 17.68
C ILE I 62 -38.46 -1.31 17.05
N LEU I 63 -37.89 -2.02 16.10
CA LEU I 63 -38.66 -3.10 15.45
C LEU I 63 -38.98 -4.28 16.38
N LEU I 64 -37.98 -4.69 17.16
CA LEU I 64 -38.12 -5.74 18.16
C LEU I 64 -39.22 -5.35 19.15
N LEU I 65 -39.35 -4.07 19.44
CA LEU I 65 -40.39 -3.60 20.34
C LEU I 65 -41.72 -3.26 19.65
N ASP I 66 -41.83 -3.69 18.39
CA ASP I 66 -43.00 -3.51 17.52
C ASP I 66 -43.41 -2.09 17.30
N GLY I 67 -42.43 -1.20 17.31
CA GLY I 67 -42.65 0.22 17.02
C GLY I 67 -42.39 0.51 15.55
N LEU I 68 -42.56 1.76 15.18
CA LEU I 68 -42.37 2.16 13.78
C LEU I 68 -41.20 3.11 13.67
N PRO I 69 -40.07 2.63 13.12
CA PRO I 69 -38.91 3.55 13.00
C PRO I 69 -39.21 4.75 12.06
N ASN I 70 -38.96 5.95 12.54
CA ASN I 70 -39.23 7.14 11.76
C ASN I 70 -38.04 7.46 10.88
N TYR I 71 -38.11 7.14 9.60
CA TYR I 71 -37.03 7.51 8.69
C TYR I 71 -37.42 8.71 7.85
N GLN I 72 -38.49 9.39 8.24
CA GLN I 72 -38.99 10.49 7.44
C GLN I 72 -38.48 11.86 7.95
N ARG I 73 -38.32 11.97 9.27
CA ARG I 73 -37.96 13.21 9.95
C ARG I 73 -36.47 13.43 9.98
N LEU I 74 -36.01 14.63 9.65
CA LEU I 74 -34.66 15.12 10.02
C LEU I 74 -34.77 16.41 10.85
N PHE I 75 -33.80 16.68 11.71
CA PHE I 75 -33.69 18.02 12.30
C PHE I 75 -32.98 18.98 11.33
N SER I 76 -32.73 20.22 11.73
CA SER I 76 -32.04 21.14 10.84
C SER I 76 -30.55 20.89 10.80
N LEU I 77 -30.00 20.74 9.60
CA LEU I 77 -28.59 20.58 9.45
C LEU I 77 -27.90 21.88 9.73
N ARG I 78 -26.77 21.83 10.42
CA ARG I 78 -25.89 22.95 10.50
C ARG I 78 -24.69 22.63 9.59
N VAL I 79 -24.58 23.36 8.49
CA VAL I 79 -23.56 23.12 7.47
C VAL I 79 -22.50 24.20 7.69
N GLY I 80 -21.36 23.89 8.30
CA GLY I 80 -20.43 24.98 8.57
C GLY I 80 -19.66 25.34 7.33
N GLN I 81 -19.19 26.59 7.22
CA GLN I 81 -18.42 26.97 6.03
C GLN I 81 -16.92 27.12 6.24
N THR I 82 -16.46 26.76 7.44
CA THR I 82 -15.01 26.69 7.79
C THR I 82 -14.80 25.46 8.66
N LEU I 83 -13.55 25.02 8.82
CA LEU I 83 -13.27 23.90 9.74
C LEU I 83 -13.79 24.14 11.18
N ARG I 84 -13.49 25.30 11.75
CA ARG I 84 -13.95 25.62 13.10
C ARG I 84 -15.48 25.52 13.18
N GLU I 85 -16.18 26.14 12.23
CA GLU I 85 -17.64 26.07 12.23
C GLU I 85 -18.18 24.65 12.08
N GLN I 86 -17.49 23.81 11.35
CA GLN I 86 -17.93 22.42 11.20
C GLN I 86 -17.80 21.66 12.50
N PHE I 87 -16.69 21.82 13.22
CA PHE I 87 -16.51 21.23 14.51
C PHE I 87 -17.59 21.76 15.45
N GLU I 88 -17.83 23.06 15.40
CA GLU I 88 -18.85 23.64 16.29
C GLU I 88 -20.25 23.13 15.98
N ALA I 89 -20.56 22.95 14.70
CA ALA I 89 -21.85 22.40 14.27
C ALA I 89 -22.03 20.97 14.74
N ASP I 90 -21.02 20.15 14.54
CA ASP I 90 -21.09 18.76 14.95
C ASP I 90 -21.09 18.62 16.46
N LEU I 91 -20.42 19.55 17.14
CA LEU I 91 -20.43 19.56 18.57
C LEU I 91 -21.80 19.93 19.09
N ALA I 92 -22.48 20.87 18.44
CA ALA I 92 -23.81 21.21 18.85
C ALA I 92 -24.79 20.02 18.77
N ILE I 93 -24.73 19.18 17.75
CA ILE I 93 -25.63 18.00 17.80
C ILE I 93 -25.25 16.91 18.79
N GLU I 94 -23.96 16.77 19.09
CA GLU I 94 -23.57 15.78 20.07
C GLU I 94 -24.08 16.21 21.43
N TYR I 95 -24.07 17.51 21.70
CA TYR I 95 -24.58 17.99 22.98
C TYR I 95 -26.06 17.82 23.13
N GLU I 96 -26.79 17.95 22.02
CA GLU I 96 -28.20 17.63 22.01
C GLU I 96 -28.44 16.16 22.36
N VAL I 97 -27.58 15.28 21.86
CA VAL I 97 -27.69 13.89 22.22
C VAL I 97 -27.61 13.73 23.73
N LEU I 98 -26.55 14.25 24.36
CA LEU I 98 -26.45 14.20 25.82
C LEU I 98 -27.69 14.66 26.54
N GLU I 99 -28.24 15.82 26.15
CA GLU I 99 -29.38 16.36 26.88
C GLU I 99 -30.53 15.41 26.82
N ARG I 100 -30.67 14.69 25.71
CA ARG I 100 -31.75 13.72 25.51
C ARG I 100 -31.51 12.40 26.25
N LEU I 101 -30.29 11.85 26.12
CA LEU I 101 -30.04 10.51 26.56
C LEU I 101 -29.76 10.40 28.04
N LYS I 102 -29.25 11.49 28.63
CA LYS I 102 -28.94 11.46 30.05
C LYS I 102 -30.20 11.19 30.89
N PRO I 103 -31.26 12.04 30.78
CA PRO I 103 -32.53 11.60 31.39
C PRO I 103 -33.20 10.41 30.68
N GLY I 104 -32.96 10.23 29.38
CA GLY I 104 -33.49 9.08 28.64
C GLY I 104 -33.18 7.71 29.25
N ILE I 105 -31.91 7.51 29.60
CA ILE I 105 -31.43 6.27 30.13
C ILE I 105 -32.13 6.00 31.45
N VAL I 106 -32.22 7.04 32.30
CA VAL I 106 -32.96 6.96 33.57
C VAL I 106 -34.45 6.60 33.37
N LEU I 107 -35.08 7.18 32.34
CA LEU I 107 -36.50 6.85 32.02
C LEU I 107 -36.67 5.39 31.62
N CYS I 108 -35.79 4.89 30.72
CA CYS I 108 -35.81 3.49 30.34
C CYS I 108 -35.73 2.50 31.51
N ARG I 109 -34.88 2.80 32.49
CA ARG I 109 -34.71 1.93 33.63
C ARG I 109 -35.90 1.98 34.58
N GLU I 110 -36.48 3.18 34.75
CA GLU I 110 -37.74 3.40 35.50
C GLU I 110 -38.86 2.61 34.84
N LYS I 111 -38.98 2.67 33.52
CA LYS I 111 -39.97 1.84 32.80
C LYS I 111 -39.62 0.34 32.75
N GLN I 112 -38.54 -0.05 33.44
CA GLN I 112 -38.06 -1.43 33.51
C GLN I 112 -37.66 -2.04 32.15
N ASP I 113 -37.19 -1.19 31.24
CA ASP I 113 -36.64 -1.65 29.97
C ASP I 113 -35.11 -1.44 30.01
N ALA I 114 -34.44 -2.36 30.70
CA ALA I 114 -33.00 -2.29 30.89
C ALA I 114 -32.24 -2.56 29.60
N THR I 115 -32.79 -3.39 28.72
CA THR I 115 -32.18 -3.62 27.43
C THR I 115 -32.11 -2.34 26.60
N SER I 116 -33.22 -1.59 26.49
CA SER I 116 -33.14 -0.34 25.71
C SER I 116 -32.24 0.70 26.42
N ALA I 117 -32.19 0.65 27.74
CA ALA I 117 -31.34 1.55 28.50
C ALA I 117 -29.85 1.27 28.19
N ARG I 118 -29.45 -0.01 28.15
CA ARG I 118 -28.08 -0.40 27.82
C ARG I 118 -27.72 0.00 26.41
N LEU I 119 -28.67 -0.15 25.49
CA LEU I 119 -28.45 0.28 24.14
C LEU I 119 -28.11 1.77 24.11
N LEU I 120 -28.93 2.58 24.76
CA LEU I 120 -28.68 3.99 24.84
C LEU I 120 -27.42 4.37 25.68
N GLU I 121 -27.09 3.56 26.68
CA GLU I 121 -25.84 3.74 27.44
C GLU I 121 -24.64 3.62 26.51
N GLN I 122 -24.67 2.62 25.62
CA GLN I 122 -23.61 2.42 24.61
C GLN I 122 -23.49 3.55 23.61
N ILE I 123 -24.62 4.00 23.07
CA ILE I 123 -24.58 5.17 22.22
C ILE I 123 -24.03 6.40 22.96
N LEU I 124 -24.53 6.66 24.18
CA LEU I 124 -24.04 7.78 24.98
C LEU I 124 -22.50 7.76 25.10
N ALA I 125 -21.93 6.64 25.49
CA ALA I 125 -20.45 6.54 25.56
C ALA I 125 -19.84 6.92 24.25
N ASP I 126 -20.31 6.34 23.13
CA ASP I 126 -19.84 6.70 21.77
C ASP I 126 -19.91 8.21 21.56
N GLU I 127 -21.04 8.85 21.83
CA GLU I 127 -21.14 10.29 21.62
C GLU I 127 -20.26 11.14 22.53
N GLU I 128 -20.00 10.67 23.75
CA GLU I 128 -19.14 11.41 24.66
C GLU I 128 -17.73 11.45 24.04
N THR I 129 -17.31 10.32 23.46
CA THR I 129 -16.04 10.28 22.76
C THR I 129 -15.96 11.23 21.59
N HIS I 130 -17.01 11.29 20.77
CA HIS I 130 -17.11 12.29 19.70
C HIS I 130 -17.00 13.72 20.28
N ILE I 131 -17.71 14.01 21.35
CA ILE I 131 -17.58 15.31 22.02
C ILE I 131 -16.11 15.63 22.42
N ASP I 132 -15.46 14.65 23.01
CA ASP I 132 -14.10 14.76 23.49
C ASP I 132 -13.15 15.07 22.32
N TYR I 133 -13.27 14.35 21.20
CA TYR I 133 -12.51 14.60 19.98
C TYR I 133 -12.75 16.06 19.50
N LEU I 134 -14.01 16.47 19.40
CA LEU I 134 -14.39 17.77 18.80
C LEU I 134 -13.88 18.88 19.68
N GLU I 135 -14.02 18.73 20.99
CA GLU I 135 -13.61 19.79 21.88
C GLU I 135 -12.10 19.91 21.88
N THR I 136 -11.42 18.77 21.75
CA THR I 136 -9.97 18.78 21.67
C THR I 136 -9.51 19.49 20.37
N GLN I 137 -10.19 19.24 19.23
CA GLN I 137 -9.80 19.94 17.98
C GLN I 137 -9.97 21.45 18.12
N LEU I 138 -11.09 21.92 18.69
CA LEU I 138 -11.30 23.37 18.87
C LEU I 138 -10.24 23.98 19.79
N GLN I 139 -9.85 23.23 20.83
CA GLN I 139 -8.76 23.61 21.68
C GLN I 139 -7.42 23.70 20.90
N LEU I 140 -7.18 22.71 20.02
CA LEU I 140 -5.93 22.65 19.29
C LEU I 140 -5.84 23.80 18.31
N MET I 141 -6.93 24.13 17.62
CA MET I 141 -6.91 25.30 16.74
C MET I 141 -6.52 26.56 17.51
N ASP I 142 -7.00 26.70 18.75
CA ASP I 142 -6.61 27.83 19.58
C ASP I 142 -5.14 27.84 19.92
N LYS I 143 -4.58 26.68 20.19
CA LYS I 143 -3.16 26.56 20.51
C LYS I 143 -2.22 26.72 19.33
N LEU I 144 -2.54 26.06 18.24
CA LEU I 144 -1.74 26.09 17.03
C LEU I 144 -1.98 27.30 16.16
N GLY I 145 -3.23 27.79 16.12
CA GLY I 145 -3.64 28.82 15.15
C GLY I 145 -4.35 28.09 14.03
N ASP I 146 -5.34 28.73 13.39
CA ASP I 146 -6.11 28.10 12.29
C ASP I 146 -5.27 27.57 11.16
N ALA I 147 -4.38 28.39 10.62
CA ALA I 147 -3.54 27.98 9.49
C ALA I 147 -2.72 26.72 9.85
N LEU I 148 -1.93 26.80 10.93
CA LEU I 148 -1.09 25.68 11.30
C LEU I 148 -1.90 24.40 11.65
N TYR I 149 -3.10 24.56 12.21
CA TYR I 149 -3.90 23.40 12.51
C TYR I 149 -4.30 22.79 11.20
N ALA I 150 -4.83 23.61 10.30
CA ALA I 150 -5.28 23.15 8.96
C ALA I 150 -4.17 22.41 8.23
N ALA I 151 -2.93 22.89 8.38
CA ALA I 151 -1.79 22.27 7.72
C ALA I 151 -1.57 20.81 8.17
N GLN I 152 -2.08 20.44 9.33
CA GLN I 152 -2.04 19.04 9.79
C GLN I 152 -3.21 18.20 9.24
N CYS I 153 -4.02 18.78 8.38
CA CYS I 153 -5.20 18.13 7.87
C CYS I 153 -5.08 17.82 6.39
N VAL I 154 -3.96 18.20 5.79
CA VAL I 154 -3.68 17.95 4.37
C VAL I 154 -2.61 16.86 4.30
N SER I 155 -2.51 16.19 3.17
CA SER I 155 -1.44 15.22 3.01
C SER I 155 -0.21 15.94 2.44
N ARG I 156 0.88 15.17 2.22
CA ARG I 156 2.12 15.64 1.61
C ARG I 156 2.39 14.93 0.28
N PRO I 157 2.18 15.62 -0.86
CA PRO I 157 1.78 17.03 -1.02
C PRO I 157 0.24 17.13 -0.87
N PRO I 158 -0.32 18.36 -0.70
CA PRO I 158 -1.77 18.41 -0.50
C PRO I 158 -2.52 17.85 -1.72
N GLY I 159 -3.62 17.15 -1.48
CA GLY I 159 -4.39 16.48 -2.53
C GLY I 159 -5.73 17.18 -2.69
N SER I 160 -6.75 16.42 -3.14
CA SER I 160 -8.07 16.98 -3.47
C SER I 160 -9.15 15.89 -3.45
N ALA I 161 -10.42 16.23 -3.67
CA ALA I 161 -11.55 15.24 -3.64
C ALA I 161 -11.38 14.00 -4.53
N MET J 1 -14.73 24.95 -10.49
CA MET J 1 -15.48 25.30 -11.73
C MET J 1 -16.86 25.73 -11.32
N GLN J 2 -17.50 26.54 -12.14
CA GLN J 2 -18.88 26.90 -11.87
C GLN J 2 -19.75 25.99 -12.74
N GLY J 3 -20.65 25.26 -12.12
CA GLY J 3 -21.54 24.41 -12.90
C GLY J 3 -22.66 25.27 -13.43
N ASP J 4 -23.30 24.79 -14.49
CA ASP J 4 -24.53 25.36 -14.98
C ASP J 4 -25.66 25.28 -13.94
N PRO J 5 -26.36 26.41 -13.68
CA PRO J 5 -27.46 26.43 -12.68
C PRO J 5 -28.55 25.35 -12.83
N ASP J 6 -28.92 25.02 -14.07
CA ASP J 6 -29.96 24.05 -14.33
C ASP J 6 -29.48 22.63 -14.10
N VAL J 7 -28.22 22.39 -14.42
CA VAL J 7 -27.64 21.10 -14.16
C VAL J 7 -27.55 20.86 -12.67
N LEU J 8 -27.20 21.91 -11.92
CA LEU J 8 -27.06 21.79 -10.47
C LEU J 8 -28.41 21.53 -9.81
N LYS J 9 -29.44 22.22 -10.31
CA LYS J 9 -30.82 21.99 -9.86
C LYS J 9 -31.20 20.52 -10.10
N LEU J 10 -30.90 20.01 -11.30
CA LEU J 10 -31.17 18.60 -11.62
C LEU J 10 -30.38 17.63 -10.73
N LEU J 11 -29.04 17.79 -10.62
CA LEU J 11 -28.25 16.92 -9.75
C LEU J 11 -28.81 16.95 -8.32
N ASN J 12 -29.20 18.13 -7.86
CA ASN J 12 -29.80 18.24 -6.53
C ASN J 12 -31.15 17.54 -6.35
N GLU J 13 -31.99 17.57 -7.38
CA GLU J 13 -33.23 16.83 -7.27
C GLU J 13 -32.92 15.33 -7.27
N GLN J 14 -31.95 14.90 -8.07
CA GLN J 14 -31.67 13.48 -8.10
C GLN J 14 -31.08 13.08 -6.75
N LEU J 15 -30.28 13.96 -6.15
CA LEU J 15 -29.71 13.70 -4.83
C LEU J 15 -30.80 13.42 -3.82
N THR J 16 -31.88 14.23 -3.87
CA THR J 16 -32.98 14.06 -2.96
C THR J 16 -33.60 12.71 -3.20
N SER J 17 -33.77 12.33 -4.46
CA SER J 17 -34.30 10.98 -4.77
C SER J 17 -33.44 9.89 -4.12
N GLU J 18 -32.12 10.00 -4.25
CA GLU J 18 -31.22 8.98 -3.70
C GLU J 18 -31.30 8.94 -2.19
N LEU J 19 -31.30 10.09 -1.53
CA LEU J 19 -31.32 10.08 -0.09
C LEU J 19 -32.63 9.44 0.37
N THR J 20 -33.71 9.61 -0.41
CA THR J 20 -35.01 9.03 -0.12
C THR J 20 -34.97 7.52 -0.31
N ALA J 21 -34.43 7.08 -1.43
CA ALA J 21 -34.22 5.63 -1.71
C ALA J 21 -33.37 4.94 -0.65
N ILE J 22 -32.33 5.60 -0.14
CA ILE J 22 -31.51 5.02 0.95
C ILE J 22 -32.41 4.61 2.11
N ASN J 23 -33.16 5.59 2.61
CA ASN J 23 -34.04 5.36 3.73
C ASN J 23 -35.09 4.28 3.43
N GLN J 24 -35.71 4.37 2.25
CA GLN J 24 -36.82 3.48 1.93
C GLN J 24 -36.34 2.03 1.87
N TYR J 25 -35.25 1.80 1.14
CA TYR J 25 -34.65 0.47 1.01
C TYR J 25 -34.11 -0.02 2.31
N PHE J 26 -33.40 0.83 3.03
CA PHE J 26 -32.83 0.39 4.28
C PHE J 26 -33.90 -0.11 5.23
N LEU J 27 -34.95 0.70 5.41
CA LEU J 27 -36.08 0.37 6.29
C LEU J 27 -36.77 -0.87 5.80
N HIS J 28 -36.97 -1.01 4.49
CA HIS J 28 -37.60 -2.21 3.95
C HIS J 28 -36.80 -3.45 4.34
N SER J 29 -35.47 -3.34 4.20
CA SER J 29 -34.64 -4.50 4.47
C SER J 29 -34.74 -4.87 5.94
N LYS J 30 -34.74 -3.88 6.81
CA LYS J 30 -34.84 -4.15 8.25
C LYS J 30 -36.19 -4.76 8.63
N MET J 31 -37.24 -4.30 7.95
CA MET J 31 -38.57 -4.83 8.17
C MET J 31 -38.65 -6.24 7.64
N GLN J 32 -37.99 -6.50 6.51
CA GLN J 32 -37.95 -7.84 5.92
C GLN J 32 -37.24 -8.83 6.83
N ASP J 33 -36.14 -8.38 7.40
CA ASP J 33 -35.41 -9.14 8.39
C ASP J 33 -36.28 -9.51 9.61
N ASN J 34 -36.99 -8.53 10.14
CA ASN J 34 -37.84 -8.69 11.28
C ASN J 34 -39.07 -9.60 11.05
N TRP J 35 -39.47 -9.75 9.79
CA TRP J 35 -40.58 -10.65 9.44
C TRP J 35 -40.07 -12.07 9.19
N GLY J 36 -38.77 -12.28 9.12
CA GLY J 36 -38.21 -13.60 8.89
C GLY J 36 -37.71 -13.80 7.47
N PHE J 37 -37.92 -12.82 6.62
CA PHE J 37 -37.50 -12.93 5.26
C PHE J 37 -36.03 -12.52 5.11
N THR J 38 -35.17 -13.27 5.80
CA THR J 38 -33.80 -12.88 5.98
C THR J 38 -33.03 -12.94 4.67
N GLU J 39 -33.36 -13.90 3.83
CA GLU J 39 -32.65 -14.00 2.56
C GLU J 39 -32.96 -12.82 1.63
N LEU J 40 -34.22 -12.43 1.55
CA LEU J 40 -34.60 -11.27 0.80
C LEU J 40 -34.05 -10.00 1.42
N ALA J 41 -33.97 -9.96 2.76
CA ALA J 41 -33.47 -8.76 3.42
C ALA J 41 -32.09 -8.41 2.95
N GLU J 42 -31.23 -9.43 2.75
CA GLU J 42 -29.83 -9.21 2.34
C GLU J 42 -29.81 -8.46 1.02
N HIS J 43 -30.72 -8.86 0.11
CA HIS J 43 -30.75 -8.24 -1.21
C HIS J 43 -31.25 -6.81 -1.13
N THR J 44 -32.29 -6.55 -0.35
CA THR J 44 -32.79 -5.20 -0.19
C THR J 44 -31.74 -4.32 0.50
N ARG J 45 -31.03 -4.86 1.46
CA ARG J 45 -29.95 -4.10 2.10
C ARG J 45 -28.91 -3.64 1.07
N ALA J 46 -28.44 -4.57 0.25
CA ALA J 46 -27.51 -4.20 -0.81
C ALA J 46 -28.09 -3.12 -1.73
N GLU J 47 -29.37 -3.17 -2.08
CA GLU J 47 -29.94 -2.09 -2.90
C GLU J 47 -29.76 -0.75 -2.20
N SER J 48 -29.96 -0.75 -0.89
CA SER J 48 -29.74 0.41 -0.04
C SER J 48 -28.33 1.01 -0.17
N PHE J 49 -27.31 0.15 -0.18
CA PHE J 49 -25.93 0.58 -0.28
C PHE J 49 -25.59 1.13 -1.63
N GLU J 50 -26.20 0.58 -2.66
CA GLU J 50 -26.06 1.15 -3.99
C GLU J 50 -26.60 2.57 -4.04
N GLU J 51 -27.69 2.84 -3.34
CA GLU J 51 -28.23 4.17 -3.32
C GLU J 51 -27.31 5.11 -2.55
N MET J 52 -26.74 4.61 -1.44
CA MET J 52 -25.72 5.35 -0.72
C MET J 52 -24.59 5.77 -1.66
N ARG J 53 -24.12 4.83 -2.49
CA ARG J 53 -23.11 5.16 -3.49
C ARG J 53 -23.56 6.18 -4.51
N HIS J 54 -24.81 6.10 -4.97
CA HIS J 54 -25.33 7.12 -5.87
C HIS J 54 -25.34 8.52 -5.24
N ALA J 55 -25.83 8.60 -4.01
CA ALA J 55 -25.83 9.84 -3.27
C ALA J 55 -24.41 10.41 -3.19
N GLU J 56 -23.43 9.55 -2.94
CA GLU J 56 -22.04 10.05 -2.82
C GLU J 56 -21.51 10.61 -4.13
N THR J 57 -21.60 9.79 -5.20
CA THR J 57 -21.24 10.21 -6.54
C THR J 57 -21.83 11.56 -6.92
N ILE J 58 -23.13 11.72 -6.75
CA ILE J 58 -23.78 13.00 -7.02
C ILE J 58 -23.26 14.14 -6.14
N THR J 59 -23.08 13.88 -4.85
CA THR J 59 -22.56 14.91 -3.97
C THR J 59 -21.22 15.42 -4.48
N ASP J 60 -20.30 14.51 -4.81
CA ASP J 60 -19.00 14.86 -5.38
C ASP J 60 -19.14 15.82 -6.54
N ARG J 61 -19.94 15.44 -7.50
CA ARG J 61 -20.10 16.24 -8.69
C ARG J 61 -20.70 17.63 -8.39
N ILE J 62 -21.69 17.68 -7.51
CA ILE J 62 -22.23 18.96 -7.08
C ILE J 62 -21.13 19.82 -6.46
N LEU J 63 -20.28 19.24 -5.63
CA LEU J 63 -19.20 20.02 -5.03
C LEU J 63 -18.18 20.49 -6.07
N LEU J 64 -17.78 19.60 -6.95
CA LEU J 64 -16.83 19.92 -8.02
C LEU J 64 -17.34 21.12 -8.81
N LEU J 65 -18.65 21.19 -8.99
CA LEU J 65 -19.29 22.24 -9.77
C LEU J 65 -19.64 23.48 -8.96
N ASP J 66 -19.11 23.52 -7.73
CA ASP J 66 -19.28 24.62 -6.75
C ASP J 66 -20.71 24.85 -6.35
N GLY J 67 -21.52 23.80 -6.32
CA GLY J 67 -22.92 23.87 -5.89
C GLY J 67 -23.04 23.49 -4.42
N LEU J 68 -24.25 23.48 -3.92
CA LEU J 68 -24.52 23.16 -2.53
C LEU J 68 -25.38 21.89 -2.46
N PRO J 69 -24.76 20.74 -2.07
CA PRO J 69 -25.57 19.51 -2.00
C PRO J 69 -26.63 19.68 -0.92
N ASN J 70 -27.85 19.35 -1.29
CA ASN J 70 -28.99 19.46 -0.40
C ASN J 70 -29.16 18.17 0.38
N TYR J 71 -28.65 18.12 1.61
CA TYR J 71 -28.85 16.95 2.44
C TYR J 71 -29.99 17.15 3.43
N GLN J 72 -30.77 18.22 3.26
CA GLN J 72 -31.83 18.53 4.21
C GLN J 72 -33.20 17.93 3.83
N ARG J 73 -33.44 17.81 2.53
CA ARG J 73 -34.77 17.53 2.01
C ARG J 73 -34.88 16.04 1.71
N LEU J 74 -36.00 15.44 2.06
CA LEU J 74 -36.39 14.08 1.65
C LEU J 74 -37.76 14.12 1.02
N PHE J 75 -38.04 13.18 0.14
CA PHE J 75 -39.36 13.01 -0.42
C PHE J 75 -40.19 12.13 0.54
N SER J 76 -41.45 11.86 0.24
CA SER J 76 -42.22 11.01 1.15
C SER J 76 -41.85 9.54 1.01
N LEU J 77 -41.52 8.91 2.12
CA LEU J 77 -41.24 7.48 2.05
C LEU J 77 -42.52 6.70 1.91
N ARG J 78 -42.44 5.62 1.17
CA ARG J 78 -43.51 4.68 1.08
C ARG J 78 -43.00 3.45 1.86
N VAL J 79 -43.61 3.21 3.01
CA VAL J 79 -43.23 2.09 3.85
C VAL J 79 -44.21 0.99 3.58
N GLY J 80 -43.89 -0.04 2.85
CA GLY J 80 -45.00 -1.00 2.63
C GLY J 80 -45.29 -1.88 3.85
N GLN J 81 -46.49 -2.44 3.95
CA GLN J 81 -46.81 -3.38 5.05
C GLN J 81 -46.69 -4.87 4.69
N THR J 82 -46.38 -5.19 3.42
CA THR J 82 -46.18 -6.59 2.97
C THR J 82 -45.09 -6.61 1.94
N LEU J 83 -44.55 -7.78 1.62
CA LEU J 83 -43.52 -7.90 0.57
C LEU J 83 -43.93 -7.26 -0.77
N ARG J 84 -45.10 -7.65 -1.30
CA ARG J 84 -45.60 -7.03 -2.53
C ARG J 84 -45.64 -5.48 -2.45
N GLU J 85 -46.18 -4.94 -1.37
CA GLU J 85 -46.26 -3.48 -1.30
C GLU J 85 -44.89 -2.87 -1.24
N GLN J 86 -43.93 -3.55 -0.62
CA GLN J 86 -42.56 -3.03 -0.56
C GLN J 86 -41.89 -2.97 -1.93
N PHE J 87 -42.04 -4.03 -2.73
CA PHE J 87 -41.55 -4.01 -4.10
C PHE J 87 -42.23 -2.90 -4.90
N GLU J 88 -43.54 -2.71 -4.73
CA GLU J 88 -44.22 -1.64 -5.47
C GLU J 88 -43.81 -0.28 -5.01
N ALA J 89 -43.55 -0.13 -3.72
CA ALA J 89 -43.12 1.15 -3.17
C ALA J 89 -41.79 1.54 -3.78
N ASP J 90 -40.85 0.57 -3.81
CA ASP J 90 -39.52 0.83 -4.34
C ASP J 90 -39.52 0.95 -5.83
N LEU J 91 -40.36 0.18 -6.50
CA LEU J 91 -40.64 0.39 -7.92
C LEU J 91 -41.13 1.84 -8.21
N ALA J 92 -42.00 2.36 -7.35
CA ALA J 92 -42.51 3.71 -7.59
C ALA J 92 -41.37 4.75 -7.61
N ILE J 93 -40.38 4.60 -6.74
CA ILE J 93 -39.31 5.58 -6.66
C ILE J 93 -38.38 5.47 -7.85
N GLU J 94 -38.14 4.23 -8.28
CA GLU J 94 -37.25 3.98 -9.39
C GLU J 94 -37.81 4.59 -10.68
N TYR J 95 -39.14 4.50 -10.86
CA TYR J 95 -39.77 5.06 -12.03
C TYR J 95 -39.78 6.60 -11.98
N GLU J 96 -39.85 7.17 -10.79
CA GLU J 96 -39.65 8.62 -10.65
C GLU J 96 -38.24 9.03 -11.09
N VAL J 97 -37.25 8.20 -10.78
CA VAL J 97 -35.90 8.42 -11.26
C VAL J 97 -35.83 8.45 -12.79
N LEU J 98 -36.38 7.45 -13.48
CA LEU J 98 -36.47 7.52 -14.95
C LEU J 98 -37.13 8.79 -15.46
N GLU J 99 -38.27 9.17 -14.89
CA GLU J 99 -39.02 10.34 -15.38
C GLU J 99 -38.13 11.54 -15.36
N ARG J 100 -37.30 11.65 -14.32
CA ARG J 100 -36.37 12.76 -14.16
C ARG J 100 -35.13 12.69 -15.06
N LEU J 101 -34.42 11.56 -15.00
CA LEU J 101 -33.13 11.39 -15.65
C LEU J 101 -33.16 11.22 -17.16
N LYS J 102 -34.27 10.67 -17.69
CA LYS J 102 -34.46 10.57 -19.14
C LYS J 102 -34.34 11.93 -19.87
N PRO J 103 -35.22 12.93 -19.57
CA PRO J 103 -34.94 14.31 -19.99
C PRO J 103 -33.68 14.96 -19.37
N GLY J 104 -33.35 14.60 -18.14
CA GLY J 104 -32.17 15.18 -17.48
C GLY J 104 -30.87 15.00 -18.26
N ILE J 105 -30.65 13.78 -18.73
CA ILE J 105 -29.46 13.46 -19.44
C ILE J 105 -29.39 14.33 -20.69
N VAL J 106 -30.48 14.37 -21.46
CA VAL J 106 -30.60 15.25 -22.65
C VAL J 106 -30.30 16.71 -22.32
N LEU J 107 -30.85 17.21 -21.20
CA LEU J 107 -30.58 18.57 -20.74
C LEU J 107 -29.10 18.87 -20.42
N CYS J 108 -28.43 17.97 -19.70
CA CYS J 108 -26.97 18.06 -19.48
C CYS J 108 -26.14 18.20 -20.78
N ARG J 109 -26.45 17.39 -21.79
CA ARG J 109 -25.68 17.46 -23.00
C ARG J 109 -25.99 18.69 -23.81
N GLU J 110 -27.25 19.18 -23.83
CA GLU J 110 -27.60 20.52 -24.38
C GLU J 110 -26.80 21.65 -23.72
N LYS J 111 -26.72 21.62 -22.39
CA LYS J 111 -25.90 22.56 -21.61
C LYS J 111 -24.38 22.32 -21.78
N GLN J 112 -24.01 21.30 -22.56
CA GLN J 112 -22.63 20.95 -22.84
C GLN J 112 -21.87 20.47 -21.62
N ASP J 113 -22.58 19.91 -20.64
CA ASP J 113 -21.97 19.22 -19.49
C ASP J 113 -22.00 17.69 -19.70
N ALA J 114 -21.13 17.21 -20.59
CA ALA J 114 -21.04 15.79 -20.87
C ALA J 114 -20.72 14.96 -19.65
N THR J 115 -19.89 15.50 -18.76
CA THR J 115 -19.46 14.74 -17.59
C THR J 115 -20.66 14.51 -16.65
N SER J 116 -21.44 15.54 -16.38
CA SER J 116 -22.61 15.34 -15.57
C SER J 116 -23.56 14.34 -16.21
N ALA J 117 -23.68 14.42 -17.54
CA ALA J 117 -24.57 13.55 -18.30
C ALA J 117 -24.15 12.11 -18.16
N ARG J 118 -22.84 11.86 -18.27
CA ARG J 118 -22.31 10.53 -18.18
C ARG J 118 -22.53 9.99 -16.78
N LEU J 119 -22.34 10.82 -15.77
CA LEU J 119 -22.58 10.39 -14.42
C LEU J 119 -24.06 9.98 -14.27
N LEU J 120 -24.99 10.78 -14.82
CA LEU J 120 -26.38 10.43 -14.72
C LEU J 120 -26.75 9.25 -15.62
N GLU J 121 -26.01 9.05 -16.71
CA GLU J 121 -26.26 7.92 -17.57
C GLU J 121 -25.93 6.64 -16.77
N GLN J 122 -24.83 6.66 -16.04
CA GLN J 122 -24.50 5.50 -15.18
C GLN J 122 -25.56 5.23 -14.10
N ILE J 123 -26.04 6.28 -13.44
CA ILE J 123 -27.06 6.05 -12.44
C ILE J 123 -28.34 5.47 -13.09
N LEU J 124 -28.75 6.02 -14.22
CA LEU J 124 -29.93 5.55 -14.91
C LEU J 124 -29.84 4.06 -15.20
N ALA J 125 -28.72 3.60 -15.75
CA ALA J 125 -28.54 2.16 -16.02
C ALA J 125 -28.67 1.34 -14.74
N ASP J 126 -28.00 1.75 -13.65
CA ASP J 126 -28.23 1.11 -12.33
C ASP J 126 -29.72 1.08 -11.92
N GLU J 127 -30.45 2.19 -12.01
CA GLU J 127 -31.87 2.15 -11.66
C GLU J 127 -32.71 1.28 -12.58
N GLU J 128 -32.32 1.17 -13.86
CA GLU J 128 -33.06 0.35 -14.82
C GLU J 128 -32.93 -1.09 -14.36
N THR J 129 -31.76 -1.46 -13.85
CA THR J 129 -31.60 -2.80 -13.34
C THR J 129 -32.45 -3.05 -12.10
N HIS J 130 -32.50 -2.09 -11.18
CA HIS J 130 -33.36 -2.25 -10.02
C HIS J 130 -34.78 -2.45 -10.49
N ILE J 131 -35.27 -1.61 -11.40
CA ILE J 131 -36.61 -1.79 -11.95
C ILE J 131 -36.79 -3.20 -12.49
N ASP J 132 -35.83 -3.68 -13.25
CA ASP J 132 -35.90 -5.02 -13.81
C ASP J 132 -36.07 -6.09 -12.74
N TYR J 133 -35.24 -6.00 -11.70
CA TYR J 133 -35.33 -6.91 -10.59
C TYR J 133 -36.75 -6.86 -9.94
N LEU J 134 -37.25 -5.64 -9.68
CA LEU J 134 -38.50 -5.45 -8.91
C LEU J 134 -39.67 -5.95 -9.68
N GLU J 135 -39.73 -5.58 -10.96
CA GLU J 135 -40.80 -6.02 -11.84
C GLU J 135 -40.82 -7.52 -11.98
N THR J 136 -39.63 -8.15 -12.03
CA THR J 136 -39.56 -9.60 -12.08
C THR J 136 -40.08 -10.24 -10.78
N GLN J 137 -39.72 -9.69 -9.63
CA GLN J 137 -40.28 -10.19 -8.38
C GLN J 137 -41.83 -10.15 -8.33
N LEU J 138 -42.42 -9.03 -8.74
CA LEU J 138 -43.90 -8.94 -8.75
C LEU J 138 -44.54 -9.92 -9.73
N GLN J 139 -43.85 -10.13 -10.86
CA GLN J 139 -44.27 -11.13 -11.79
C GLN J 139 -44.15 -12.55 -11.20
N LEU J 140 -43.03 -12.83 -10.51
CA LEU J 140 -42.85 -14.14 -9.86
C LEU J 140 -43.87 -14.41 -8.78
N MET J 141 -44.20 -13.41 -7.95
CA MET J 141 -45.26 -13.58 -6.97
C MET J 141 -46.58 -14.03 -7.62
N ASP J 142 -46.90 -13.42 -8.75
CA ASP J 142 -48.09 -13.77 -9.52
C ASP J 142 -48.01 -15.20 -9.96
N LYS J 143 -46.85 -15.67 -10.43
CA LYS J 143 -46.72 -17.05 -10.93
C LYS J 143 -46.65 -18.05 -9.82
N LEU J 144 -45.92 -17.77 -8.75
CA LEU J 144 -45.80 -18.74 -7.67
C LEU J 144 -46.97 -18.69 -6.68
N GLY J 145 -47.55 -17.50 -6.50
CA GLY J 145 -48.39 -17.26 -5.33
C GLY J 145 -47.58 -16.61 -4.22
N ASP J 146 -48.21 -15.71 -3.47
CA ASP J 146 -47.54 -15.02 -2.34
C ASP J 146 -46.84 -15.91 -1.30
N ALA J 147 -47.55 -16.91 -0.79
CA ALA J 147 -46.99 -17.88 0.14
C ALA J 147 -45.73 -18.55 -0.38
N LEU J 148 -45.86 -19.23 -1.53
CA LEU J 148 -44.75 -19.95 -2.16
C LEU J 148 -43.53 -19.05 -2.44
N TYR J 149 -43.81 -17.80 -2.84
CA TYR J 149 -42.76 -16.89 -3.18
C TYR J 149 -42.01 -16.49 -1.92
N ALA J 150 -42.79 -16.16 -0.89
CA ALA J 150 -42.26 -15.75 0.38
C ALA J 150 -41.39 -16.89 0.97
N ALA J 151 -41.79 -18.15 0.77
CA ALA J 151 -41.02 -19.30 1.20
C ALA J 151 -39.59 -19.34 0.62
N GLN J 152 -39.35 -18.60 -0.49
CA GLN J 152 -38.06 -18.56 -1.14
C GLN J 152 -37.21 -17.44 -0.56
N CYS J 153 -37.79 -16.71 0.39
CA CYS J 153 -37.14 -15.58 1.02
C CYS J 153 -36.66 -15.86 2.42
N VAL J 154 -36.90 -17.08 2.89
CA VAL J 154 -36.49 -17.45 4.22
C VAL J 154 -35.37 -18.46 4.13
N SER J 155 -34.59 -18.58 5.20
CA SER J 155 -33.51 -19.57 5.25
C SER J 155 -34.10 -20.89 5.70
N ARG J 156 -33.35 -21.97 5.65
CA ARG J 156 -33.86 -23.21 6.13
C ARG J 156 -32.99 -23.61 7.28
N PRO J 157 -33.49 -23.58 8.52
CA PRO J 157 -34.85 -23.21 9.00
C PRO J 157 -35.06 -21.66 9.02
N PRO J 158 -36.31 -21.20 8.99
CA PRO J 158 -36.52 -19.75 9.04
C PRO J 158 -35.83 -19.09 10.21
N GLY J 159 -35.39 -17.85 10.03
CA GLY J 159 -34.55 -17.14 11.01
C GLY J 159 -35.23 -15.86 11.46
N SER J 160 -34.46 -14.89 11.97
CA SER J 160 -35.08 -13.67 12.55
C SER J 160 -34.16 -12.44 12.65
N ALA J 161 -34.75 -11.29 13.02
CA ALA J 161 -34.16 -9.92 12.94
C ALA J 161 -32.63 -9.80 12.80
N MET K 1 28.57 2.93 -39.82
CA MET K 1 29.34 4.20 -39.72
C MET K 1 30.73 3.94 -40.19
N GLN K 2 31.40 4.99 -40.68
CA GLN K 2 32.76 4.82 -41.12
C GLN K 2 33.65 5.34 -39.99
N GLY K 3 34.50 4.51 -39.42
CA GLY K 3 35.37 4.94 -38.33
C GLY K 3 36.54 5.66 -38.92
N ASP K 4 37.18 6.51 -38.13
CA ASP K 4 38.46 7.11 -38.50
C ASP K 4 39.53 6.03 -38.77
N PRO K 5 40.27 6.14 -39.89
CA PRO K 5 41.27 5.08 -40.18
C PRO K 5 42.40 4.91 -39.12
N ASP K 6 42.77 5.98 -38.41
CA ASP K 6 43.79 5.91 -37.37
C ASP K 6 43.26 5.21 -36.09
N VAL K 7 41.99 5.48 -35.77
CA VAL K 7 41.30 4.80 -34.71
C VAL K 7 41.21 3.29 -34.96
N LEU K 8 40.85 2.92 -36.20
CA LEU K 8 40.76 1.51 -36.58
C LEU K 8 42.11 0.82 -36.55
N LYS K 9 43.14 1.54 -36.97
CA LYS K 9 44.46 1.00 -36.90
C LYS K 9 44.81 0.74 -35.41
N LEU K 10 44.50 1.67 -34.53
CA LEU K 10 44.75 1.49 -33.12
C LEU K 10 43.92 0.34 -32.53
N LEU K 11 42.63 0.30 -32.80
CA LEU K 11 41.79 -0.78 -32.30
C LEU K 11 42.33 -2.17 -32.72
N ASN K 12 42.73 -2.27 -33.97
CA ASN K 12 43.33 -3.50 -34.49
C ASN K 12 44.66 -3.86 -33.84
N GLU K 13 45.49 -2.89 -33.50
CA GLU K 13 46.73 -3.16 -32.82
C GLU K 13 46.36 -3.75 -31.46
N GLN K 14 45.44 -3.11 -30.77
CA GLN K 14 45.11 -3.59 -29.45
C GLN K 14 44.49 -4.98 -29.52
N LEU K 15 43.71 -5.23 -30.57
CA LEU K 15 43.10 -6.54 -30.78
C LEU K 15 44.17 -7.65 -30.87
N THR K 16 45.25 -7.35 -31.60
CA THR K 16 46.36 -8.27 -31.66
C THR K 16 46.86 -8.51 -30.26
N SER K 17 47.05 -7.45 -29.46
CA SER K 17 47.55 -7.64 -28.07
C SER K 17 46.67 -8.61 -27.32
N GLU K 18 45.36 -8.40 -27.37
CA GLU K 18 44.43 -9.22 -26.64
C GLU K 18 44.48 -10.68 -27.09
N LEU K 19 44.54 -10.90 -28.40
CA LEU K 19 44.56 -12.28 -28.89
C LEU K 19 45.83 -12.95 -28.44
N THR K 20 46.94 -12.19 -28.39
CA THR K 20 48.18 -12.69 -27.86
C THR K 20 48.07 -12.99 -26.35
N ALA K 21 47.49 -12.07 -25.58
CA ALA K 21 47.32 -12.25 -24.16
C ALA K 21 46.42 -13.47 -23.86
N ILE K 22 45.38 -13.68 -24.66
CA ILE K 22 44.55 -14.86 -24.48
C ILE K 22 45.41 -16.10 -24.50
N ASN K 23 46.20 -16.25 -25.56
CA ASN K 23 47.06 -17.43 -25.71
C ASN K 23 48.09 -17.53 -24.60
N GLN K 24 48.72 -16.42 -24.25
CA GLN K 24 49.79 -16.49 -23.29
C GLN K 24 49.28 -16.91 -21.92
N TYR K 25 48.18 -16.29 -21.46
CA TYR K 25 47.60 -16.54 -20.17
C TYR K 25 47.00 -17.94 -20.11
N PHE K 26 46.31 -18.35 -21.19
CA PHE K 26 45.65 -19.61 -21.15
C PHE K 26 46.69 -20.70 -21.02
N LEU K 27 47.78 -20.60 -21.81
CA LEU K 27 48.83 -21.60 -21.78
C LEU K 27 49.50 -21.57 -20.44
N HIS K 28 49.77 -20.38 -19.91
CA HIS K 28 50.36 -20.26 -18.58
C HIS K 28 49.51 -21.00 -17.54
N SER K 29 48.20 -20.81 -17.59
CA SER K 29 47.35 -21.45 -16.59
C SER K 29 47.38 -22.97 -16.71
N LYS K 30 47.36 -23.50 -17.93
CA LYS K 30 47.48 -24.95 -18.15
C LYS K 30 48.81 -25.49 -17.68
N MET K 31 49.86 -24.71 -17.89
CA MET K 31 51.17 -25.06 -17.40
C MET K 31 51.21 -25.09 -15.90
N GLN K 32 50.59 -24.10 -15.28
CA GLN K 32 50.56 -24.04 -13.84
C GLN K 32 49.77 -25.21 -13.25
N ASP K 33 48.71 -25.61 -13.93
CA ASP K 33 47.93 -26.75 -13.51
C ASP K 33 48.79 -28.01 -13.56
N ASN K 34 49.53 -28.22 -14.64
CA ASN K 34 50.35 -29.44 -14.75
C ASN K 34 51.49 -29.51 -13.78
N TRP K 35 51.93 -28.35 -13.28
CA TRP K 35 52.96 -28.31 -12.25
C TRP K 35 52.45 -28.55 -10.84
N GLY K 36 51.13 -28.52 -10.66
CA GLY K 36 50.50 -28.75 -9.39
C GLY K 36 50.05 -27.48 -8.72
N PHE K 37 50.29 -26.33 -9.35
CA PHE K 37 49.87 -25.05 -8.76
C PHE K 37 48.44 -24.78 -9.17
N THR K 38 47.54 -25.62 -8.70
CA THR K 38 46.18 -25.61 -9.20
C THR K 38 45.43 -24.40 -8.75
N GLU K 39 45.64 -23.95 -7.52
CA GLU K 39 44.99 -22.73 -7.02
C GLU K 39 45.40 -21.51 -7.82
N LEU K 40 46.69 -21.39 -8.11
CA LEU K 40 47.17 -20.32 -8.94
C LEU K 40 46.59 -20.43 -10.36
N ALA K 41 46.45 -21.66 -10.85
CA ALA K 41 46.00 -21.85 -12.21
C ALA K 41 44.62 -21.29 -12.44
N GLU K 42 43.72 -21.41 -11.45
CA GLU K 42 42.34 -20.89 -11.54
C GLU K 42 42.37 -19.40 -11.79
N HIS K 43 43.25 -18.67 -11.10
CA HIS K 43 43.34 -17.23 -11.28
C HIS K 43 43.92 -16.84 -12.64
N THR K 44 45.01 -17.51 -13.06
CA THR K 44 45.55 -17.26 -14.41
C THR K 44 44.49 -17.55 -15.52
N ARG K 45 43.75 -18.65 -15.38
CA ARG K 45 42.68 -18.97 -16.31
C ARG K 45 41.69 -17.81 -16.40
N ALA K 46 41.26 -17.28 -15.25
CA ALA K 46 40.31 -16.17 -15.27
C ALA K 46 40.90 -14.95 -15.99
N GLU K 47 42.18 -14.62 -15.79
CA GLU K 47 42.79 -13.57 -16.60
C GLU K 47 42.65 -13.83 -18.10
N SER K 48 42.83 -15.06 -18.49
CA SER K 48 42.61 -15.46 -19.88
C SER K 48 41.18 -15.12 -20.37
N PHE K 49 40.17 -15.46 -19.57
CA PHE K 49 38.80 -15.13 -19.95
C PHE K 49 38.56 -13.62 -20.07
N GLU K 50 39.24 -12.84 -19.24
CA GLU K 50 39.10 -11.39 -19.30
C GLU K 50 39.67 -10.92 -20.62
N GLU K 51 40.77 -11.51 -21.05
CA GLU K 51 41.31 -11.12 -22.32
C GLU K 51 40.37 -11.51 -23.48
N MET K 52 39.80 -12.70 -23.42
CA MET K 52 38.78 -13.06 -24.37
C MET K 52 37.67 -12.00 -24.46
N ARG K 53 37.22 -11.48 -23.30
CA ARG K 53 36.20 -10.44 -23.31
C ARG K 53 36.69 -9.13 -23.94
N HIS K 54 37.92 -8.73 -23.67
CA HIS K 54 38.44 -7.57 -24.35
C HIS K 54 38.51 -7.77 -25.85
N ALA K 55 38.96 -8.94 -26.32
CA ALA K 55 39.00 -9.18 -27.75
C ALA K 55 37.61 -9.02 -28.34
N GLU K 56 36.59 -9.54 -27.67
CA GLU K 56 35.23 -9.47 -28.22
C GLU K 56 34.76 -8.01 -28.29
N THR K 57 34.87 -7.27 -27.17
CA THR K 57 34.48 -5.85 -27.15
C THR K 57 35.13 -5.07 -28.28
N ILE K 58 36.44 -5.22 -28.45
CA ILE K 58 37.17 -4.55 -29.54
C ILE K 58 36.64 -4.99 -30.92
N THR K 59 36.39 -6.29 -31.09
CA THR K 59 35.94 -6.81 -32.35
C THR K 59 34.63 -6.09 -32.71
N ASP K 60 33.71 -6.01 -31.75
CA ASP K 60 32.40 -5.35 -31.92
C ASP K 60 32.53 -3.95 -32.45
N ARG K 61 33.37 -3.17 -31.77
CA ARG K 61 33.57 -1.78 -32.16
C ARG K 61 34.21 -1.65 -33.58
N ILE K 62 35.22 -2.47 -33.87
CA ILE K 62 35.81 -2.42 -35.18
C ILE K 62 34.72 -2.71 -36.23
N LEU K 63 33.85 -3.65 -35.95
CA LEU K 63 32.77 -3.97 -36.88
C LEU K 63 31.77 -2.84 -37.03
N LEU K 64 31.35 -2.23 -35.92
CA LEU K 64 30.40 -1.12 -35.95
C LEU K 64 30.98 0.05 -36.74
N LEU K 65 32.30 0.16 -36.73
CA LEU K 65 33.02 1.23 -37.42
C LEU K 65 33.35 0.90 -38.86
N ASP K 66 32.81 -0.23 -39.33
CA ASP K 66 33.01 -0.80 -40.69
C ASP K 66 34.46 -1.13 -40.98
N GLY K 67 35.19 -1.56 -39.96
CA GLY K 67 36.59 -1.99 -40.11
C GLY K 67 36.68 -3.49 -40.28
N LEU K 68 37.90 -3.99 -40.43
CA LEU K 68 38.14 -5.42 -40.59
C LEU K 68 38.95 -5.91 -39.41
N PRO K 69 38.31 -6.66 -38.50
CA PRO K 69 39.02 -7.11 -37.34
C PRO K 69 40.09 -8.11 -37.78
N ASN K 70 41.31 -7.94 -37.26
CA ASN K 70 42.42 -8.76 -37.67
C ASN K 70 42.54 -9.98 -36.72
N TYR K 71 42.09 -11.14 -37.19
CA TYR K 71 42.16 -12.35 -36.36
C TYR K 71 43.33 -13.22 -36.80
N GLN K 72 44.12 -12.71 -37.73
CA GLN K 72 45.20 -13.52 -38.32
C GLN K 72 46.57 -13.37 -37.58
N ARG K 73 46.86 -12.14 -37.13
CA ARG K 73 48.12 -11.74 -36.51
C ARG K 73 48.20 -12.02 -34.99
N LEU K 74 49.33 -12.60 -34.55
CA LEU K 74 49.70 -12.71 -33.14
C LEU K 74 51.07 -12.01 -32.92
N PHE K 75 51.34 -11.47 -31.73
CA PHE K 75 52.72 -11.07 -31.41
C PHE K 75 53.46 -12.31 -30.87
N SER K 76 54.72 -12.17 -30.51
CA SER K 76 55.44 -13.33 -29.97
C SER K 76 55.05 -13.67 -28.52
N LEU K 77 54.68 -14.93 -28.33
CA LEU K 77 54.35 -15.39 -27.02
C LEU K 77 55.64 -15.49 -26.21
N ARG K 78 55.57 -15.08 -24.95
CA ARG K 78 56.59 -15.33 -23.99
C ARG K 78 56.04 -16.42 -23.08
N VAL K 79 56.63 -17.61 -23.16
CA VAL K 79 56.16 -18.77 -22.44
C VAL K 79 57.14 -18.98 -21.33
N GLY K 80 56.79 -18.65 -20.09
CA GLY K 80 57.79 -18.78 -19.03
C GLY K 80 57.95 -20.22 -18.55
N GLN K 81 59.15 -20.59 -18.07
CA GLN K 81 59.38 -21.96 -17.59
C GLN K 81 59.33 -22.11 -16.07
N THR K 82 59.01 -21.03 -15.35
CA THR K 82 58.86 -21.01 -13.88
C THR K 82 57.74 -20.02 -13.57
N LEU K 83 57.18 -20.08 -12.36
CA LEU K 83 56.16 -19.12 -11.94
C LEU K 83 56.62 -17.66 -12.09
N ARG K 84 57.82 -17.36 -11.58
CA ARG K 84 58.36 -15.99 -11.65
C ARG K 84 58.46 -15.51 -13.11
N GLU K 85 58.98 -16.37 -13.98
CA GLU K 85 59.08 -16.08 -15.40
C GLU K 85 57.70 -15.84 -16.03
N GLN K 86 56.70 -16.60 -15.61
CA GLN K 86 55.38 -16.40 -16.18
C GLN K 86 54.77 -15.05 -15.79
N PHE K 87 54.91 -14.67 -14.52
CA PHE K 87 54.46 -13.36 -14.06
C PHE K 87 55.17 -12.27 -14.84
N GLU K 88 56.47 -12.47 -15.07
CA GLU K 88 57.25 -11.50 -15.80
C GLU K 88 56.83 -11.39 -17.25
N ALA K 89 56.53 -12.53 -17.86
CA ALA K 89 56.10 -12.56 -19.22
C ALA K 89 54.76 -11.84 -19.37
N ASP K 90 53.82 -12.11 -18.46
CA ASP K 90 52.49 -11.49 -18.56
C ASP K 90 52.57 -9.99 -18.25
N LEU K 91 53.39 -9.64 -17.28
CA LEU K 91 53.67 -8.27 -16.97
C LEU K 91 54.19 -7.55 -18.22
N ALA K 92 55.06 -8.19 -18.99
CA ALA K 92 55.64 -7.54 -20.13
C ALA K 92 54.59 -7.17 -21.14
N ILE K 93 53.57 -8.01 -21.36
CA ILE K 93 52.54 -7.62 -22.33
C ILE K 93 51.56 -6.61 -21.82
N GLU K 94 51.31 -6.59 -20.50
CA GLU K 94 50.39 -5.59 -19.97
C GLU K 94 51.03 -4.21 -20.07
N TYR K 95 52.34 -4.16 -19.87
CA TYR K 95 53.06 -2.90 -20.03
C TYR K 95 53.04 -2.40 -21.46
N GLU K 96 53.04 -3.33 -22.41
CA GLU K 96 52.94 -2.95 -23.79
C GLU K 96 51.59 -2.35 -24.04
N VAL K 97 50.56 -2.89 -23.40
CA VAL K 97 49.22 -2.33 -23.55
C VAL K 97 49.18 -0.87 -23.08
N LEU K 98 49.71 -0.60 -21.88
CA LEU K 98 49.79 0.78 -21.43
C LEU K 98 50.49 1.72 -22.43
N GLU K 99 51.62 1.29 -22.99
CA GLU K 99 52.39 2.15 -23.83
C GLU K 99 51.57 2.51 -25.04
N ARG K 100 50.71 1.58 -25.48
CA ARG K 100 49.85 1.85 -26.65
C ARG K 100 48.60 2.66 -26.30
N LEU K 101 47.93 2.30 -25.20
CA LEU K 101 46.62 2.86 -24.91
C LEU K 101 46.69 4.24 -24.30
N LYS K 102 47.81 4.53 -23.65
CA LYS K 102 47.99 5.84 -23.01
C LYS K 102 47.91 6.97 -24.02
N PRO K 103 48.80 6.98 -25.04
CA PRO K 103 48.57 7.91 -26.15
C PRO K 103 47.31 7.57 -27.04
N GLY K 104 46.94 6.29 -27.15
CA GLY K 104 45.79 5.88 -27.97
C GLY K 104 44.48 6.55 -27.54
N ILE K 105 44.20 6.54 -26.24
CA ILE K 105 43.04 7.23 -25.74
C ILE K 105 43.03 8.71 -26.16
N VAL K 106 44.14 9.40 -25.91
CA VAL K 106 44.23 10.82 -26.28
C VAL K 106 44.02 10.99 -27.79
N LEU K 107 44.54 10.05 -28.59
CA LEU K 107 44.34 10.05 -30.03
C LEU K 107 42.86 9.93 -30.43
N CYS K 108 42.15 8.95 -29.84
CA CYS K 108 40.70 8.81 -30.08
C CYS K 108 39.88 10.09 -29.79
N ARG K 109 40.13 10.73 -28.64
CA ARG K 109 39.42 11.96 -28.31
C ARG K 109 39.78 13.10 -29.26
N GLU K 110 41.05 13.18 -29.72
CA GLU K 110 41.45 14.21 -30.72
C GLU K 110 40.70 13.97 -32.05
N LYS K 111 40.58 12.70 -32.43
CA LYS K 111 39.78 12.33 -33.61
C LYS K 111 38.27 12.46 -33.39
N GLN K 112 37.88 12.94 -32.23
CA GLN K 112 36.47 13.04 -31.85
C GLN K 112 35.72 11.69 -31.80
N ASP K 113 36.40 10.59 -31.53
CA ASP K 113 35.69 9.33 -31.29
C ASP K 113 35.68 9.00 -29.80
N ALA K 114 34.80 9.68 -29.09
CA ALA K 114 34.74 9.54 -27.64
C ALA K 114 34.34 8.12 -27.25
N THR K 115 33.49 7.47 -28.05
CA THR K 115 33.07 6.11 -27.70
C THR K 115 34.24 5.10 -27.79
N SER K 116 35.05 5.16 -28.85
CA SER K 116 36.22 4.30 -28.90
C SER K 116 37.20 4.61 -27.75
N ALA K 117 37.30 5.88 -27.37
CA ALA K 117 38.15 6.31 -26.25
C ALA K 117 37.69 5.66 -24.96
N ARG K 118 36.38 5.65 -24.72
CA ARG K 118 35.85 5.19 -23.47
C ARG K 118 35.96 3.68 -23.40
N LEU K 119 35.79 3.02 -24.53
CA LEU K 119 36.02 1.60 -24.62
C LEU K 119 37.46 1.28 -24.25
N LEU K 120 38.41 2.04 -24.82
CA LEU K 120 39.80 1.81 -24.46
C LEU K 120 40.14 2.26 -23.02
N GLU K 121 39.46 3.25 -22.50
CA GLU K 121 39.66 3.66 -21.14
C GLU K 121 39.28 2.50 -20.21
N GLN K 122 38.18 1.81 -20.53
CA GLN K 122 37.78 0.60 -19.75
C GLN K 122 38.79 -0.55 -19.77
N ILE K 123 39.32 -0.87 -20.95
CA ILE K 123 40.37 -1.86 -21.07
C ILE K 123 41.63 -1.43 -20.31
N LEU K 124 42.03 -0.17 -20.45
CA LEU K 124 43.21 0.30 -19.73
C LEU K 124 43.08 0.08 -18.21
N ALA K 125 41.94 0.42 -17.64
CA ALA K 125 41.76 0.22 -16.23
C ALA K 125 41.84 -1.27 -15.90
N ASP K 126 41.24 -2.14 -16.71
CA ASP K 126 41.32 -3.58 -16.50
C ASP K 126 42.78 -4.02 -16.52
N GLU K 127 43.54 -3.59 -17.54
CA GLU K 127 44.96 -3.95 -17.59
C GLU K 127 45.80 -3.38 -16.44
N GLU K 128 45.49 -2.17 -15.95
CA GLU K 128 46.25 -1.64 -14.80
C GLU K 128 46.02 -2.53 -13.57
N THR K 129 44.80 -3.04 -13.40
CA THR K 129 44.53 -4.03 -12.36
C THR K 129 45.36 -5.31 -12.47
N HIS K 130 45.49 -5.87 -13.69
CA HIS K 130 46.34 -7.05 -13.87
C HIS K 130 47.77 -6.71 -13.51
N ILE K 131 48.26 -5.57 -13.99
CA ILE K 131 49.60 -5.08 -13.63
C ILE K 131 49.78 -5.05 -12.13
N ASP K 132 48.81 -4.48 -11.43
CA ASP K 132 48.87 -4.42 -9.98
C ASP K 132 48.97 -5.80 -9.36
N TYR K 133 48.10 -6.72 -9.77
CA TYR K 133 48.16 -8.10 -9.30
C TYR K 133 49.53 -8.76 -9.56
N LEU K 134 50.01 -8.68 -10.80
CA LEU K 134 51.31 -9.28 -11.21
C LEU K 134 52.49 -8.73 -10.45
N GLU K 135 52.59 -7.40 -10.30
CA GLU K 135 53.72 -6.82 -9.59
C GLU K 135 53.61 -7.20 -8.15
N THR K 136 52.40 -7.40 -7.64
CA THR K 136 52.29 -7.73 -6.22
C THR K 136 52.76 -9.15 -5.97
N GLN K 137 52.41 -10.07 -6.86
CA GLN K 137 52.93 -11.42 -6.76
C GLN K 137 54.46 -11.46 -6.81
N LEU K 138 55.09 -10.76 -7.74
CA LEU K 138 56.56 -10.79 -7.77
C LEU K 138 57.18 -10.20 -6.53
N GLN K 139 56.53 -9.19 -5.93
CA GLN K 139 57.02 -8.66 -4.65
C GLN K 139 56.81 -9.66 -3.53
N LEU K 140 55.67 -10.36 -3.54
CA LEU K 140 55.45 -11.42 -2.55
C LEU K 140 56.45 -12.53 -2.65
N MET K 141 56.79 -12.98 -3.86
CA MET K 141 57.80 -14.02 -3.99
C MET K 141 59.11 -13.58 -3.33
N ASP K 142 59.49 -12.31 -3.51
CA ASP K 142 60.67 -11.79 -2.83
C ASP K 142 60.52 -11.79 -1.30
N LYS K 143 59.34 -11.47 -0.79
CA LYS K 143 59.14 -11.44 0.67
C LYS K 143 59.04 -12.81 1.27
N LEU K 144 58.29 -13.69 0.66
CA LEU K 144 58.15 -15.03 1.21
C LEU K 144 59.29 -15.97 0.83
N GLY K 145 59.86 -15.80 -0.36
CA GLY K 145 60.73 -16.81 -0.94
C GLY K 145 59.96 -17.63 -1.94
N ASP K 146 60.63 -18.05 -3.01
CA ASP K 146 60.00 -18.87 -4.04
C ASP K 146 59.23 -20.09 -3.52
N ALA K 147 59.87 -20.93 -2.72
CA ALA K 147 59.22 -22.16 -2.26
C ALA K 147 57.95 -21.85 -1.46
N LEU K 148 58.09 -20.99 -0.46
CA LEU K 148 56.98 -20.59 0.40
C LEU K 148 55.83 -19.91 -0.35
N TYR K 149 56.16 -19.11 -1.35
CA TYR K 149 55.14 -18.50 -2.17
C TYR K 149 54.42 -19.59 -2.95
N ALA K 150 55.19 -20.48 -3.57
CA ALA K 150 54.59 -21.54 -4.36
C ALA K 150 53.69 -22.43 -3.51
N ALA K 151 54.05 -22.63 -2.24
CA ALA K 151 53.21 -23.46 -1.40
C ALA K 151 51.82 -22.82 -1.15
N GLN K 152 51.67 -21.53 -1.41
CA GLN K 152 50.33 -20.91 -1.33
C GLN K 152 49.54 -21.06 -2.65
N CYS K 153 50.10 -21.73 -3.62
CA CYS K 153 49.44 -21.88 -4.91
C CYS K 153 48.95 -23.31 -5.17
N VAL K 154 49.09 -24.18 -4.18
CA VAL K 154 48.62 -25.55 -4.30
C VAL K 154 47.49 -25.74 -3.34
N SER K 155 46.67 -26.75 -3.55
CA SER K 155 45.65 -27.04 -2.57
C SER K 155 46.15 -27.96 -1.49
N ARG K 156 45.27 -28.27 -0.54
CA ARG K 156 45.55 -29.19 0.54
C ARG K 156 44.57 -30.33 0.39
N PRO K 157 45.05 -31.53 0.07
CA PRO K 157 46.43 -31.87 -0.29
C PRO K 157 46.63 -31.43 -1.74
N PRO K 158 47.89 -31.24 -2.19
CA PRO K 158 48.01 -30.69 -3.56
C PRO K 158 47.42 -31.60 -4.64
N GLY K 159 47.02 -31.02 -5.76
CA GLY K 159 46.38 -31.75 -6.88
C GLY K 159 47.17 -31.78 -8.20
N SER K 160 46.44 -31.92 -9.31
CA SER K 160 47.02 -32.02 -10.66
C SER K 160 46.08 -31.45 -11.75
N ALA K 161 46.50 -31.49 -13.02
CA ALA K 161 45.72 -30.94 -14.17
C ALA K 161 44.23 -31.31 -14.16
N MET L 1 -18.03 -13.71 49.95
CA MET L 1 -18.92 -12.52 50.09
C MET L 1 -20.30 -12.98 50.47
N GLN L 2 -21.00 -12.22 51.31
CA GLN L 2 -22.37 -12.59 51.63
C GLN L 2 -23.32 -11.78 50.73
N GLY L 3 -24.09 -12.45 49.88
CA GLY L 3 -25.01 -11.74 49.01
C GLY L 3 -26.24 -11.33 49.77
N ASP L 4 -26.94 -10.31 49.28
CA ASP L 4 -28.23 -9.96 49.83
C ASP L 4 -29.23 -11.10 49.71
N PRO L 5 -29.96 -11.39 50.80
CA PRO L 5 -30.91 -12.53 50.78
C PRO L 5 -31.99 -12.47 49.69
N ASP L 6 -32.51 -11.28 49.37
CA ASP L 6 -33.51 -11.13 48.32
C ASP L 6 -32.93 -11.30 46.89
N VAL L 7 -31.71 -10.85 46.69
CA VAL L 7 -30.97 -11.05 45.44
C VAL L 7 -30.77 -12.55 45.20
N LEU L 8 -30.39 -13.26 46.26
CA LEU L 8 -30.18 -14.70 46.21
C LEU L 8 -31.46 -15.44 45.88
N LYS L 9 -32.56 -15.03 46.50
CA LYS L 9 -33.84 -15.63 46.20
C LYS L 9 -34.20 -15.41 44.73
N LEU L 10 -33.96 -14.21 44.21
CA LEU L 10 -34.23 -13.94 42.81
C LEU L 10 -33.31 -14.76 41.88
N LEU L 11 -31.99 -14.75 42.12
CA LEU L 11 -31.08 -15.57 41.33
C LEU L 11 -31.50 -17.07 41.31
N ASN L 12 -31.93 -17.59 42.47
CA ASN L 12 -32.39 -18.97 42.51
C ASN L 12 -33.68 -19.21 41.75
N GLU L 13 -34.56 -18.22 41.72
CA GLU L 13 -35.81 -18.38 41.02
C GLU L 13 -35.48 -18.44 39.56
N GLN L 14 -34.64 -17.52 39.10
CA GLN L 14 -34.22 -17.52 37.72
C GLN L 14 -33.47 -18.81 37.32
N LEU L 15 -32.63 -19.32 38.22
CA LEU L 15 -31.98 -20.59 38.04
C LEU L 15 -32.99 -21.71 37.74
N THR L 16 -34.05 -21.76 38.53
CA THR L 16 -35.10 -22.71 38.29
C THR L 16 -35.69 -22.56 36.88
N SER L 17 -35.92 -21.33 36.44
CA SER L 17 -36.42 -21.14 35.07
C SER L 17 -35.47 -21.69 34.05
N GLU L 18 -34.19 -21.39 34.18
CA GLU L 18 -33.17 -21.87 33.25
C GLU L 18 -33.18 -23.39 33.23
N LEU L 19 -33.19 -24.03 34.39
CA LEU L 19 -33.11 -25.47 34.42
C LEU L 19 -34.34 -26.04 33.71
N THR L 20 -35.47 -25.37 33.88
CA THR L 20 -36.69 -25.80 33.20
C THR L 20 -36.59 -25.60 31.68
N ALA L 21 -36.12 -24.42 31.26
CA ALA L 21 -35.93 -24.14 29.84
C ALA L 21 -34.94 -25.10 29.22
N ILE L 22 -33.89 -25.50 29.93
CA ILE L 22 -32.98 -26.52 29.38
C ILE L 22 -33.77 -27.76 28.97
N ASN L 23 -34.56 -28.30 29.89
CA ASN L 23 -35.27 -29.57 29.61
C ASN L 23 -36.32 -29.39 28.52
N GLN L 24 -37.01 -28.24 28.54
CA GLN L 24 -38.11 -28.06 27.62
C GLN L 24 -37.59 -27.97 26.20
N TYR L 25 -36.57 -27.12 26.03
CA TYR L 25 -35.90 -26.90 24.76
C TYR L 25 -35.21 -28.17 24.26
N PHE L 26 -34.47 -28.83 25.14
CA PHE L 26 -33.76 -30.03 24.71
C PHE L 26 -34.74 -31.06 24.18
N LEU L 27 -35.83 -31.26 24.92
CA LEU L 27 -36.80 -32.29 24.57
C LEU L 27 -37.51 -31.88 23.29
N HIS L 28 -37.82 -30.59 23.18
CA HIS L 28 -38.41 -30.09 21.95
C HIS L 28 -37.53 -30.39 20.72
N SER L 29 -36.25 -30.15 20.88
CA SER L 29 -35.36 -30.35 19.75
C SER L 29 -35.28 -31.83 19.36
N LYS L 30 -35.22 -32.72 20.36
CA LYS L 30 -35.27 -34.15 20.12
C LYS L 30 -36.56 -34.61 19.43
N MET L 31 -37.68 -34.04 19.85
CA MET L 31 -38.96 -34.37 19.21
C MET L 31 -39.01 -33.88 17.80
N GLN L 32 -38.46 -32.68 17.58
CA GLN L 32 -38.41 -32.11 16.26
C GLN L 32 -37.56 -32.98 15.32
N ASP L 33 -36.45 -33.49 15.84
CA ASP L 33 -35.61 -34.40 15.12
C ASP L 33 -36.34 -35.68 14.71
N ASN L 34 -37.04 -36.32 15.64
CA ASN L 34 -37.87 -37.49 15.35
C ASN L 34 -39.04 -37.32 14.40
N TRP L 35 -39.52 -36.09 14.27
CA TRP L 35 -40.58 -35.75 13.33
C TRP L 35 -40.04 -35.51 11.93
N GLY L 36 -38.73 -35.40 11.79
CA GLY L 36 -38.12 -35.11 10.51
C GLY L 36 -37.76 -33.66 10.28
N PHE L 37 -38.07 -32.80 11.24
CA PHE L 37 -37.74 -31.39 11.14
C PHE L 37 -36.35 -31.13 11.67
N THR L 38 -35.38 -31.75 11.04
CA THR L 38 -34.04 -31.82 11.53
C THR L 38 -33.35 -30.48 11.43
N GLU L 39 -33.68 -29.67 10.42
CA GLU L 39 -33.07 -28.33 10.31
C GLU L 39 -33.55 -27.44 11.44
N LEU L 40 -34.83 -27.48 11.77
CA LEU L 40 -35.33 -26.70 12.87
C LEU L 40 -34.81 -27.25 14.19
N ALA L 41 -34.60 -28.57 14.27
CA ALA L 41 -34.11 -29.18 15.50
C ALA L 41 -32.75 -28.64 15.89
N GLU L 42 -31.89 -28.34 14.91
CA GLU L 42 -30.52 -27.84 15.22
C GLU L 42 -30.63 -26.48 15.92
N HIS L 43 -31.55 -25.63 15.46
CA HIS L 43 -31.78 -24.36 16.09
C HIS L 43 -32.32 -24.49 17.52
N THR L 44 -33.35 -25.32 17.71
CA THR L 44 -33.89 -25.60 19.02
C THR L 44 -32.83 -26.18 19.98
N ARG L 45 -32.02 -27.13 19.51
CA ARG L 45 -30.92 -27.60 20.32
C ARG L 45 -30.01 -26.47 20.77
N ALA L 46 -29.60 -25.59 19.87
CA ALA L 46 -28.75 -24.47 20.22
C ALA L 46 -29.40 -23.62 21.32
N GLU L 47 -30.71 -23.32 21.22
CA GLU L 47 -31.37 -22.59 22.31
C GLU L 47 -31.17 -23.30 23.64
N SER L 48 -31.30 -24.62 23.63
CA SER L 48 -31.01 -25.46 24.78
C SER L 48 -29.67 -25.15 25.43
N PHE L 49 -28.63 -25.10 24.60
CA PHE L 49 -27.28 -24.91 25.11
C PHE L 49 -27.11 -23.50 25.67
N GLU L 50 -27.84 -22.53 25.10
CA GLU L 50 -27.82 -21.18 25.62
C GLU L 50 -28.40 -21.21 27.05
N GLU L 51 -29.42 -22.03 27.27
CA GLU L 51 -30.02 -22.11 28.57
C GLU L 51 -29.06 -22.75 29.57
N MET L 52 -28.38 -23.80 29.13
CA MET L 52 -27.35 -24.42 29.94
C MET L 52 -26.30 -23.40 30.37
N ARG L 53 -25.89 -22.52 29.45
CA ARG L 53 -24.94 -21.47 29.74
C ARG L 53 -25.52 -20.46 30.76
N HIS L 54 -26.79 -20.10 30.67
CA HIS L 54 -27.37 -19.23 31.67
C HIS L 54 -27.40 -19.87 33.05
N ALA L 55 -27.83 -21.14 33.09
CA ALA L 55 -27.83 -21.90 34.33
C ALA L 55 -26.43 -21.83 34.99
N GLU L 56 -25.38 -22.04 34.20
CA GLU L 56 -24.03 -22.01 34.71
C GLU L 56 -23.68 -20.61 35.30
N THR L 57 -23.83 -19.57 34.48
CA THR L 57 -23.55 -18.22 34.91
C THR L 57 -24.27 -17.86 36.21
N ILE L 58 -25.53 -18.22 36.33
CA ILE L 58 -26.25 -17.94 37.57
C ILE L 58 -25.68 -18.75 38.73
N THR L 59 -25.37 -20.03 38.50
CA THR L 59 -24.81 -20.90 39.53
C THR L 59 -23.55 -20.27 40.11
N ASP L 60 -22.64 -19.87 39.23
CA ASP L 60 -21.40 -19.19 39.63
C ASP L 60 -21.64 -17.99 40.57
N ARG L 61 -22.57 -17.12 40.20
CA ARG L 61 -22.83 -15.94 41.01
C ARG L 61 -23.45 -16.30 42.35
N ILE L 62 -24.37 -17.27 42.34
CA ILE L 62 -24.95 -17.71 43.61
C ILE L 62 -23.84 -18.19 44.52
N LEU L 63 -22.90 -18.96 43.98
CA LEU L 63 -21.80 -19.47 44.78
C LEU L 63 -20.88 -18.36 45.27
N LEU L 64 -20.53 -17.43 44.40
CA LEU L 64 -19.67 -16.33 44.79
C LEU L 64 -20.31 -15.53 45.93
N LEU L 65 -21.64 -15.46 45.95
CA LEU L 65 -22.37 -14.74 47.00
C LEU L 65 -22.72 -15.60 48.20
N ASP L 66 -22.05 -16.76 48.33
CA ASP L 66 -22.26 -17.79 49.40
C ASP L 66 -23.68 -18.28 49.54
N GLY L 67 -24.42 -18.38 48.44
CA GLY L 67 -25.76 -18.92 48.47
C GLY L 67 -25.72 -20.39 48.10
N LEU L 68 -26.90 -21.02 48.12
CA LEU L 68 -27.06 -22.43 47.75
C LEU L 68 -27.81 -22.56 46.44
N PRO L 69 -27.11 -22.91 45.36
CA PRO L 69 -27.81 -23.04 44.10
C PRO L 69 -28.83 -24.20 44.20
N ASN L 70 -30.06 -23.95 43.77
CA ASN L 70 -31.12 -24.93 43.81
C ASN L 70 -31.16 -25.78 42.54
N TYR L 71 -30.57 -26.96 42.58
CA TYR L 71 -30.60 -27.83 41.41
C TYR L 71 -31.69 -28.90 41.54
N GLN L 72 -32.55 -28.77 42.55
CA GLN L 72 -33.57 -29.80 42.84
C GLN L 72 -34.95 -29.48 42.21
N ARG L 73 -35.28 -28.20 42.09
CA ARG L 73 -36.61 -27.76 41.72
C ARG L 73 -36.69 -27.49 40.22
N LEU L 74 -37.77 -27.98 39.59
CA LEU L 74 -38.13 -27.60 38.21
C LEU L 74 -39.55 -27.05 38.17
N PHE L 75 -39.83 -26.14 37.24
CA PHE L 75 -41.23 -25.76 37.00
C PHE L 75 -41.92 -26.83 36.12
N SER L 76 -43.19 -26.60 35.77
CA SER L 76 -43.91 -27.53 34.91
C SER L 76 -43.51 -27.42 33.45
N LEU L 77 -43.06 -28.52 32.85
CA LEU L 77 -42.68 -28.50 31.43
C LEU L 77 -43.95 -28.42 30.63
N ARG L 78 -43.92 -27.65 29.56
CA ARG L 78 -44.99 -27.70 28.59
C ARG L 78 -44.39 -28.37 27.35
N VAL L 79 -44.85 -29.59 27.11
CA VAL L 79 -44.31 -30.39 26.04
C VAL L 79 -45.31 -30.26 24.90
N GLY L 80 -44.98 -29.52 23.85
CA GLY L 80 -45.97 -29.37 22.78
C GLY L 80 -46.04 -30.57 21.84
N GLN L 81 -47.21 -30.85 21.29
CA GLN L 81 -47.38 -31.98 20.36
C GLN L 81 -47.31 -31.60 18.89
N THR L 82 -47.04 -30.32 18.60
CA THR L 82 -46.99 -29.77 17.23
C THR L 82 -45.93 -28.69 17.22
N LEU L 83 -45.41 -28.32 16.05
CA LEU L 83 -44.42 -27.23 15.97
C LEU L 83 -44.98 -25.95 16.58
N ARG L 84 -46.21 -25.58 16.18
CA ARG L 84 -46.85 -24.36 16.70
C ARG L 84 -46.98 -24.39 18.23
N GLU L 85 -47.46 -25.52 18.76
CA GLU L 85 -47.50 -25.73 20.21
C GLU L 85 -46.14 -25.59 20.90
N GLN L 86 -45.09 -26.10 20.28
CA GLN L 86 -43.76 -26.02 20.85
C GLN L 86 -43.27 -24.61 20.92
N PHE L 87 -43.46 -23.83 19.86
CA PHE L 87 -43.09 -22.41 19.86
C PHE L 87 -43.85 -21.69 20.95
N GLU L 88 -45.13 -21.99 21.04
CA GLU L 88 -45.98 -21.36 22.07
C GLU L 88 -45.54 -21.73 23.50
N ALA L 89 -45.14 -22.98 23.70
CA ALA L 89 -44.68 -23.43 25.01
C ALA L 89 -43.40 -22.71 25.38
N ASP L 90 -42.48 -22.62 24.45
CA ASP L 90 -41.21 -22.00 24.73
C ASP L 90 -41.34 -20.49 24.88
N LEU L 91 -42.23 -19.91 24.11
CA LEU L 91 -42.55 -18.51 24.28
C LEU L 91 -43.14 -18.22 25.67
N ALA L 92 -43.98 -19.11 26.17
CA ALA L 92 -44.58 -18.93 27.47
C ALA L 92 -43.53 -18.92 28.61
N ILE L 93 -42.45 -19.71 28.55
CA ILE L 93 -41.43 -19.54 29.61
C ILE L 93 -40.55 -18.34 29.43
N GLU L 94 -40.32 -17.91 28.20
CA GLU L 94 -39.52 -16.72 28.00
C GLU L 94 -40.26 -15.49 28.54
N TYR L 95 -41.57 -15.45 28.36
CA TYR L 95 -42.34 -14.34 28.91
C TYR L 95 -42.34 -14.36 30.44
N GLU L 96 -42.31 -15.54 31.05
CA GLU L 96 -42.20 -15.65 32.50
C GLU L 96 -40.88 -15.07 32.97
N VAL L 97 -39.82 -15.25 32.18
CA VAL L 97 -38.52 -14.69 32.53
C VAL L 97 -38.58 -13.16 32.51
N LEU L 98 -39.15 -12.56 31.46
CA LEU L 98 -39.35 -11.10 31.47
C LEU L 98 -40.08 -10.63 32.71
N GLU L 99 -41.21 -11.26 33.05
CA GLU L 99 -41.99 -10.78 34.18
C GLU L 99 -41.16 -10.84 35.46
N ARG L 100 -40.22 -11.79 35.57
CA ARG L 100 -39.35 -11.91 36.72
C ARG L 100 -38.22 -10.91 36.73
N LEU L 101 -37.51 -10.82 35.61
CA LEU L 101 -36.25 -10.06 35.52
C LEU L 101 -36.40 -8.54 35.33
N LYS L 102 -37.53 -8.10 34.77
CA LYS L 102 -37.74 -6.68 34.61
C LYS L 102 -37.76 -5.99 35.99
N PRO L 103 -38.62 -6.46 36.95
CA PRO L 103 -38.47 -5.86 38.32
C PRO L 103 -37.23 -6.39 39.08
N GLY L 104 -36.76 -7.60 38.74
CA GLY L 104 -35.54 -8.19 39.32
C GLY L 104 -34.30 -7.31 39.20
N ILE L 105 -34.07 -6.82 37.99
CA ILE L 105 -32.95 -5.97 37.73
C ILE L 105 -33.02 -4.70 38.59
N VAL L 106 -34.18 -4.02 38.59
CA VAL L 106 -34.39 -2.82 39.42
C VAL L 106 -34.16 -3.16 40.88
N LEU L 107 -34.64 -4.33 41.33
CA LEU L 107 -34.39 -4.74 42.74
C LEU L 107 -32.90 -4.92 43.06
N CYS L 108 -32.12 -5.59 42.19
CA CYS L 108 -30.67 -5.72 42.45
C CYS L 108 -29.99 -4.37 42.57
N ARG L 109 -30.33 -3.45 41.69
CA ARG L 109 -29.73 -2.12 41.67
C ARG L 109 -30.12 -1.33 42.92
N GLU L 110 -31.29 -1.63 43.46
CA GLU L 110 -31.71 -1.05 44.73
C GLU L 110 -30.90 -1.61 45.89
N LYS L 111 -30.71 -2.93 45.88
CA LYS L 111 -29.89 -3.58 46.89
C LYS L 111 -28.41 -3.22 46.71
N GLN L 112 -28.13 -2.39 45.72
CA GLN L 112 -26.76 -2.01 45.40
C GLN L 112 -25.90 -3.21 45.04
N ASP L 113 -26.50 -4.23 44.44
CA ASP L 113 -25.72 -5.29 43.82
C ASP L 113 -25.73 -5.14 42.27
N ALA L 114 -24.91 -4.21 41.79
CA ALA L 114 -24.88 -3.90 40.37
C ALA L 114 -24.33 -5.05 39.55
N THR L 115 -23.44 -5.85 40.14
CA THR L 115 -22.90 -6.98 39.41
C THR L 115 -23.99 -8.03 39.11
N SER L 116 -24.81 -8.36 40.11
CA SER L 116 -25.93 -9.28 39.85
C SER L 116 -26.88 -8.70 38.81
N ALA L 117 -27.12 -7.38 38.90
CA ALA L 117 -27.99 -6.65 37.98
C ALA L 117 -27.52 -6.81 36.52
N ARG L 118 -26.23 -6.58 36.31
CA ARG L 118 -25.60 -6.70 35.03
C ARG L 118 -25.69 -8.09 34.50
N LEU L 119 -25.46 -9.07 35.35
CA LEU L 119 -25.58 -10.45 34.95
C LEU L 119 -27.02 -10.72 34.47
N LEU L 120 -28.01 -10.25 35.20
CA LEU L 120 -29.38 -10.49 34.80
C LEU L 120 -29.78 -9.61 33.60
N GLU L 121 -29.16 -8.44 33.45
CA GLU L 121 -29.42 -7.61 32.27
C GLU L 121 -28.99 -8.43 31.01
N GLN L 122 -27.85 -9.13 31.11
CA GLN L 122 -27.37 -9.93 29.98
C GLN L 122 -28.28 -11.11 29.65
N ILE L 123 -28.75 -11.81 30.68
CA ILE L 123 -29.72 -12.88 30.46
C ILE L 123 -30.99 -12.31 29.85
N LEU L 124 -31.49 -11.20 30.41
CA LEU L 124 -32.68 -10.55 29.85
C LEU L 124 -32.54 -10.31 28.34
N ALA L 125 -31.45 -9.67 27.93
CA ALA L 125 -31.21 -9.41 26.49
C ALA L 125 -31.23 -10.70 25.66
N ASP L 126 -30.53 -11.73 26.13
CA ASP L 126 -30.59 -13.06 25.47
C ASP L 126 -32.04 -13.60 25.35
N GLU L 127 -32.84 -13.51 26.40
CA GLU L 127 -34.20 -14.04 26.33
C GLU L 127 -35.10 -13.17 25.48
N GLU L 128 -34.83 -11.87 25.42
CA GLU L 128 -35.59 -10.98 24.54
C GLU L 128 -35.39 -11.42 23.10
N THR L 129 -34.16 -11.81 22.77
CA THR L 129 -33.90 -12.31 21.44
C THR L 129 -34.58 -13.64 21.10
N HIS L 130 -34.65 -14.59 22.05
CA HIS L 130 -35.42 -15.82 21.84
C HIS L 130 -36.88 -15.49 21.61
N ILE L 131 -37.44 -14.60 22.44
CA ILE L 131 -38.81 -14.15 22.27
C ILE L 131 -39.03 -13.62 20.85
N ASP L 132 -38.07 -12.84 20.36
CA ASP L 132 -38.21 -12.30 19.03
C ASP L 132 -38.18 -13.38 17.95
N TYR L 133 -37.25 -14.32 18.06
CA TYR L 133 -37.22 -15.44 17.15
C TYR L 133 -38.55 -16.21 17.19
N LEU L 134 -39.03 -16.52 18.41
CA LEU L 134 -40.25 -17.33 18.60
C LEU L 134 -41.50 -16.68 18.02
N GLU L 135 -41.73 -15.40 18.35
CA GLU L 135 -42.86 -14.69 17.79
C GLU L 135 -42.76 -14.51 16.27
N THR L 136 -41.55 -14.41 15.73
CA THR L 136 -41.40 -14.35 14.28
C THR L 136 -41.77 -15.65 13.62
N GLN L 137 -41.30 -16.79 14.15
CA GLN L 137 -41.76 -18.07 13.62
C GLN L 137 -43.32 -18.27 13.67
N LEU L 138 -43.97 -17.91 14.77
CA LEU L 138 -45.44 -18.01 14.81
C LEU L 138 -46.12 -17.14 13.78
N GLN L 139 -45.55 -15.95 13.54
CA GLN L 139 -46.08 -15.09 12.49
C GLN L 139 -45.84 -15.71 11.13
N LEU L 140 -44.65 -16.28 10.94
CA LEU L 140 -44.31 -16.89 9.64
C LEU L 140 -45.24 -18.05 9.30
N MET L 141 -45.50 -18.92 10.27
CA MET L 141 -46.46 -19.98 10.05
C MET L 141 -47.79 -19.41 9.58
N ASP L 142 -48.24 -18.28 10.15
CA ASP L 142 -49.51 -17.69 9.71
C ASP L 142 -49.42 -17.17 8.28
N LYS L 143 -48.30 -16.56 7.92
CA LYS L 143 -48.09 -16.05 6.53
C LYS L 143 -47.86 -17.17 5.50
N LEU L 144 -47.09 -18.20 5.83
CA LEU L 144 -46.80 -19.25 4.86
C LEU L 144 -47.86 -20.36 4.91
N GLY L 145 -48.46 -20.58 6.09
CA GLY L 145 -49.29 -21.76 6.34
C GLY L 145 -48.43 -22.84 6.97
N ASP L 146 -49.04 -23.70 7.80
CA ASP L 146 -48.30 -24.71 8.56
C ASP L 146 -47.49 -25.67 7.71
N ALA L 147 -48.11 -26.25 6.68
CA ALA L 147 -47.39 -27.18 5.79
C ALA L 147 -46.14 -26.52 5.13
N LEU L 148 -46.34 -25.39 4.48
CA LEU L 148 -45.25 -24.68 3.81
C LEU L 148 -44.09 -24.23 4.77
N TYR L 149 -44.44 -23.78 5.96
CA TYR L 149 -43.48 -23.43 6.95
C TYR L 149 -42.71 -24.67 7.32
N ALA L 150 -43.43 -25.73 7.62
CA ALA L 150 -42.83 -26.97 8.02
C ALA L 150 -41.81 -27.44 6.99
N ALA L 151 -42.14 -27.35 5.70
CA ALA L 151 -41.20 -27.74 4.63
C ALA L 151 -39.87 -26.95 4.62
N GLN L 152 -39.83 -25.82 5.31
CA GLN L 152 -38.55 -25.11 5.45
C GLN L 152 -37.72 -25.63 6.64
N CYS L 153 -38.23 -26.62 7.35
CA CYS L 153 -37.56 -27.13 8.54
C CYS L 153 -37.02 -28.53 8.31
N VAL L 154 -37.19 -29.07 7.09
CA VAL L 154 -36.62 -30.36 6.72
C VAL L 154 -35.44 -30.12 5.78
N SER L 155 -34.55 -31.08 5.66
CA SER L 155 -33.46 -30.96 4.71
C SER L 155 -33.89 -31.50 3.36
N ARG L 156 -32.99 -31.43 2.38
CA ARG L 156 -33.22 -31.95 1.04
C ARG L 156 -32.20 -33.03 0.80
N PRO L 157 -32.62 -34.27 0.75
CA PRO L 157 -33.95 -34.86 0.90
C PRO L 157 -34.33 -34.77 2.37
N PRO L 158 -35.62 -34.86 2.71
CA PRO L 158 -35.89 -34.86 4.17
C PRO L 158 -35.19 -36.01 4.93
N GLY L 159 -34.62 -35.71 6.10
CA GLY L 159 -33.84 -36.65 6.92
C GLY L 159 -34.62 -37.16 8.14
N SER L 160 -33.91 -37.43 9.25
CA SER L 160 -34.54 -38.04 10.46
C SER L 160 -33.61 -38.01 11.69
N ALA L 161 -34.12 -38.41 12.86
CA ALA L 161 -33.32 -38.63 14.09
C ALA L 161 -32.13 -39.54 13.82
#